data_3VDU
# 
_entry.id   3VDU 
# 
_audit_conform.dict_name       mmcif_pdbx.dic 
_audit_conform.dict_version    5.381 
_audit_conform.dict_location   http://mmcif.pdb.org/dictionaries/ascii/mmcif_pdbx.dic 
# 
loop_
_database_2.database_id 
_database_2.database_code 
_database_2.pdbx_database_accession 
_database_2.pdbx_DOI 
PDB   3VDU         pdb_00003vdu 10.2210/pdb3vdu/pdb 
RCSB  RCSB069920   ?            ?                   
WWPDB D_1000069920 ?            ?                   
# 
loop_
_pdbx_database_related.db_name 
_pdbx_database_related.db_id 
_pdbx_database_related.details 
_pdbx_database_related.content_type 
PDB 3VDP 'The same protein, apo-form'                                 unspecified 
PDB 3VDS 'The single point mutant tteRecR C55G of same protein'       unspecified 
PDB 3VDT 'The double points mutant tteRecR C58G/C70G of same protein' unspecified 
PDB 3VE5 'The delete mutant of RecR protein'                          unspecified 
# 
_pdbx_database_status.status_code                     REL 
_pdbx_database_status.entry_id                        3VDU 
_pdbx_database_status.recvd_initial_deposition_date   2012-01-06 
_pdbx_database_status.deposit_site                    RCSB 
_pdbx_database_status.process_site                    PDBJ 
_pdbx_database_status.status_code_sf                  REL 
_pdbx_database_status.status_code_mr                  ? 
_pdbx_database_status.SG_entry                        ? 
_pdbx_database_status.status_code_cs                  ? 
_pdbx_database_status.methods_development_category    ? 
_pdbx_database_status.pdb_format_compatible           Y 
_pdbx_database_status.status_code_nmr_data            ? 
# 
loop_
_audit_author.name 
_audit_author.pdbx_ordinal 
'Tang, Q.'    1 
'Yan, X.X.'   2 
'Liang, D.C.' 3 
# 
_citation.id                        primary 
_citation.title                     'RecOR complex including RecR N-N dimer and RecO monomer displays a high affinity for ssDNA' 
_citation.journal_abbrev            'Nucleic Acids Res.' 
_citation.journal_volume            40 
_citation.page_first                11115 
_citation.page_last                 11125 
_citation.year                      2012 
_citation.journal_id_ASTM           NARHAD 
_citation.country                   UK 
_citation.journal_id_ISSN           0305-1048 
_citation.journal_id_CSD            0389 
_citation.book_publisher            ? 
_citation.pdbx_database_id_PubMed   23019218 
_citation.pdbx_database_id_DOI      10.1093/nar/gks889 
# 
loop_
_citation_author.citation_id 
_citation_author.name 
_citation_author.ordinal 
_citation_author.identifier_ORCID 
primary 'Tang, Q.'    1 ? 
primary 'Gao, P.'     2 ? 
primary 'Liu, Y.P.'   3 ? 
primary 'Gao, A.'     4 ? 
primary 'An, X.M.'    5 ? 
primary 'Liu, S.'     6 ? 
primary 'Yan, X.X.'   7 ? 
primary 'Liang, D.C.' 8 ? 
# 
_cell.entry_id           3VDU 
_cell.length_a           66.848 
_cell.length_b           123.729 
_cell.length_c           135.203 
_cell.angle_alpha        90.00 
_cell.angle_beta         90.00 
_cell.angle_gamma        90.00 
_cell.Z_PDB              16 
_cell.pdbx_unique_axis   ? 
_cell.length_a_esd       ? 
_cell.length_b_esd       ? 
_cell.length_c_esd       ? 
_cell.angle_alpha_esd    ? 
_cell.angle_beta_esd     ? 
_cell.angle_gamma_esd    ? 
# 
_symmetry.entry_id                         3VDU 
_symmetry.space_group_name_H-M             'F 2 2 2' 
_symmetry.pdbx_full_space_group_name_H-M   ? 
_symmetry.cell_setting                     ? 
_symmetry.Int_Tables_number                22 
_symmetry.space_group_name_Hall            ? 
# 
loop_
_entity.id 
_entity.type 
_entity.src_method 
_entity.pdbx_description 
_entity.formula_weight 
_entity.pdbx_number_of_molecules 
_entity.pdbx_ec 
_entity.pdbx_mutation 
_entity.pdbx_fragment 
_entity.details 
1 polymer     man 'Recombination protein recR' 23563.145 1  ? K21G ? ? 
2 non-polymer syn 'ZINC ION'                   65.409    1  ? ?    ? ? 
3 water       nat water                        18.015    30 ? ?    ? ? 
# 
_entity_name_com.entity_id   1 
_entity_name_com.name        'RecR Recombinational DNA repair protein' 
# 
_entity_poly.entity_id                      1 
_entity_poly.type                           'polypeptide(L)' 
_entity_poly.nstd_linkage                   no 
_entity_poly.nstd_monomer                   no 
_entity_poly.pdbx_seq_one_letter_code       
;GSSHHHHHHSQDPMSYYSTSVAKLIEELSKLPGIGPGTAQRLAFFIINMPLDEVRSLSQAIIEAKEKLRYCKICFNITDK
EVCDICSDENRDHSTICVVSHPMDVVAMEKVKEYKGVYHVLHGVISPIEGVGPEDIRIKELLERVRDGSVKEVILATNPD
IEGEATAMYIAKLLKPFGVKVTRIAHGIPVGGDLEYTDVVTLSKALEGRREV
;
_entity_poly.pdbx_seq_one_letter_code_can   
;GSSHHHHHHSQDPMSYYSTSVAKLIEELSKLPGIGPGTAQRLAFFIINMPLDEVRSLSQAIIEAKEKLRYCKICFNITDK
EVCDICSDENRDHSTICVVSHPMDVVAMEKVKEYKGVYHVLHGVISPIEGVGPEDIRIKELLERVRDGSVKEVILATNPD
IEGEATAMYIAKLLKPFGVKVTRIAHGIPVGGDLEYTDVVTLSKALEGRREV
;
_entity_poly.pdbx_strand_id                 A 
_entity_poly.pdbx_target_identifier         ? 
# 
loop_
_entity_poly_seq.entity_id 
_entity_poly_seq.num 
_entity_poly_seq.mon_id 
_entity_poly_seq.hetero 
1 1   GLY n 
1 2   SER n 
1 3   SER n 
1 4   HIS n 
1 5   HIS n 
1 6   HIS n 
1 7   HIS n 
1 8   HIS n 
1 9   HIS n 
1 10  SER n 
1 11  GLN n 
1 12  ASP n 
1 13  PRO n 
1 14  MET n 
1 15  SER n 
1 16  TYR n 
1 17  TYR n 
1 18  SER n 
1 19  THR n 
1 20  SER n 
1 21  VAL n 
1 22  ALA n 
1 23  LYS n 
1 24  LEU n 
1 25  ILE n 
1 26  GLU n 
1 27  GLU n 
1 28  LEU n 
1 29  SER n 
1 30  LYS n 
1 31  LEU n 
1 32  PRO n 
1 33  GLY n 
1 34  ILE n 
1 35  GLY n 
1 36  PRO n 
1 37  GLY n 
1 38  THR n 
1 39  ALA n 
1 40  GLN n 
1 41  ARG n 
1 42  LEU n 
1 43  ALA n 
1 44  PHE n 
1 45  PHE n 
1 46  ILE n 
1 47  ILE n 
1 48  ASN n 
1 49  MET n 
1 50  PRO n 
1 51  LEU n 
1 52  ASP n 
1 53  GLU n 
1 54  VAL n 
1 55  ARG n 
1 56  SER n 
1 57  LEU n 
1 58  SER n 
1 59  GLN n 
1 60  ALA n 
1 61  ILE n 
1 62  ILE n 
1 63  GLU n 
1 64  ALA n 
1 65  LYS n 
1 66  GLU n 
1 67  LYS n 
1 68  LEU n 
1 69  ARG n 
1 70  TYR n 
1 71  CYS n 
1 72  LYS n 
1 73  ILE n 
1 74  CYS n 
1 75  PHE n 
1 76  ASN n 
1 77  ILE n 
1 78  THR n 
1 79  ASP n 
1 80  LYS n 
1 81  GLU n 
1 82  VAL n 
1 83  CYS n 
1 84  ASP n 
1 85  ILE n 
1 86  CYS n 
1 87  SER n 
1 88  ASP n 
1 89  GLU n 
1 90  ASN n 
1 91  ARG n 
1 92  ASP n 
1 93  HIS n 
1 94  SER n 
1 95  THR n 
1 96  ILE n 
1 97  CYS n 
1 98  VAL n 
1 99  VAL n 
1 100 SER n 
1 101 HIS n 
1 102 PRO n 
1 103 MET n 
1 104 ASP n 
1 105 VAL n 
1 106 VAL n 
1 107 ALA n 
1 108 MET n 
1 109 GLU n 
1 110 LYS n 
1 111 VAL n 
1 112 LYS n 
1 113 GLU n 
1 114 TYR n 
1 115 LYS n 
1 116 GLY n 
1 117 VAL n 
1 118 TYR n 
1 119 HIS n 
1 120 VAL n 
1 121 LEU n 
1 122 HIS n 
1 123 GLY n 
1 124 VAL n 
1 125 ILE n 
1 126 SER n 
1 127 PRO n 
1 128 ILE n 
1 129 GLU n 
1 130 GLY n 
1 131 VAL n 
1 132 GLY n 
1 133 PRO n 
1 134 GLU n 
1 135 ASP n 
1 136 ILE n 
1 137 ARG n 
1 138 ILE n 
1 139 LYS n 
1 140 GLU n 
1 141 LEU n 
1 142 LEU n 
1 143 GLU n 
1 144 ARG n 
1 145 VAL n 
1 146 ARG n 
1 147 ASP n 
1 148 GLY n 
1 149 SER n 
1 150 VAL n 
1 151 LYS n 
1 152 GLU n 
1 153 VAL n 
1 154 ILE n 
1 155 LEU n 
1 156 ALA n 
1 157 THR n 
1 158 ASN n 
1 159 PRO n 
1 160 ASP n 
1 161 ILE n 
1 162 GLU n 
1 163 GLY n 
1 164 GLU n 
1 165 ALA n 
1 166 THR n 
1 167 ALA n 
1 168 MET n 
1 169 TYR n 
1 170 ILE n 
1 171 ALA n 
1 172 LYS n 
1 173 LEU n 
1 174 LEU n 
1 175 LYS n 
1 176 PRO n 
1 177 PHE n 
1 178 GLY n 
1 179 VAL n 
1 180 LYS n 
1 181 VAL n 
1 182 THR n 
1 183 ARG n 
1 184 ILE n 
1 185 ALA n 
1 186 HIS n 
1 187 GLY n 
1 188 ILE n 
1 189 PRO n 
1 190 VAL n 
1 191 GLY n 
1 192 GLY n 
1 193 ASP n 
1 194 LEU n 
1 195 GLU n 
1 196 TYR n 
1 197 THR n 
1 198 ASP n 
1 199 VAL n 
1 200 VAL n 
1 201 THR n 
1 202 LEU n 
1 203 SER n 
1 204 LYS n 
1 205 ALA n 
1 206 LEU n 
1 207 GLU n 
1 208 GLY n 
1 209 ARG n 
1 210 ARG n 
1 211 GLU n 
1 212 VAL n 
# 
_entity_src_gen.entity_id                          1 
_entity_src_gen.pdbx_src_id                        1 
_entity_src_gen.pdbx_alt_source_flag               sample 
_entity_src_gen.pdbx_seq_type                      ? 
_entity_src_gen.pdbx_beg_seq_num                   ? 
_entity_src_gen.pdbx_end_seq_num                   ? 
_entity_src_gen.gene_src_common_name               ? 
_entity_src_gen.gene_src_genus                     ? 
_entity_src_gen.pdbx_gene_src_gene                 recR 
_entity_src_gen.gene_src_species                   ? 
_entity_src_gen.gene_src_strain                    MB4 
_entity_src_gen.gene_src_tissue                    ? 
_entity_src_gen.gene_src_tissue_fraction           ? 
_entity_src_gen.gene_src_details                   ? 
_entity_src_gen.pdbx_gene_src_fragment             ? 
_entity_src_gen.pdbx_gene_src_scientific_name      'Thermoanaerobacter tengcongensis' 
_entity_src_gen.pdbx_gene_src_ncbi_taxonomy_id     273068 
_entity_src_gen.pdbx_gene_src_variant              ? 
_entity_src_gen.pdbx_gene_src_cell_line            ? 
_entity_src_gen.pdbx_gene_src_atcc                 ? 
_entity_src_gen.pdbx_gene_src_organ                ? 
_entity_src_gen.pdbx_gene_src_organelle            ? 
_entity_src_gen.pdbx_gene_src_cell                 ? 
_entity_src_gen.pdbx_gene_src_cellular_location    ? 
_entity_src_gen.host_org_common_name               ? 
_entity_src_gen.pdbx_host_org_scientific_name      'Escherichia coli' 
_entity_src_gen.pdbx_host_org_ncbi_taxonomy_id     562 
_entity_src_gen.host_org_genus                     ? 
_entity_src_gen.pdbx_host_org_gene                 ? 
_entity_src_gen.pdbx_host_org_organ                ? 
_entity_src_gen.host_org_species                   ? 
_entity_src_gen.pdbx_host_org_tissue               ? 
_entity_src_gen.pdbx_host_org_tissue_fraction      ? 
_entity_src_gen.pdbx_host_org_strain               ? 
_entity_src_gen.pdbx_host_org_variant              ? 
_entity_src_gen.pdbx_host_org_cell_line            ? 
_entity_src_gen.pdbx_host_org_atcc                 ? 
_entity_src_gen.pdbx_host_org_culture_collection   ? 
_entity_src_gen.pdbx_host_org_cell                 ? 
_entity_src_gen.pdbx_host_org_organelle            ? 
_entity_src_gen.pdbx_host_org_cellular_location    ? 
_entity_src_gen.pdbx_host_org_vector_type          ? 
_entity_src_gen.pdbx_host_org_vector               ? 
_entity_src_gen.host_org_details                   ? 
_entity_src_gen.expression_system_id               ? 
_entity_src_gen.plasmid_name                       ? 
_entity_src_gen.plasmid_details                    ? 
_entity_src_gen.pdbx_description                   ? 
# 
_struct_ref.id                         1 
_struct_ref.db_name                    UNP 
_struct_ref.db_code                    RECR_THETN 
_struct_ref.pdbx_db_accession          Q8RDI4 
_struct_ref.entity_id                  1 
_struct_ref.pdbx_seq_one_letter_code   
;MSYYSTSVAKLIEELSKLPGIGPKTAQRLAFFIINMPLDEVRSLSQAIIEAKEKLRYCKICFNITDKEVCDICSDENRDH
STICVVSHPMDVVAMEKVKEYKGVYHVLHGVISPIEGVGPEDIRIKELLERVRDGSVKEVILATNPDIEGEATAMYIAKL
LKPFGVKVTRIAHGIPVGGDLEYTDVVTLSKALEGRREV
;
_struct_ref.pdbx_align_begin           1 
_struct_ref.pdbx_db_isoform            ? 
# 
_struct_ref_seq.align_id                      1 
_struct_ref_seq.ref_id                        1 
_struct_ref_seq.pdbx_PDB_id_code              3VDU 
_struct_ref_seq.pdbx_strand_id                A 
_struct_ref_seq.seq_align_beg                 14 
_struct_ref_seq.pdbx_seq_align_beg_ins_code   ? 
_struct_ref_seq.seq_align_end                 212 
_struct_ref_seq.pdbx_seq_align_end_ins_code   ? 
_struct_ref_seq.pdbx_db_accession             Q8RDI4 
_struct_ref_seq.db_align_beg                  1 
_struct_ref_seq.pdbx_db_align_beg_ins_code    ? 
_struct_ref_seq.db_align_end                  199 
_struct_ref_seq.pdbx_db_align_end_ins_code    ? 
_struct_ref_seq.pdbx_auth_seq_align_beg       -2 
_struct_ref_seq.pdbx_auth_seq_align_end       196 
# 
loop_
_struct_ref_seq_dif.align_id 
_struct_ref_seq_dif.pdbx_pdb_id_code 
_struct_ref_seq_dif.mon_id 
_struct_ref_seq_dif.pdbx_pdb_strand_id 
_struct_ref_seq_dif.seq_num 
_struct_ref_seq_dif.pdbx_pdb_ins_code 
_struct_ref_seq_dif.pdbx_seq_db_name 
_struct_ref_seq_dif.pdbx_seq_db_accession_code 
_struct_ref_seq_dif.db_mon_id 
_struct_ref_seq_dif.pdbx_seq_db_seq_num 
_struct_ref_seq_dif.details 
_struct_ref_seq_dif.pdbx_auth_seq_num 
_struct_ref_seq_dif.pdbx_ordinal 
1 3VDU GLY A 1  ? UNP Q8RDI4 ?   ?  'expression tag'      -15 1  
1 3VDU SER A 2  ? UNP Q8RDI4 ?   ?  'expression tag'      -14 2  
1 3VDU SER A 3  ? UNP Q8RDI4 ?   ?  'expression tag'      -13 3  
1 3VDU HIS A 4  ? UNP Q8RDI4 ?   ?  'expression tag'      -12 4  
1 3VDU HIS A 5  ? UNP Q8RDI4 ?   ?  'expression tag'      -11 5  
1 3VDU HIS A 6  ? UNP Q8RDI4 ?   ?  'expression tag'      -10 6  
1 3VDU HIS A 7  ? UNP Q8RDI4 ?   ?  'expression tag'      -9  7  
1 3VDU HIS A 8  ? UNP Q8RDI4 ?   ?  'expression tag'      -8  8  
1 3VDU HIS A 9  ? UNP Q8RDI4 ?   ?  'expression tag'      -7  9  
1 3VDU SER A 10 ? UNP Q8RDI4 ?   ?  'expression tag'      -6  10 
1 3VDU GLN A 11 ? UNP Q8RDI4 ?   ?  'expression tag'      -5  11 
1 3VDU ASP A 12 ? UNP Q8RDI4 ?   ?  'expression tag'      -4  12 
1 3VDU PRO A 13 ? UNP Q8RDI4 ?   ?  'expression tag'      -3  13 
1 3VDU GLY A 37 ? UNP Q8RDI4 LYS 24 'engineered mutation' 21  14 
# 
loop_
_chem_comp.id 
_chem_comp.type 
_chem_comp.mon_nstd_flag 
_chem_comp.name 
_chem_comp.pdbx_synonyms 
_chem_comp.formula 
_chem_comp.formula_weight 
ALA 'L-peptide linking' y ALANINE         ? 'C3 H7 N O2'     89.093  
ARG 'L-peptide linking' y ARGININE        ? 'C6 H15 N4 O2 1' 175.209 
ASN 'L-peptide linking' y ASPARAGINE      ? 'C4 H8 N2 O3'    132.118 
ASP 'L-peptide linking' y 'ASPARTIC ACID' ? 'C4 H7 N O4'     133.103 
CYS 'L-peptide linking' y CYSTEINE        ? 'C3 H7 N O2 S'   121.158 
GLN 'L-peptide linking' y GLUTAMINE       ? 'C5 H10 N2 O3'   146.144 
GLU 'L-peptide linking' y 'GLUTAMIC ACID' ? 'C5 H9 N O4'     147.129 
GLY 'peptide linking'   y GLYCINE         ? 'C2 H5 N O2'     75.067  
HIS 'L-peptide linking' y HISTIDINE       ? 'C6 H10 N3 O2 1' 156.162 
HOH non-polymer         . WATER           ? 'H2 O'           18.015  
ILE 'L-peptide linking' y ISOLEUCINE      ? 'C6 H13 N O2'    131.173 
LEU 'L-peptide linking' y LEUCINE         ? 'C6 H13 N O2'    131.173 
LYS 'L-peptide linking' y LYSINE          ? 'C6 H15 N2 O2 1' 147.195 
MET 'L-peptide linking' y METHIONINE      ? 'C5 H11 N O2 S'  149.211 
PHE 'L-peptide linking' y PHENYLALANINE   ? 'C9 H11 N O2'    165.189 
PRO 'L-peptide linking' y PROLINE         ? 'C5 H9 N O2'     115.130 
SER 'L-peptide linking' y SERINE          ? 'C3 H7 N O3'     105.093 
THR 'L-peptide linking' y THREONINE       ? 'C4 H9 N O3'     119.119 
TYR 'L-peptide linking' y TYROSINE        ? 'C9 H11 N O3'    181.189 
VAL 'L-peptide linking' y VALINE          ? 'C5 H11 N O2'    117.146 
ZN  non-polymer         . 'ZINC ION'      ? 'Zn 2'           65.409  
# 
_exptl.entry_id          3VDU 
_exptl.method            'X-RAY DIFFRACTION' 
_exptl.crystals_number   1 
# 
_exptl_crystal.id                    1 
_exptl_crystal.density_meas          ? 
_exptl_crystal.density_Matthews      2.97 
_exptl_crystal.density_percent_sol   58.53 
_exptl_crystal.description           ? 
_exptl_crystal.F_000                 ? 
_exptl_crystal.preparation           ? 
# 
_exptl_crystal_grow.crystal_id      1 
_exptl_crystal_grow.method          'VAPOR DIFFUSION, HANGING DROP' 
_exptl_crystal_grow.temp            293 
_exptl_crystal_grow.temp_details    ? 
_exptl_crystal_grow.pH              7.5 
_exptl_crystal_grow.pdbx_details    
;8%(w/v) PEG4000, 200mM Ammonium Sulfate, 10%(v/v) 2-Propanol, 100mM HEPES Sodium Salt, pH 7.5, VAPOR DIFFUSION, HANGING DROP, temperature 293K
;
_exptl_crystal_grow.pdbx_pH_range   . 
# 
_diffrn.id                     1 
_diffrn.ambient_temp           ? 
_diffrn.ambient_temp_details   ? 
_diffrn.crystal_id             1 
# 
_diffrn_detector.diffrn_id              1 
_diffrn_detector.detector               CCD 
_diffrn_detector.type                   ? 
_diffrn_detector.pdbx_collection_date   ? 
_diffrn_detector.details                ? 
# 
_diffrn_radiation.diffrn_id                        1 
_diffrn_radiation.wavelength_id                    1 
_diffrn_radiation.pdbx_monochromatic_or_laue_m_l   M 
_diffrn_radiation.monochromator                    ? 
_diffrn_radiation.pdbx_diffrn_protocol             'SINGLE WAVELENGTH' 
_diffrn_radiation.pdbx_scattering_type             x-ray 
# 
_diffrn_radiation_wavelength.id           1 
_diffrn_radiation_wavelength.wavelength   0.9875 
_diffrn_radiation_wavelength.wt           1.0 
# 
_diffrn_source.diffrn_id                   1 
_diffrn_source.source                      SYNCHROTRON 
_diffrn_source.type                        'SSRF BEAMLINE BL17U' 
_diffrn_source.pdbx_synchrotron_site       SSRF 
_diffrn_source.pdbx_synchrotron_beamline   BL17U 
_diffrn_source.pdbx_wavelength             ? 
_diffrn_source.pdbx_wavelength_list        0.9875 
# 
_reflns.entry_id                     3VDU 
_reflns.observed_criterion_sigma_I   ? 
_reflns.observed_criterion_sigma_F   ? 
_reflns.d_resolution_low             20 
_reflns.d_resolution_high            2.7 
_reflns.number_obs                   6949 
_reflns.number_all                   ? 
_reflns.percent_possible_obs         ? 
_reflns.pdbx_Rmerge_I_obs            ? 
_reflns.pdbx_Rsym_value              ? 
_reflns.pdbx_netI_over_sigmaI        ? 
_reflns.B_iso_Wilson_estimate        68.930 
_reflns.pdbx_redundancy              ? 
_reflns.R_free_details               ? 
_reflns.limit_h_max                  ? 
_reflns.limit_h_min                  ? 
_reflns.limit_k_max                  ? 
_reflns.limit_k_min                  ? 
_reflns.limit_l_max                  ? 
_reflns.limit_l_min                  ? 
_reflns.observed_criterion_F_max     ? 
_reflns.observed_criterion_F_min     ? 
_reflns.pdbx_chi_squared             ? 
_reflns.pdbx_scaling_rejects         ? 
_reflns.pdbx_ordinal                 1 
_reflns.pdbx_diffrn_id               1 
# 
_refine.entry_id                                 3VDU 
_refine.pdbx_refine_id                           'X-RAY DIFFRACTION' 
_refine.ls_d_res_high                            2.8000 
_refine.ls_d_res_low                             19.7240 
_refine.pdbx_ls_sigma_F                          0.000 
_refine.pdbx_data_cutoff_high_absF               ? 
_refine.pdbx_data_cutoff_low_absF                ? 
_refine.ls_percent_reflns_obs                    92.6700 
_refine.ls_number_reflns_obs                     6557 
_refine.ls_number_reflns_all                     ? 
_refine.pdbx_ls_cross_valid_method               ? 
_refine.ls_matrix_type                           ? 
_refine.pdbx_R_Free_selection_details            RANDOM 
_refine.details                                  ? 
_refine.ls_R_factor_all                          ? 
_refine.ls_R_factor_obs                          0.2248 
_refine.ls_R_factor_R_work                       0.2230 
_refine.ls_wR_factor_R_work                      ? 
_refine.ls_R_factor_R_free                       0.2598 
_refine.ls_wR_factor_R_free                      ? 
_refine.ls_percent_reflns_R_free                 4.7700 
_refine.ls_number_reflns_R_free                  313 
_refine.ls_number_reflns_R_work                  6244 
_refine.ls_R_factor_R_free_error                 ? 
_refine.B_iso_mean                               86.2895 
_refine.solvent_model_param_bsol                 80.0000 
_refine.solvent_model_param_ksol                 0.3130 
_refine.pdbx_isotropic_thermal_model             ? 
_refine.aniso_B[1][1]                            53.8245 
_refine.aniso_B[2][2]                            -26.1432 
_refine.aniso_B[3][3]                            -18.3896 
_refine.aniso_B[1][2]                            -0.0000 
_refine.aniso_B[1][3]                            -0.0000 
_refine.aniso_B[2][3]                            0.0000 
_refine.correlation_coeff_Fo_to_Fc               ? 
_refine.correlation_coeff_Fo_to_Fc_free          ? 
_refine.overall_SU_R_Cruickshank_DPI             ? 
_refine.pdbx_overall_SU_R_free_Cruickshank_DPI   ? 
_refine.pdbx_overall_SU_R_Blow_DPI               ? 
_refine.pdbx_overall_SU_R_free_Blow_DPI          ? 
_refine.overall_SU_R_free                        ? 
_refine.pdbx_overall_ESU_R                       ? 
_refine.pdbx_overall_ESU_R_Free                  ? 
_refine.overall_SU_ML                            0.3000 
_refine.overall_SU_B                             ? 
_refine.solvent_model_details                    'FLAT BULK SOLVENT MODEL' 
_refine.pdbx_solvent_vdw_probe_radii             1.0000 
_refine.pdbx_solvent_ion_probe_radii             ? 
_refine.pdbx_solvent_shrinkage_radii             0.7200 
_refine.ls_number_parameters                     ? 
_refine.ls_number_restraints                     ? 
_refine.pdbx_starting_model                      3VDP 
_refine.pdbx_method_to_determine_struct          'MOLECULAR REPLACEMENT' 
_refine.pdbx_stereochemistry_target_values       ML 
_refine.pdbx_stereochem_target_val_spec_case     ? 
_refine.overall_FOM_work_R_set                   0.7004 
_refine.B_iso_max                                186.920 
_refine.B_iso_min                                46.720 
_refine.pdbx_overall_phase_error                 34.3100 
_refine.occupancy_max                            1.000 
_refine.occupancy_min                            1.000 
_refine.pdbx_diffrn_id                           1 
_refine.pdbx_ls_sigma_I                          ? 
_refine.ls_redundancy_reflns_obs                 ? 
_refine.ls_R_factor_R_free_error_details         ? 
_refine.pdbx_data_cutoff_high_rms_absF           ? 
_refine.overall_FOM_free_R_set                   ? 
_refine.pdbx_TLS_residual_ADP_flag               ? 
# 
_refine_hist.pdbx_refine_id                   'X-RAY DIFFRACTION' 
_refine_hist.cycle_id                         LAST 
_refine_hist.pdbx_number_atoms_protein        1488 
_refine_hist.pdbx_number_atoms_nucleic_acid   0 
_refine_hist.pdbx_number_atoms_ligand         1 
_refine_hist.number_atoms_solvent             30 
_refine_hist.number_atoms_total               1519 
_refine_hist.d_res_high                       2.8000 
_refine_hist.d_res_low                        19.7240 
# 
loop_
_refine_ls_restr.pdbx_refine_id 
_refine_ls_restr.type 
_refine_ls_restr.number 
_refine_ls_restr.dev_ideal 
_refine_ls_restr.dev_ideal_target 
_refine_ls_restr.weight 
_refine_ls_restr.pdbx_restraint_function 
'X-RAY DIFFRACTION' f_bond_d           1510 0.012  ? ? ? 
'X-RAY DIFFRACTION' f_angle_d          2044 1.543  ? ? ? 
'X-RAY DIFFRACTION' f_chiral_restr     243  0.092  ? ? ? 
'X-RAY DIFFRACTION' f_plane_restr      262  0.005  ? ? ? 
'X-RAY DIFFRACTION' f_dihedral_angle_d 559  18.376 ? ? ? 
# 
loop_
_refine_ls_shell.d_res_high 
_refine_ls_shell.d_res_low 
_refine_ls_shell.pdbx_total_number_of_bins_used 
_refine_ls_shell.percent_reflns_obs 
_refine_ls_shell.number_reflns_R_work 
_refine_ls_shell.R_factor_all 
_refine_ls_shell.R_factor_R_work 
_refine_ls_shell.R_factor_R_free 
_refine_ls_shell.percent_reflns_R_free 
_refine_ls_shell.number_reflns_R_free 
_refine_ls_shell.R_factor_R_free_error 
_refine_ls_shell.number_reflns_all 
_refine_ls_shell.number_reflns_obs 
_refine_ls_shell.pdbx_refine_id 
_refine_ls_shell.redundancy_reflns_obs 
2.8000 3.5244  2 89.0000 2979 . 0.3005 0.3541 . 136 . 3115 . 'X-RAY DIFFRACTION' . 
3.5244 19.7247 2 96.0000 3265 . 0.2002 0.2346 . 177 . 3442 . 'X-RAY DIFFRACTION' . 
# 
_struct.entry_id                  3VDU 
_struct.title                     'Structure of recombination mediator protein RecRK21G mutant' 
_struct.pdbx_model_details        ? 
_struct.pdbx_CASP_flag            ? 
_struct.pdbx_model_type_details   ? 
# 
_struct_keywords.entry_id        3VDU 
_struct_keywords.pdbx_keywords   RECOMBINATION 
_struct_keywords.text            'Zinc Finger, DNA repair, DNA binding, RECOMBINATION' 
# 
loop_
_struct_asym.id 
_struct_asym.pdbx_blank_PDB_chainid_flag 
_struct_asym.pdbx_modified 
_struct_asym.entity_id 
_struct_asym.details 
A N N 1 ? 
B N N 2 ? 
C N N 3 ? 
# 
_struct_biol.id        1 
_struct_biol.details   ? 
# 
loop_
_struct_conf.conf_type_id 
_struct_conf.id 
_struct_conf.pdbx_PDB_helix_id 
_struct_conf.beg_label_comp_id 
_struct_conf.beg_label_asym_id 
_struct_conf.beg_label_seq_id 
_struct_conf.pdbx_beg_PDB_ins_code 
_struct_conf.end_label_comp_id 
_struct_conf.end_label_asym_id 
_struct_conf.end_label_seq_id 
_struct_conf.pdbx_end_PDB_ins_code 
_struct_conf.beg_auth_comp_id 
_struct_conf.beg_auth_asym_id 
_struct_conf.beg_auth_seq_id 
_struct_conf.end_auth_comp_id 
_struct_conf.end_auth_asym_id 
_struct_conf.end_auth_seq_id 
_struct_conf.pdbx_PDB_helix_class 
_struct_conf.details 
_struct_conf.pdbx_PDB_helix_length 
HELX_P HELX_P1 1 SER A 18  ? LYS A 30  ? SER A 2   LYS A 14  1 ? 13 
HELX_P HELX_P2 2 GLY A 35  ? MET A 49  ? GLY A 19  MET A 33  1 ? 15 
HELX_P HELX_P3 3 PRO A 50  ? LEU A 68  ? PRO A 34  LEU A 52  1 ? 19 
HELX_P HELX_P4 4 PRO A 102 ? LYS A 110 ? PRO A 86  LYS A 94  1 ? 9  
HELX_P HELX_P5 5 ILE A 138 ? ASP A 147 ? ILE A 122 ASP A 131 1 ? 10 
HELX_P HELX_P6 6 ALA A 165 ? LYS A 175 ? ALA A 149 LYS A 159 1 ? 11 
HELX_P HELX_P7 7 ASP A 198 ? GLY A 208 ? ASP A 182 GLY A 192 1 ? 11 
# 
_struct_conf_type.id          HELX_P 
_struct_conf_type.criteria    ? 
_struct_conf_type.reference   ? 
# 
loop_
_struct_conn.id 
_struct_conn.conn_type_id 
_struct_conn.pdbx_leaving_atom_flag 
_struct_conn.pdbx_PDB_id 
_struct_conn.ptnr1_label_asym_id 
_struct_conn.ptnr1_label_comp_id 
_struct_conn.ptnr1_label_seq_id 
_struct_conn.ptnr1_label_atom_id 
_struct_conn.pdbx_ptnr1_label_alt_id 
_struct_conn.pdbx_ptnr1_PDB_ins_code 
_struct_conn.pdbx_ptnr1_standard_comp_id 
_struct_conn.ptnr1_symmetry 
_struct_conn.ptnr2_label_asym_id 
_struct_conn.ptnr2_label_comp_id 
_struct_conn.ptnr2_label_seq_id 
_struct_conn.ptnr2_label_atom_id 
_struct_conn.pdbx_ptnr2_label_alt_id 
_struct_conn.pdbx_ptnr2_PDB_ins_code 
_struct_conn.ptnr1_auth_asym_id 
_struct_conn.ptnr1_auth_comp_id 
_struct_conn.ptnr1_auth_seq_id 
_struct_conn.ptnr2_auth_asym_id 
_struct_conn.ptnr2_auth_comp_id 
_struct_conn.ptnr2_auth_seq_id 
_struct_conn.ptnr2_symmetry 
_struct_conn.pdbx_ptnr3_label_atom_id 
_struct_conn.pdbx_ptnr3_label_seq_id 
_struct_conn.pdbx_ptnr3_label_comp_id 
_struct_conn.pdbx_ptnr3_label_asym_id 
_struct_conn.pdbx_ptnr3_label_alt_id 
_struct_conn.pdbx_ptnr3_PDB_ins_code 
_struct_conn.details 
_struct_conn.pdbx_dist_value 
_struct_conn.pdbx_value_order 
_struct_conn.pdbx_role 
metalc1 metalc ? ? A CYS 71 SG ? ? ? 1_555 B ZN . ZN ? ? A CYS 55 A ZN 201 1_555 ? ? ? ? ? ? ? 2.384 ? ? 
metalc2 metalc ? ? A CYS 74 SG ? ? ? 1_555 B ZN . ZN ? ? A CYS 58 A ZN 201 1_555 ? ? ? ? ? ? ? 2.357 ? ? 
metalc3 metalc ? ? A CYS 83 SG ? ? ? 1_555 B ZN . ZN ? ? A CYS 67 A ZN 201 1_555 ? ? ? ? ? ? ? 2.465 ? ? 
metalc4 metalc ? ? A CYS 86 SG ? ? ? 1_555 B ZN . ZN ? ? A CYS 70 A ZN 201 1_555 ? ? ? ? ? ? ? 2.189 ? ? 
# 
_struct_conn_type.id          metalc 
_struct_conn_type.criteria    ? 
_struct_conn_type.reference   ? 
# 
loop_
_struct_sheet.id 
_struct_sheet.type 
_struct_sheet.number_strands 
_struct_sheet.details 
A ? 2 ? 
B ? 4 ? 
# 
loop_
_struct_sheet_order.sheet_id 
_struct_sheet_order.range_id_1 
_struct_sheet_order.range_id_2 
_struct_sheet_order.offset 
_struct_sheet_order.sense 
A 1 2 ? anti-parallel 
B 1 2 ? parallel      
B 2 3 ? parallel      
B 3 4 ? parallel      
# 
loop_
_struct_sheet_range.sheet_id 
_struct_sheet_range.id 
_struct_sheet_range.beg_label_comp_id 
_struct_sheet_range.beg_label_asym_id 
_struct_sheet_range.beg_label_seq_id 
_struct_sheet_range.pdbx_beg_PDB_ins_code 
_struct_sheet_range.end_label_comp_id 
_struct_sheet_range.end_label_asym_id 
_struct_sheet_range.end_label_seq_id 
_struct_sheet_range.pdbx_end_PDB_ins_code 
_struct_sheet_range.beg_auth_comp_id 
_struct_sheet_range.beg_auth_asym_id 
_struct_sheet_range.beg_auth_seq_id 
_struct_sheet_range.end_auth_comp_id 
_struct_sheet_range.end_auth_asym_id 
_struct_sheet_range.end_auth_seq_id 
A 1 ARG A 69  ? TYR A 70  ? ARG A 53  TYR A 54  
A 2 ILE A 77  ? THR A 78  ? ILE A 61  THR A 62  
B 1 GLY A 116 ? VAL A 120 ? GLY A 100 VAL A 104 
B 2 ASP A 92  ? VAL A 99  ? ASP A 76  VAL A 83  
B 3 GLU A 152 ? LEU A 155 ? GLU A 136 LEU A 139 
B 4 LYS A 180 ? ARG A 183 ? LYS A 164 ARG A 167 
# 
loop_
_pdbx_struct_sheet_hbond.sheet_id 
_pdbx_struct_sheet_hbond.range_id_1 
_pdbx_struct_sheet_hbond.range_id_2 
_pdbx_struct_sheet_hbond.range_1_label_atom_id 
_pdbx_struct_sheet_hbond.range_1_label_comp_id 
_pdbx_struct_sheet_hbond.range_1_label_asym_id 
_pdbx_struct_sheet_hbond.range_1_label_seq_id 
_pdbx_struct_sheet_hbond.range_1_PDB_ins_code 
_pdbx_struct_sheet_hbond.range_1_auth_atom_id 
_pdbx_struct_sheet_hbond.range_1_auth_comp_id 
_pdbx_struct_sheet_hbond.range_1_auth_asym_id 
_pdbx_struct_sheet_hbond.range_1_auth_seq_id 
_pdbx_struct_sheet_hbond.range_2_label_atom_id 
_pdbx_struct_sheet_hbond.range_2_label_comp_id 
_pdbx_struct_sheet_hbond.range_2_label_asym_id 
_pdbx_struct_sheet_hbond.range_2_label_seq_id 
_pdbx_struct_sheet_hbond.range_2_PDB_ins_code 
_pdbx_struct_sheet_hbond.range_2_auth_atom_id 
_pdbx_struct_sheet_hbond.range_2_auth_comp_id 
_pdbx_struct_sheet_hbond.range_2_auth_asym_id 
_pdbx_struct_sheet_hbond.range_2_auth_seq_id 
A 1 2 N ARG A 69  ? N ARG A 53  O THR A 78  ? O THR A 62  
B 1 2 O VAL A 117 ? O VAL A 101 N THR A 95  ? N THR A 79  
B 2 3 N ILE A 96  ? N ILE A 80  O GLU A 152 ? O GLU A 136 
B 3 4 N LEU A 155 ? N LEU A 139 O THR A 182 ? O THR A 166 
# 
_struct_site.id                   AC1 
_struct_site.pdbx_evidence_code   Software 
_struct_site.pdbx_auth_asym_id    A 
_struct_site.pdbx_auth_comp_id    ZN 
_struct_site.pdbx_auth_seq_id     201 
_struct_site.pdbx_auth_ins_code   ? 
_struct_site.pdbx_num_residues    4 
_struct_site.details              'BINDING SITE FOR RESIDUE ZN A 201' 
# 
loop_
_struct_site_gen.id 
_struct_site_gen.site_id 
_struct_site_gen.pdbx_num_res 
_struct_site_gen.label_comp_id 
_struct_site_gen.label_asym_id 
_struct_site_gen.label_seq_id 
_struct_site_gen.pdbx_auth_ins_code 
_struct_site_gen.auth_comp_id 
_struct_site_gen.auth_asym_id 
_struct_site_gen.auth_seq_id 
_struct_site_gen.label_atom_id 
_struct_site_gen.label_alt_id 
_struct_site_gen.symmetry 
_struct_site_gen.details 
1 AC1 4 CYS A 71 ? CYS A 55 . ? 1_555 ? 
2 AC1 4 CYS A 74 ? CYS A 58 . ? 1_555 ? 
3 AC1 4 CYS A 83 ? CYS A 67 . ? 1_555 ? 
4 AC1 4 CYS A 86 ? CYS A 70 . ? 1_555 ? 
# 
_atom_sites.entry_id                    3VDU 
_atom_sites.fract_transf_matrix[1][1]   -0.00972483 
_atom_sites.fract_transf_matrix[1][2]   0.00685361 
_atom_sites.fract_transf_matrix[1][3]   0.00906793 
_atom_sites.fract_transf_matrix[2][1]   0.00338249 
_atom_sites.fract_transf_matrix[2][2]   0.00712634 
_atom_sites.fract_transf_matrix[2][3]   -0.00175862 
_atom_sites.fract_transf_matrix[3][1]   -0.00469055 
_atom_sites.fract_transf_matrix[3][2]   0.00083014 
_atom_sites.fract_transf_matrix[3][3]   -0.00565777 
_atom_sites.fract_transf_vector[1]      0.206820 
_atom_sites.fract_transf_vector[2]      -0.090140 
_atom_sites.fract_transf_vector[3]      -0.115435 
# 
loop_
_atom_type.symbol 
C  
N  
O  
S  
ZN 
# 
loop_
_atom_site.group_PDB 
_atom_site.id 
_atom_site.type_symbol 
_atom_site.label_atom_id 
_atom_site.label_alt_id 
_atom_site.label_comp_id 
_atom_site.label_asym_id 
_atom_site.label_entity_id 
_atom_site.label_seq_id 
_atom_site.pdbx_PDB_ins_code 
_atom_site.Cartn_x 
_atom_site.Cartn_y 
_atom_site.Cartn_z 
_atom_site.occupancy 
_atom_site.B_iso_or_equiv 
_atom_site.pdbx_formal_charge 
_atom_site.auth_seq_id 
_atom_site.auth_comp_id 
_atom_site.auth_asym_id 
_atom_site.auth_atom_id 
_atom_site.pdbx_PDB_model_num 
ATOM   1    N  N   . TYR A 1 16  ? -16.119 -37.915 0.182   1.00 87.36  ? 0   TYR A N   1 
ATOM   2    C  CA  . TYR A 1 16  ? -15.170 -36.862 0.512   1.00 86.27  ? 0   TYR A CA  1 
ATOM   3    C  C   . TYR A 1 16  ? -15.902 -35.662 1.116   1.00 84.70  ? 0   TYR A C   1 
ATOM   4    O  O   . TYR A 1 16  ? -15.878 -35.436 2.337   1.00 83.30  ? 0   TYR A O   1 
ATOM   5    C  CB  . TYR A 1 16  ? -14.460 -36.445 -0.770  1.00 86.56  ? 0   TYR A CB  1 
ATOM   6    C  CG  . TYR A 1 16  ? -13.128 -35.791 -0.557  1.00 92.09  ? 0   TYR A CG  1 
ATOM   7    C  CD1 . TYR A 1 16  ? -12.921 -34.445 -0.880  1.00 94.12  ? 0   TYR A CD1 1 
ATOM   8    C  CD2 . TYR A 1 16  ? -12.065 -36.520 -0.030  1.00 99.39  ? 0   TYR A CD2 1 
ATOM   9    C  CE1 . TYR A 1 16  ? -11.676 -33.846 -0.684  1.00 97.43  ? 0   TYR A CE1 1 
ATOM   10   C  CE2 . TYR A 1 16  ? -10.825 -35.937 0.166   1.00 101.66 ? 0   TYR A CE2 1 
ATOM   11   C  CZ  . TYR A 1 16  ? -10.628 -34.600 -0.158  1.00 100.81 ? 0   TYR A CZ  1 
ATOM   12   O  OH  . TYR A 1 16  ? -9.373  -34.046 0.057   1.00 99.98  ? 0   TYR A OH  1 
ATOM   13   N  N   . TYR A 1 17  ? -16.605 -34.952 0.233   1.00 82.42  ? 1   TYR A N   1 
ATOM   14   C  CA  . TYR A 1 17  ? -17.233 -33.671 0.505   1.00 79.67  ? 1   TYR A CA  1 
ATOM   15   C  C   . TYR A 1 17  ? -18.275 -33.408 -0.568  1.00 78.97  ? 1   TYR A C   1 
ATOM   16   O  O   . TYR A 1 17  ? -18.011 -33.666 -1.739  1.00 78.24  ? 1   TYR A O   1 
ATOM   17   C  CB  . TYR A 1 17  ? -16.176 -32.598 0.367   1.00 79.46  ? 1   TYR A CB  1 
ATOM   18   C  CG  . TYR A 1 17  ? -15.645 -32.110 1.673   1.00 76.04  ? 1   TYR A CG  1 
ATOM   19   C  CD1 . TYR A 1 17  ? -16.471 -31.435 2.548   1.00 73.52  ? 1   TYR A CD1 1 
ATOM   20   C  CD2 . TYR A 1 17  ? -14.324 -32.303 2.023   1.00 74.36  ? 1   TYR A CD2 1 
ATOM   21   C  CE1 . TYR A 1 17  ? -16.022 -30.983 3.721   1.00 73.06  ? 1   TYR A CE1 1 
ATOM   22   C  CE2 . TYR A 1 17  ? -13.852 -31.842 3.207   1.00 74.40  ? 1   TYR A CE2 1 
ATOM   23   C  CZ  . TYR A 1 17  ? -14.715 -31.178 4.056   1.00 74.47  ? 1   TYR A CZ  1 
ATOM   24   O  OH  . TYR A 1 17  ? -14.302 -30.682 5.262   1.00 74.49  ? 1   TYR A OH  1 
ATOM   25   N  N   . SER A 1 18  ? -19.440 -32.880 -0.205  1.00 76.83  ? 2   SER A N   1 
ATOM   26   C  CA  . SER A 1 18  ? -20.447 -32.630 -1.238  1.00 79.43  ? 2   SER A CA  1 
ATOM   27   C  C   . SER A 1 18  ? -19.838 -31.843 -2.409  1.00 79.76  ? 2   SER A C   1 
ATOM   28   O  O   . SER A 1 18  ? -19.323 -30.745 -2.221  1.00 80.95  ? 2   SER A O   1 
ATOM   29   C  CB  . SER A 1 18  ? -21.721 -31.967 -0.677  1.00 80.51  ? 2   SER A CB  1 
ATOM   30   O  OG  . SER A 1 18  ? -21.489 -30.686 -0.116  1.00 81.94  ? 2   SER A OG  1 
ATOM   31   N  N   . THR A 1 19  ? -19.873 -32.421 -3.603  1.00 79.96  ? 3   THR A N   1 
ATOM   32   C  CA  . THR A 1 19  ? -19.052 -31.933 -4.700  1.00 80.57  ? 3   THR A CA  1 
ATOM   33   C  C   . THR A 1 19  ? -18.956 -30.401 -4.734  1.00 79.86  ? 3   THR A C   1 
ATOM   34   O  O   . THR A 1 19  ? -17.856 -29.842 -4.852  1.00 79.99  ? 3   THR A O   1 
ATOM   35   C  CB  . THR A 1 19  ? -19.557 -32.427 -6.043  1.00 81.18  ? 3   THR A CB  1 
ATOM   36   O  OG1 . THR A 1 19  ? -20.799 -31.777 -6.311  1.00 87.53  ? 3   THR A OG1 1 
ATOM   37   C  CG2 . THR A 1 19  ? -19.765 -33.964 -6.036  1.00 81.65  ? 3   THR A CG2 1 
ATOM   38   N  N   . SER A 1 20  ? -20.083 -29.707 -4.618  1.00 78.87  ? 4   SER A N   1 
ATOM   39   C  CA  . SER A 1 20  ? -20.027 -28.247 -4.490  1.00 77.77  ? 4   SER A CA  1 
ATOM   40   C  C   . SER A 1 20  ? -19.220 -27.783 -3.265  1.00 77.21  ? 4   SER A C   1 
ATOM   41   O  O   . SER A 1 20  ? -18.303 -26.961 -3.392  1.00 77.58  ? 4   SER A O   1 
ATOM   42   C  CB  . SER A 1 20  ? -21.432 -27.633 -4.442  1.00 77.88  ? 4   SER A CB  1 
ATOM   43   O  OG  . SER A 1 20  ? -22.080 -27.863 -3.199  1.00 78.41  ? 4   SER A OG  1 
ATOM   44   N  N   . VAL A 1 21  ? -19.572 -28.283 -2.082  1.00 75.99  ? 5   VAL A N   1 
ATOM   45   C  CA  . VAL A 1 21  ? -18.876 -27.855 -0.879  1.00 74.15  ? 5   VAL A CA  1 
ATOM   46   C  C   . VAL A 1 21  ? -17.401 -28.115 -1.067  1.00 73.82  ? 5   VAL A C   1 
ATOM   47   O  O   . VAL A 1 21  ? -16.553 -27.352 -0.613  1.00 73.40  ? 5   VAL A O   1 
ATOM   48   C  CB  . VAL A 1 21  ? -19.362 -28.566 0.374   1.00 73.34  ? 5   VAL A CB  1 
ATOM   49   C  CG1 . VAL A 1 21  ? -18.515 -28.138 1.541   1.00 72.32  ? 5   VAL A CG1 1 
ATOM   50   C  CG2 . VAL A 1 21  ? -20.798 -28.205 0.638   1.00 72.09  ? 5   VAL A CG2 1 
ATOM   51   N  N   . ALA A 1 22  ? -17.112 -29.201 -1.769  1.00 74.38  ? 6   ALA A N   1 
ATOM   52   C  CA  . ALA A 1 22  ? -15.754 -29.482 -2.193  1.00 74.81  ? 6   ALA A CA  1 
ATOM   53   C  C   . ALA A 1 22  ? -15.196 -28.254 -2.908  1.00 74.91  ? 6   ALA A C   1 
ATOM   54   O  O   . ALA A 1 22  ? -14.108 -27.757 -2.609  1.00 75.21  ? 6   ALA A O   1 
ATOM   55   C  CB  . ALA A 1 22  ? -15.752 -30.668 -3.135  1.00 74.82  ? 6   ALA A CB  1 
ATOM   56   N  N   . LYS A 1 23  ? -15.955 -27.766 -3.870  1.00 74.88  ? 7   LYS A N   1 
ATOM   57   C  CA  . LYS A 1 23  ? -15.477 -26.707 -4.740  1.00 75.63  ? 7   LYS A CA  1 
ATOM   58   C  C   . LYS A 1 23  ? -15.099 -25.457 -3.940  1.00 75.33  ? 7   LYS A C   1 
ATOM   59   O  O   . LYS A 1 23  ? -13.993 -24.902 -4.073  1.00 76.22  ? 7   LYS A O   1 
ATOM   60   C  CB  . LYS A 1 23  ? -16.570 -26.378 -5.750  1.00 76.59  ? 7   LYS A CB  1 
ATOM   61   C  CG  . LYS A 1 23  ? -16.086 -26.302 -7.184  1.00 80.85  ? 7   LYS A CG  1 
ATOM   62   C  CD  . LYS A 1 23  ? -15.047 -25.199 -7.345  1.00 88.75  ? 7   LYS A CD  1 
ATOM   63   C  CE  . LYS A 1 23  ? -14.770 -24.896 -8.820  1.00 93.45  ? 7   LYS A CE  1 
ATOM   64   N  NZ  . LYS A 1 23  ? -14.364 -26.115 -9.581  1.00 97.50  ? 7   LYS A NZ  1 
ATOM   65   N  N   . LEU A 1 24  ? -16.040 -25.011 -3.113  1.00 74.07  ? 8   LEU A N   1 
ATOM   66   C  CA  . LEU A 1 24  ? -15.851 -23.811 -2.321  1.00 71.77  ? 8   LEU A CA  1 
ATOM   67   C  C   . LEU A 1 24  ? -14.554 -23.935 -1.535  1.00 72.06  ? 8   LEU A C   1 
ATOM   68   O  O   . LEU A 1 24  ? -13.759 -22.991 -1.496  1.00 72.50  ? 8   LEU A O   1 
ATOM   69   C  CB  . LEU A 1 24  ? -17.043 -23.607 -1.388  1.00 70.51  ? 8   LEU A CB  1 
ATOM   70   C  CG  . LEU A 1 24  ? -16.982 -22.357 -0.526  1.00 66.52  ? 8   LEU A CG  1 
ATOM   71   C  CD1 . LEU A 1 24  ? -16.730 -21.182 -1.429  1.00 67.99  ? 8   LEU A CD1 1 
ATOM   72   C  CD2 . LEU A 1 24  ? -18.247 -22.156 0.299   1.00 65.06  ? 8   LEU A CD2 1 
ATOM   73   N  N   . ILE A 1 25  ? -14.320 -25.096 -0.931  1.00 72.57  ? 9   ILE A N   1 
ATOM   74   C  CA  . ILE A 1 25  ? -13.118 -25.252 -0.131  1.00 73.24  ? 9   ILE A CA  1 
ATOM   75   C  C   . ILE A 1 25  ? -11.914 -24.969 -0.994  1.00 73.66  ? 9   ILE A C   1 
ATOM   76   O  O   . ILE A 1 25  ? -11.020 -24.244 -0.587  1.00 74.08  ? 9   ILE A O   1 
ATOM   77   C  CB  . ILE A 1 25  ? -12.937 -26.652 0.463   1.00 73.61  ? 9   ILE A CB  1 
ATOM   78   C  CG1 . ILE A 1 25  ? -14.101 -27.006 1.387   1.00 73.74  ? 9   ILE A CG1 1 
ATOM   79   C  CG2 . ILE A 1 25  ? -11.657 -26.680 1.271   1.00 72.66  ? 9   ILE A CG2 1 
ATOM   80   C  CD1 . ILE A 1 25  ? -13.998 -26.337 2.737   1.00 74.12  ? 9   ILE A CD1 1 
ATOM   81   N  N   . GLU A 1 26  ? -11.879 -25.541 -2.188  1.00 73.76  ? 10  GLU A N   1 
ATOM   82   C  CA  . GLU A 1 26  ? -10.785 -25.234 -3.099  1.00 75.37  ? 10  GLU A CA  1 
ATOM   83   C  C   . GLU A 1 26  ? -10.631 -23.719 -3.337  1.00 75.99  ? 10  GLU A C   1 
ATOM   84   O  O   . GLU A 1 26  ? -9.588  -23.136 -2.992  1.00 76.45  ? 10  GLU A O   1 
ATOM   85   C  CB  . GLU A 1 26  ? -10.944 -25.988 -4.403  1.00 75.38  ? 10  GLU A CB  1 
ATOM   86   C  CG  . GLU A 1 26  ? -11.062 -27.487 -4.172  1.00 76.31  ? 10  GLU A CG  1 
ATOM   87   N  N   . GLU A 1 27  ? -11.641 -23.064 -3.904  1.00 75.84  ? 11  GLU A N   1 
ATOM   88   C  CA  . GLU A 1 27  ? -11.532 -21.617 -4.064  1.00 76.33  ? 11  GLU A CA  1 
ATOM   89   C  C   . GLU A 1 27  ? -11.004 -20.941 -2.797  1.00 75.78  ? 11  GLU A C   1 
ATOM   90   O  O   . GLU A 1 27  ? -9.976  -20.257 -2.836  1.00 76.56  ? 11  GLU A O   1 
ATOM   91   C  CB  . GLU A 1 27  ? -12.853 -20.997 -4.518  1.00 77.34  ? 11  GLU A CB  1 
ATOM   92   C  CG  . GLU A 1 27  ? -13.273 -21.400 -5.944  1.00 83.88  ? 11  GLU A CG  1 
ATOM   93   C  CD  . GLU A 1 27  ? -12.125 -21.306 -6.978  1.00 92.31  ? 11  GLU A CD  1 
ATOM   94   O  OE1 . GLU A 1 27  ? -11.527 -20.204 -7.157  1.00 94.52  ? 11  GLU A OE1 1 
ATOM   95   O  OE2 . GLU A 1 27  ? -11.834 -22.353 -7.614  1.00 92.51  ? 11  GLU A OE2 1 
ATOM   96   N  N   . LEU A 1 28  ? -11.678 -21.140 -1.669  1.00 74.83  ? 12  LEU A N   1 
ATOM   97   C  CA  . LEU A 1 28  ? -11.252 -20.475 -0.440  1.00 74.10  ? 12  LEU A CA  1 
ATOM   98   C  C   . LEU A 1 28  ? -9.809  -20.757 -0.062  1.00 74.79  ? 12  LEU A C   1 
ATOM   99   O  O   . LEU A 1 28  ? -9.139  -19.893 0.500   1.00 75.35  ? 12  LEU A O   1 
ATOM   100  C  CB  . LEU A 1 28  ? -12.148 -20.836 0.727   1.00 73.08  ? 12  LEU A CB  1 
ATOM   101  C  CG  . LEU A 1 28  ? -13.543 -20.252 0.624   1.00 73.35  ? 12  LEU A CG  1 
ATOM   102  C  CD1 . LEU A 1 28  ? -14.380 -20.664 1.822   1.00 72.60  ? 12  LEU A CD1 1 
ATOM   103  C  CD2 . LEU A 1 28  ? -13.466 -18.746 0.519   1.00 74.10  ? 12  LEU A CD2 1 
ATOM   104  N  N   . SER A 1 29  ? -9.325  -21.960 -0.352  1.00 76.01  ? 13  SER A N   1 
ATOM   105  C  CA  . SER A 1 29  ? -7.991  -22.351 0.093   1.00 77.03  ? 13  SER A CA  1 
ATOM   106  C  C   . SER A 1 29  ? -6.925  -21.609 -0.715  1.00 78.32  ? 13  SER A C   1 
ATOM   107  O  O   . SER A 1 29  ? -5.830  -21.286 -0.200  1.00 79.51  ? 13  SER A O   1 
ATOM   108  C  CB  . SER A 1 29  ? -7.795  -23.859 -0.026  1.00 76.55  ? 13  SER A CB  1 
ATOM   109  O  OG  . SER A 1 29  ? -8.533  -24.557 0.973   1.00 76.59  ? 13  SER A OG  1 
ATOM   110  N  N   . LYS A 1 30  ? -7.254  -21.325 -1.977  1.00 78.30  ? 14  LYS A N   1 
ATOM   111  C  CA  . LYS A 1 30  ? -6.360  -20.566 -2.845  1.00 78.64  ? 14  LYS A CA  1 
ATOM   112  C  C   . LYS A 1 30  ? -5.960  -19.205 -2.228  1.00 79.09  ? 14  LYS A C   1 
ATOM   113  O  O   . LYS A 1 30  ? -5.007  -18.542 -2.685  1.00 79.51  ? 14  LYS A O   1 
ATOM   114  C  CB  . LYS A 1 30  ? -7.004  -20.376 -4.227  1.00 78.09  ? 14  LYS A CB  1 
ATOM   115  N  N   . LEU A 1 31  ? -6.697  -18.809 -1.189  1.00 79.53  ? 15  LEU A N   1 
ATOM   116  C  CA  . LEU A 1 31  ? -6.513  -17.524 -0.541  1.00 78.47  ? 15  LEU A CA  1 
ATOM   117  C  C   . LEU A 1 31  ? -5.384  -17.592 0.445   1.00 79.77  ? 15  LEU A C   1 
ATOM   118  O  O   . LEU A 1 31  ? -5.063  -18.664 0.956   1.00 81.06  ? 15  LEU A O   1 
ATOM   119  C  CB  . LEU A 1 31  ? -7.799  -17.053 0.147   1.00 77.27  ? 15  LEU A CB  1 
ATOM   120  C  CG  . LEU A 1 31  ? -8.986  -16.792 -0.790  1.00 74.29  ? 15  LEU A CG  1 
ATOM   121  C  CD1 . LEU A 1 31  ? -10.173 -16.242 -0.026  1.00 70.16  ? 15  LEU A CD1 1 
ATOM   122  C  CD2 . LEU A 1 31  ? -8.563  -15.836 -1.864  1.00 72.54  ? 15  LEU A CD2 1 
ATOM   123  N  N   . PRO A 1 32  ? -4.774  -16.430 0.701   1.00 80.85  ? 16  PRO A N   1 
ATOM   124  C  CA  . PRO A 1 32  ? -3.582  -16.218 1.521   1.00 81.80  ? 16  PRO A CA  1 
ATOM   125  C  C   . PRO A 1 32  ? -3.894  -16.374 2.997   1.00 82.77  ? 16  PRO A C   1 
ATOM   126  O  O   . PRO A 1 32  ? -4.797  -15.707 3.507   1.00 83.41  ? 16  PRO A O   1 
ATOM   127  C  CB  . PRO A 1 32  ? -3.214  -14.756 1.226   1.00 81.59  ? 16  PRO A CB  1 
ATOM   128  C  CG  . PRO A 1 32  ? -4.511  -14.108 0.856   1.00 82.00  ? 16  PRO A CG  1 
ATOM   129  C  CD  . PRO A 1 32  ? -5.265  -15.171 0.107   1.00 81.75  ? 16  PRO A CD  1 
ATOM   130  N  N   . GLY A 1 33  ? -3.157  -17.239 3.679   1.00 83.97  ? 17  GLY A N   1 
ATOM   131  C  CA  . GLY A 1 33  ? -3.361  -17.401 5.102   1.00 85.34  ? 17  GLY A CA  1 
ATOM   132  C  C   . GLY A 1 33  ? -4.577  -18.247 5.408   1.00 86.87  ? 17  GLY A C   1 
ATOM   133  O  O   . GLY A 1 33  ? -4.794  -18.629 6.563   1.00 87.78  ? 17  GLY A O   1 
ATOM   134  N  N   . ILE A 1 34  ? -5.374  -18.543 4.381   1.00 86.55  ? 18  ILE A N   1 
ATOM   135  C  CA  . ILE A 1 34  ? -6.506  -19.439 4.555   1.00 85.95  ? 18  ILE A CA  1 
ATOM   136  C  C   . ILE A 1 34  ? -6.071  -20.878 4.305   1.00 86.37  ? 18  ILE A C   1 
ATOM   137  O  O   . ILE A 1 34  ? -5.871  -21.287 3.155   1.00 87.01  ? 18  ILE A O   1 
ATOM   138  C  CB  . ILE A 1 34  ? -7.705  -19.063 3.660   1.00 85.69  ? 18  ILE A CB  1 
ATOM   139  C  CG1 . ILE A 1 34  ? -8.379  -17.798 4.180   1.00 83.55  ? 18  ILE A CG1 1 
ATOM   140  C  CG2 . ILE A 1 34  ? -8.747  -20.181 3.659   1.00 85.33  ? 18  ILE A CG2 1 
ATOM   141  C  CD1 . ILE A 1 34  ? -7.515  -16.585 4.110   1.00 83.63  ? 18  ILE A CD1 1 
ATOM   142  N  N   . GLY A 1 35  ? -5.901  -21.622 5.398   1.00 85.94  ? 19  GLY A N   1 
ATOM   143  C  CA  . GLY A 1 35  ? -5.501  -23.019 5.355   1.00 85.61  ? 19  GLY A CA  1 
ATOM   144  C  C   . GLY A 1 35  ? -6.640  -24.028 5.335   1.00 85.08  ? 19  GLY A C   1 
ATOM   145  O  O   . GLY A 1 35  ? -7.748  -23.763 5.808   1.00 83.71  ? 19  GLY A O   1 
ATOM   146  N  N   . PRO A 1 36  ? -6.351  -25.220 4.812   1.00 85.06  ? 20  PRO A N   1 
ATOM   147  C  CA  . PRO A 1 36  ? -7.335  -26.281 4.562   1.00 84.78  ? 20  PRO A CA  1 
ATOM   148  C  C   . PRO A 1 36  ? -8.334  -26.459 5.709   1.00 83.48  ? 20  PRO A C   1 
ATOM   149  O  O   . PRO A 1 36  ? -9.496  -26.788 5.451   1.00 82.41  ? 20  PRO A O   1 
ATOM   150  C  CB  . PRO A 1 36  ? -6.468  -27.538 4.421   1.00 84.13  ? 20  PRO A CB  1 
ATOM   151  C  CG  . PRO A 1 36  ? -5.135  -27.008 3.950   1.00 85.30  ? 20  PRO A CG  1 
ATOM   152  C  CD  . PRO A 1 36  ? -4.964  -25.697 4.676   1.00 84.79  ? 20  PRO A CD  1 
ATOM   153  N  N   . GLY A 1 37  ? -7.893  -26.242 6.946   1.00 82.49  ? 21  GLY A N   1 
ATOM   154  C  CA  . GLY A 1 37  ? -8.770  -26.406 8.093   1.00 82.42  ? 21  GLY A CA  1 
ATOM   155  C  C   . GLY A 1 37  ? -9.718  -25.236 8.231   1.00 81.77  ? 21  GLY A C   1 
ATOM   156  O  O   . GLY A 1 37  ? -10.948 -25.378 8.220   1.00 80.37  ? 21  GLY A O   1 
ATOM   157  N  N   . THR A 1 38  ? -9.141  -24.052 8.348   1.00 81.72  ? 22  THR A N   1 
ATOM   158  C  CA  . THR A 1 38  ? -9.969  -22.880 8.502   1.00 82.63  ? 22  THR A CA  1 
ATOM   159  C  C   . THR A 1 38  ? -10.861 -22.732 7.266   1.00 82.20  ? 22  THR A C   1 
ATOM   160  O  O   . THR A 1 38  ? -11.984 -22.219 7.353   1.00 82.12  ? 22  THR A O   1 
ATOM   161  C  CB  . THR A 1 38  ? -9.118  -21.663 8.751   1.00 82.88  ? 22  THR A CB  1 
ATOM   162  O  OG1 . THR A 1 38  ? -8.124  -21.583 7.727   1.00 85.80  ? 22  THR A OG1 1 
ATOM   163  C  CG2 . THR A 1 38  ? -8.412  -21.821 10.098  1.00 83.85  ? 22  THR A CG2 1 
ATOM   164  N  N   . ALA A 1 39  ? -10.386 -23.235 6.127   1.00 81.06  ? 23  ALA A N   1 
ATOM   165  C  CA  . ALA A 1 39  ? -11.213 -23.298 4.920   1.00 80.30  ? 23  ALA A CA  1 
ATOM   166  C  C   . ALA A 1 39  ? -12.560 -23.971 5.207   1.00 80.06  ? 23  ALA A C   1 
ATOM   167  O  O   . ALA A 1 39  ? -13.618 -23.421 4.899   1.00 80.19  ? 23  ALA A O   1 
ATOM   168  C  CB  . ALA A 1 39  ? -10.469 -24.023 3.785   1.00 79.31  ? 23  ALA A CB  1 
ATOM   169  N  N   . GLN A 1 40  ? -12.524 -25.154 5.807   1.00 79.27  ? 24  GLN A N   1 
ATOM   170  C  CA  . GLN A 1 40  ? -13.753 -25.883 6.077   1.00 79.10  ? 24  GLN A CA  1 
ATOM   171  C  C   . GLN A 1 40  ? -14.673 -25.073 6.951   1.00 76.77  ? 24  GLN A C   1 
ATOM   172  O  O   . GLN A 1 40  ? -15.795 -24.772 6.572   1.00 75.41  ? 24  GLN A O   1 
ATOM   173  C  CB  . GLN A 1 40  ? -13.456 -27.213 6.756   1.00 80.06  ? 24  GLN A CB  1 
ATOM   174  C  CG  . GLN A 1 40  ? -12.967 -28.304 5.835   1.00 87.11  ? 24  GLN A CG  1 
ATOM   175  C  CD  . GLN A 1 40  ? -12.846 -29.630 6.563   1.00 97.09  ? 24  GLN A CD  1 
ATOM   176  O  OE1 . GLN A 1 40  ? -12.160 -30.548 6.105   1.00 99.65  ? 24  GLN A OE1 1 
ATOM   177  N  NE2 . GLN A 1 40  ? -13.529 -29.745 7.699   1.00 96.96  ? 24  GLN A NE2 1 
ATOM   178  N  N   . ARG A 1 41  ? -14.182 -24.712 8.128   1.00 75.76  ? 25  ARG A N   1 
ATOM   179  C  CA  . ARG A 1 41  ? -15.014 -23.999 9.074   1.00 75.52  ? 25  ARG A CA  1 
ATOM   180  C  C   . ARG A 1 41  ? -15.829 -22.935 8.341   1.00 75.16  ? 25  ARG A C   1 
ATOM   181  O  O   . ARG A 1 41  ? -17.052 -22.867 8.505   1.00 75.11  ? 25  ARG A O   1 
ATOM   182  C  CB  . ARG A 1 41  ? -14.161 -23.387 10.189  1.00 75.06  ? 25  ARG A CB  1 
ATOM   183  N  N   . LEU A 1 42  ? -15.147 -22.128 7.519   1.00 74.65  ? 26  LEU A N   1 
ATOM   184  C  CA  . LEU A 1 42  ? -15.785 -21.039 6.760   1.00 73.91  ? 26  LEU A CA  1 
ATOM   185  C  C   . LEU A 1 42  ? -16.784 -21.556 5.742   1.00 74.66  ? 26  LEU A C   1 
ATOM   186  O  O   . LEU A 1 42  ? -17.882 -21.014 5.644   1.00 76.28  ? 26  LEU A O   1 
ATOM   187  C  CB  . LEU A 1 42  ? -14.767 -20.179 6.004   1.00 73.01  ? 26  LEU A CB  1 
ATOM   188  C  CG  . LEU A 1 42  ? -13.904 -19.092 6.636   1.00 71.43  ? 26  LEU A CG  1 
ATOM   189  C  CD1 . LEU A 1 42  ? -12.760 -18.783 5.696   1.00 63.54  ? 26  LEU A CD1 1 
ATOM   190  C  CD2 . LEU A 1 42  ? -14.724 -17.859 6.931   1.00 72.64  ? 26  LEU A CD2 1 
ATOM   191  N  N   . ALA A 1 43  ? -16.409 -22.565 4.956   1.00 74.10  ? 27  ALA A N   1 
ATOM   192  C  CA  . ALA A 1 43  ? -17.341 -23.092 3.953   1.00 74.73  ? 27  ALA A CA  1 
ATOM   193  C  C   . ALA A 1 43  ? -18.688 -23.317 4.607   1.00 75.12  ? 27  ALA A C   1 
ATOM   194  O  O   . ALA A 1 43  ? -19.707 -22.852 4.108   1.00 76.27  ? 27  ALA A O   1 
ATOM   195  C  CB  . ALA A 1 43  ? -16.833 -24.371 3.321   1.00 73.72  ? 27  ALA A CB  1 
ATOM   196  N  N   . PHE A 1 44  ? -18.673 -23.975 5.758   1.00 75.34  ? 28  PHE A N   1 
ATOM   197  C  CA  . PHE A 1 44  ? -19.892 -24.295 6.482   1.00 77.17  ? 28  PHE A CA  1 
ATOM   198  C  C   . PHE A 1 44  ? -20.630 -23.094 7.025   1.00 77.50  ? 28  PHE A C   1 
ATOM   199  O  O   . PHE A 1 44  ? -21.841 -22.984 6.871   1.00 78.69  ? 28  PHE A O   1 
ATOM   200  C  CB  . PHE A 1 44  ? -19.599 -25.295 7.590   1.00 77.63  ? 28  PHE A CB  1 
ATOM   201  C  CG  . PHE A 1 44  ? -18.975 -26.545 7.085   1.00 83.00  ? 28  PHE A CG  1 
ATOM   202  C  CD1 . PHE A 1 44  ? -17.626 -26.576 6.786   1.00 89.15  ? 28  PHE A CD1 1 
ATOM   203  C  CD2 . PHE A 1 44  ? -19.736 -27.673 6.847   1.00 85.34  ? 28  PHE A CD2 1 
ATOM   204  C  CE1 . PHE A 1 44  ? -17.035 -27.723 6.289   1.00 90.00  ? 28  PHE A CE1 1 
ATOM   205  C  CE2 . PHE A 1 44  ? -19.158 -28.827 6.353   1.00 87.05  ? 28  PHE A CE2 1 
ATOM   206  C  CZ  . PHE A 1 44  ? -17.808 -28.858 6.072   1.00 88.09  ? 28  PHE A CZ  1 
ATOM   207  N  N   . PHE A 1 45  ? -19.916 -22.187 7.668   1.00 77.31  ? 29  PHE A N   1 
ATOM   208  C  CA  . PHE A 1 45  ? -20.578 -20.981 8.123   1.00 77.24  ? 29  PHE A CA  1 
ATOM   209  C  C   . PHE A 1 45  ? -21.331 -20.358 6.954   1.00 77.53  ? 29  PHE A C   1 
ATOM   210  O  O   . PHE A 1 45  ? -22.536 -20.100 7.025   1.00 78.61  ? 29  PHE A O   1 
ATOM   211  C  CB  . PHE A 1 45  ? -19.567 -19.990 8.648   1.00 76.64  ? 29  PHE A CB  1 
ATOM   212  C  CG  . PHE A 1 45  ? -20.180 -18.705 9.091   1.00 77.60  ? 29  PHE A CG  1 
ATOM   213  C  CD1 . PHE A 1 45  ? -20.334 -18.420 10.436  1.00 78.49  ? 29  PHE A CD1 1 
ATOM   214  C  CD2 . PHE A 1 45  ? -20.616 -17.777 8.160   1.00 76.79  ? 29  PHE A CD2 1 
ATOM   215  C  CE1 . PHE A 1 45  ? -20.911 -17.227 10.846  1.00 79.96  ? 29  PHE A CE1 1 
ATOM   216  C  CE2 . PHE A 1 45  ? -21.190 -16.578 8.559   1.00 78.12  ? 29  PHE A CE2 1 
ATOM   217  C  CZ  . PHE A 1 45  ? -21.341 -16.305 9.901   1.00 78.98  ? 29  PHE A CZ  1 
ATOM   218  N  N   . ILE A 1 46  ? -20.588 -20.128 5.876   1.00 76.22  ? 30  ILE A N   1 
ATOM   219  C  CA  . ILE A 1 46  ? -21.108 -19.485 4.679   1.00 74.67  ? 30  ILE A CA  1 
ATOM   220  C  C   . ILE A 1 46  ? -22.362 -20.179 4.264   1.00 74.47  ? 30  ILE A C   1 
ATOM   221  O  O   . ILE A 1 46  ? -23.452 -19.625 4.343   1.00 73.09  ? 30  ILE A O   1 
ATOM   222  C  CB  . ILE A 1 46  ? -20.093 -19.541 3.515   1.00 74.47  ? 30  ILE A CB  1 
ATOM   223  C  CG1 . ILE A 1 46  ? -19.049 -18.442 3.705   1.00 73.48  ? 30  ILE A CG1 1 
ATOM   224  C  CG2 . ILE A 1 46  ? -20.796 -19.352 2.178   1.00 73.21  ? 30  ILE A CG2 1 
ATOM   225  C  CD1 . ILE A 1 46  ? -17.697 -18.751 3.099   1.00 73.07  ? 30  ILE A CD1 1 
ATOM   226  N  N   . ILE A 1 47  ? -22.174 -21.411 3.826   1.00 75.42  ? 31  ILE A N   1 
ATOM   227  C  CA  . ILE A 1 47  ? -23.254 -22.305 3.469   1.00 76.65  ? 31  ILE A CA  1 
ATOM   228  C  C   . ILE A 1 47  ? -24.435 -22.285 4.442   1.00 78.06  ? 31  ILE A C   1 
ATOM   229  O  O   . ILE A 1 47  ? -25.583 -22.301 4.029   1.00 78.65  ? 31  ILE A O   1 
ATOM   230  C  CB  . ILE A 1 47  ? -22.696 -23.679 3.381   1.00 76.33  ? 31  ILE A CB  1 
ATOM   231  C  CG1 . ILE A 1 47  ? -22.340 -23.966 1.932   1.00 78.19  ? 31  ILE A CG1 1 
ATOM   232  C  CG2 . ILE A 1 47  ? -23.658 -24.656 3.964   1.00 76.75  ? 31  ILE A CG2 1 
ATOM   233  C  CD1 . ILE A 1 47  ? -21.786 -25.326 1.741   1.00 83.74  ? 31  ILE A CD1 1 
ATOM   234  N  N   . ASN A 1 48  ? -24.148 -22.210 5.734   1.00 80.20  ? 32  ASN A N   1 
ATOM   235  C  CA  . ASN A 1 48  ? -25.198 -22.007 6.728   1.00 81.86  ? 32  ASN A CA  1 
ATOM   236  C  C   . ASN A 1 48  ? -25.778 -20.591 6.772   1.00 82.10  ? 32  ASN A C   1 
ATOM   237  O  O   . ASN A 1 48  ? -26.900 -20.397 7.233   1.00 83.00  ? 32  ASN A O   1 
ATOM   238  C  CB  . ASN A 1 48  ? -24.728 -22.411 8.125   1.00 82.46  ? 32  ASN A CB  1 
ATOM   239  C  CG  . ASN A 1 48  ? -25.658 -23.435 8.769   1.00 87.23  ? 32  ASN A CG  1 
ATOM   240  O  OD1 . ASN A 1 48  ? -26.342 -24.182 8.074   1.00 90.64  ? 32  ASN A OD1 1 
ATOM   241  N  ND2 . ASN A 1 48  ? -25.694 -23.466 10.103  1.00 90.50  ? 32  ASN A ND2 1 
ATOM   242  N  N   . MET A 1 49  ? -25.013 -19.602 6.319   1.00 82.18  ? 33  MET A N   1 
ATOM   243  C  CA  . MET A 1 49  ? -25.511 -18.240 6.274   1.00 81.53  ? 33  MET A CA  1 
ATOM   244  C  C   . MET A 1 49  ? -26.791 -18.129 5.495   1.00 81.06  ? 33  MET A C   1 
ATOM   245  O  O   . MET A 1 49  ? -27.101 -18.956 4.649   1.00 80.23  ? 33  MET A O   1 
ATOM   246  C  CB  . MET A 1 49  ? -24.524 -17.338 5.599   1.00 82.05  ? 33  MET A CB  1 
ATOM   247  C  CG  . MET A 1 49  ? -23.224 -17.242 6.286   1.00 85.48  ? 33  MET A CG  1 
ATOM   248  S  SD  . MET A 1 49  ? -22.334 -16.009 5.352   1.00 87.16  ? 33  MET A SD  1 
ATOM   249  C  CE  . MET A 1 49  ? -23.145 -14.543 5.929   1.00 91.21  ? 33  MET A CE  1 
ATOM   250  N  N   . PRO A 1 50  ? -27.537 -17.074 5.775   1.00 81.56  ? 34  PRO A N   1 
ATOM   251  C  CA  . PRO A 1 50  ? -28.797 -16.689 5.125   1.00 81.95  ? 34  PRO A CA  1 
ATOM   252  C  C   . PRO A 1 50  ? -28.591 -16.255 3.666   1.00 82.50  ? 34  PRO A C   1 
ATOM   253  O  O   . PRO A 1 50  ? -27.756 -15.367 3.398   1.00 82.05  ? 34  PRO A O   1 
ATOM   254  C  CB  . PRO A 1 50  ? -29.254 -15.486 5.955   1.00 81.61  ? 34  PRO A CB  1 
ATOM   255  C  CG  . PRO A 1 50  ? -28.457 -15.581 7.267   1.00 81.76  ? 34  PRO A CG  1 
ATOM   256  C  CD  . PRO A 1 50  ? -27.163 -16.177 6.881   1.00 81.78  ? 34  PRO A CD  1 
ATOM   257  N  N   . LEU A 1 51  ? -29.347 -16.852 2.746   1.00 82.54  ? 35  LEU A N   1 
ATOM   258  C  CA  . LEU A 1 51  ? -29.152 -16.594 1.310   1.00 84.37  ? 35  LEU A CA  1 
ATOM   259  C  C   . LEU A 1 51  ? -28.990 -15.124 0.873   1.00 85.44  ? 35  LEU A C   1 
ATOM   260  O  O   . LEU A 1 51  ? -28.253 -14.834 -0.073  1.00 86.38  ? 35  LEU A O   1 
ATOM   261  C  CB  . LEU A 1 51  ? -30.242 -17.267 0.472   1.00 84.39  ? 35  LEU A CB  1 
ATOM   262  C  CG  . LEU A 1 51  ? -30.268 -16.890 -1.015  1.00 84.38  ? 35  LEU A CG  1 
ATOM   263  C  CD1 . LEU A 1 51  ? -29.910 -18.064 -1.932  1.00 82.39  ? 35  LEU A CD1 1 
ATOM   264  C  CD2 . LEU A 1 51  ? -31.629 -16.314 -1.372  1.00 87.12  ? 35  LEU A CD2 1 
ATOM   265  N  N   . ASP A 1 52  ? -29.689 -14.207 1.537   1.00 86.61  ? 36  ASP A N   1 
ATOM   266  C  CA  . ASP A 1 52  ? -29.465 -12.778 1.309   1.00 87.28  ? 36  ASP A CA  1 
ATOM   267  C  C   . ASP A 1 52  ? -28.063 -12.389 1.795   1.00 87.53  ? 36  ASP A C   1 
ATOM   268  O  O   . ASP A 1 52  ? -27.313 -11.686 1.114   1.00 88.40  ? 36  ASP A O   1 
ATOM   269  C  CB  . ASP A 1 52  ? -30.509 -11.934 2.039   1.00 87.36  ? 36  ASP A CB  1 
ATOM   270  N  N   . GLU A 1 53  ? -27.692 -12.850 2.978   1.00 86.67  ? 37  GLU A N   1 
ATOM   271  C  CA  . GLU A 1 53  ? -26.365 -12.523 3.445   1.00 86.36  ? 37  GLU A CA  1 
ATOM   272  C  C   . GLU A 1 53  ? -25.360 -13.105 2.460   1.00 83.94  ? 37  GLU A C   1 
ATOM   273  O  O   . GLU A 1 53  ? -24.413 -12.430 2.041   1.00 82.84  ? 37  GLU A O   1 
ATOM   274  C  CB  . GLU A 1 53  ? -26.151 -13.029 4.872   1.00 87.56  ? 37  GLU A CB  1 
ATOM   275  C  CG  . GLU A 1 53  ? -27.163 -12.454 5.872   1.00 94.35  ? 37  GLU A CG  1 
ATOM   276  C  CD  . GLU A 1 53  ? -26.560 -12.168 7.256   1.00 102.94 ? 37  GLU A CD  1 
ATOM   277  O  OE1 . GLU A 1 53  ? -25.482 -12.729 7.571   1.00 106.62 ? 37  GLU A OE1 1 
ATOM   278  O  OE2 . GLU A 1 53  ? -27.163 -11.375 8.027   1.00 109.18 ? 37  GLU A OE2 1 
ATOM   279  N  N   . VAL A 1 54  ? -25.602 -14.346 2.052   1.00 82.29  ? 38  VAL A N   1 
ATOM   280  C  CA  . VAL A 1 54  ? -24.694 -15.020 1.138   1.00 80.82  ? 38  VAL A CA  1 
ATOM   281  C  C   . VAL A 1 54  ? -24.554 -14.318 -0.199  1.00 80.83  ? 38  VAL A C   1 
ATOM   282  O  O   . VAL A 1 54  ? -23.452 -14.148 -0.708  1.00 81.40  ? 38  VAL A O   1 
ATOM   283  C  CB  . VAL A 1 54  ? -25.109 -16.460 0.909   1.00 80.26  ? 38  VAL A CB  1 
ATOM   284  C  CG1 . VAL A 1 54  ? -24.455 -17.009 -0.356  1.00 78.32  ? 38  VAL A CG1 1 
ATOM   285  C  CG2 . VAL A 1 54  ? -24.737 -17.269 2.146   1.00 80.54  ? 38  VAL A CG2 1 
ATOM   286  N  N   . ARG A 1 55  ? -25.671 -13.916 -0.774  1.00 80.04  ? 39  ARG A N   1 
ATOM   287  C  CA  . ARG A 1 55  ? -25.638 -13.163 -2.008  1.00 79.93  ? 39  ARG A CA  1 
ATOM   288  C  C   . ARG A 1 55  ? -24.713 -11.955 -1.892  1.00 78.75  ? 39  ARG A C   1 
ATOM   289  O  O   . ARG A 1 55  ? -23.886 -11.716 -2.760  1.00 78.86  ? 39  ARG A O   1 
ATOM   290  C  CB  . ARG A 1 55  ? -27.041 -12.692 -2.321  1.00 80.52  ? 39  ARG A CB  1 
ATOM   291  C  CG  . ARG A 1 55  ? -27.187 -12.085 -3.671  1.00 85.42  ? 39  ARG A CG  1 
ATOM   292  C  CD  . ARG A 1 55  ? -28.503 -12.566 -4.274  1.00 91.06  ? 39  ARG A CD  1 
ATOM   293  N  NE  . ARG A 1 55  ? -28.401 -13.913 -4.823  1.00 89.02  ? 39  ARG A NE  1 
ATOM   294  C  CZ  . ARG A 1 55  ? -29.371 -14.817 -4.743  1.00 91.32  ? 39  ARG A CZ  1 
ATOM   295  N  NH1 . ARG A 1 55  ? -30.506 -14.526 -4.107  1.00 90.70  ? 39  ARG A NH1 1 
ATOM   296  N  NH2 . ARG A 1 55  ? -29.207 -16.016 -5.297  1.00 88.98  ? 39  ARG A NH2 1 
ATOM   297  N  N   . SER A 1 56  ? -24.869 -11.199 -0.812  1.00 77.45  ? 40  SER A N   1 
ATOM   298  C  CA  . SER A 1 56  ? -24.083 -10.004 -0.600  1.00 76.36  ? 40  SER A CA  1 
ATOM   299  C  C   . SER A 1 56  ? -22.609 -10.330 -0.620  1.00 75.44  ? 40  SER A C   1 
ATOM   300  O  O   . SER A 1 56  ? -21.860 -9.741  -1.395  1.00 76.33  ? 40  SER A O   1 
ATOM   301  C  CB  . SER A 1 56  ? -24.452 -9.347  0.721   1.00 76.57  ? 40  SER A CB  1 
ATOM   302  O  OG  . SER A 1 56  ? -25.620 -8.570  0.574   1.00 76.74  ? 40  SER A OG  1 
ATOM   303  N  N   . LEU A 1 57  ? -22.175 -11.263 0.222   1.00 73.68  ? 41  LEU A N   1 
ATOM   304  C  CA  . LEU A 1 57  ? -20.762 -11.608 0.213   1.00 72.67  ? 41  LEU A CA  1 
ATOM   305  C  C   . LEU A 1 57  ? -20.361 -11.832 -1.221  1.00 72.73  ? 41  LEU A C   1 
ATOM   306  O  O   . LEU A 1 57  ? -19.248 -11.503 -1.616  1.00 72.97  ? 41  LEU A O   1 
ATOM   307  C  CB  . LEU A 1 57  ? -20.448 -12.873 1.003   1.00 71.93  ? 41  LEU A CB  1 
ATOM   308  C  CG  . LEU A 1 57  ? -18.974 -13.263 0.834   1.00 69.43  ? 41  LEU A CG  1 
ATOM   309  C  CD1 . LEU A 1 57  ? -18.094 -12.262 1.531   1.00 69.62  ? 41  LEU A CD1 1 
ATOM   310  C  CD2 . LEU A 1 57  ? -18.688 -14.611 1.395   1.00 67.24  ? 41  LEU A CD2 1 
ATOM   311  N  N   . SER A 1 58  ? -21.282 -12.371 -2.008  1.00 72.33  ? 42  SER A N   1 
ATOM   312  C  CA  . SER A 1 58  ? -20.952 -12.764 -3.370  1.00 73.02  ? 42  SER A CA  1 
ATOM   313  C  C   . SER A 1 58  ? -20.909 -11.630 -4.390  1.00 73.93  ? 42  SER A C   1 
ATOM   314  O  O   . SER A 1 58  ? -20.015 -11.583 -5.227  1.00 72.79  ? 42  SER A O   1 
ATOM   315  C  CB  . SER A 1 58  ? -21.902 -13.840 -3.869  1.00 72.62  ? 42  SER A CB  1 
ATOM   316  O  OG  . SER A 1 58  ? -21.261 -14.545 -4.913  1.00 71.86  ? 42  SER A OG  1 
ATOM   317  N  N   . GLN A 1 59  ? -21.909 -10.759 -4.367  1.00 75.53  ? 43  GLN A N   1 
ATOM   318  C  CA  . GLN A 1 59  ? -21.899 -9.616  -5.251  1.00 76.84  ? 43  GLN A CA  1 
ATOM   319  C  C   . GLN A 1 59  ? -20.603 -8.915  -4.940  1.00 75.90  ? 43  GLN A C   1 
ATOM   320  O  O   . GLN A 1 59  ? -19.737 -8.798  -5.805  1.00 76.51  ? 43  GLN A O   1 
ATOM   321  C  CB  . GLN A 1 59  ? -23.086 -8.718  -4.961  1.00 78.40  ? 43  GLN A CB  1 
ATOM   322  C  CG  . GLN A 1 59  ? -24.387 -9.395  -5.320  1.00 85.49  ? 43  GLN A CG  1 
ATOM   323  C  CD  . GLN A 1 59  ? -25.591 -8.736  -4.685  1.00 96.47  ? 43  GLN A CD  1 
ATOM   324  O  OE1 . GLN A 1 59  ? -25.462 -7.764  -3.936  1.00 102.20 ? 43  GLN A OE1 1 
ATOM   325  N  NE2 . GLN A 1 59  ? -26.781 -9.266  -4.980  1.00 96.98  ? 43  GLN A NE2 1 
ATOM   326  N  N   . ALA A 1 60  ? -20.453 -8.524  -3.677  1.00 73.79  ? 44  ALA A N   1 
ATOM   327  C  CA  . ALA A 1 60  ? -19.246 -7.875  -3.186  1.00 71.44  ? 44  ALA A CA  1 
ATOM   328  C  C   . ALA A 1 60  ? -17.981 -8.410  -3.829  1.00 69.47  ? 44  ALA A C   1 
ATOM   329  O  O   . ALA A 1 60  ? -17.244 -7.669  -4.470  1.00 69.49  ? 44  ALA A O   1 
ATOM   330  C  CB  . ALA A 1 60  ? -19.160 -7.979  -1.680  1.00 71.47  ? 44  ALA A CB  1 
ATOM   331  N  N   . ILE A 1 61  ? -17.706 -9.687  -3.664  1.00 67.10  ? 45  ILE A N   1 
ATOM   332  C  CA  . ILE A 1 61  ? -16.432 -10.172 -4.151  1.00 66.34  ? 45  ILE A CA  1 
ATOM   333  C  C   . ILE A 1 61  ? -16.263 -9.874  -5.621  1.00 67.30  ? 45  ILE A C   1 
ATOM   334  O  O   . ILE A 1 61  ? -15.176 -9.534  -6.046  1.00 68.57  ? 45  ILE A O   1 
ATOM   335  C  CB  . ILE A 1 61  ? -16.221 -11.682 -3.971  1.00 65.63  ? 45  ILE A CB  1 
ATOM   336  C  CG1 . ILE A 1 61  ? -15.801 -12.020 -2.532  1.00 63.93  ? 45  ILE A CG1 1 
ATOM   337  C  CG2 . ILE A 1 61  ? -15.157 -12.140 -4.942  1.00 64.31  ? 45  ILE A CG2 1 
ATOM   338  C  CD1 . ILE A 1 61  ? -15.669 -13.519 -2.234  1.00 57.47  ? 45  ILE A CD1 1 
ATOM   339  N  N   . ILE A 1 62  ? -17.307 -10.010 -6.421  1.00 67.83  ? 46  ILE A N   1 
ATOM   340  C  CA  . ILE A 1 62  ? -17.064 -9.875  -7.852  1.00 69.31  ? 46  ILE A CA  1 
ATOM   341  C  C   . ILE A 1 62  ? -17.020 -8.419  -8.318  1.00 70.54  ? 46  ILE A C   1 
ATOM   342  O  O   . ILE A 1 62  ? -16.244 -8.055  -9.178  1.00 70.99  ? 46  ILE A O   1 
ATOM   343  C  CB  . ILE A 1 62  ? -18.043 -10.694 -8.700  1.00 69.46  ? 46  ILE A CB  1 
ATOM   344  C  CG1 . ILE A 1 62  ? -17.391 -11.011 -10.046 1.00 72.65  ? 46  ILE A CG1 1 
ATOM   345  C  CG2 . ILE A 1 62  ? -19.370 -9.951  -8.862  1.00 68.09  ? 46  ILE A CG2 1 
ATOM   346  C  CD1 . ILE A 1 62  ? -17.946 -12.242 -10.709 1.00 82.11  ? 46  ILE A CD1 1 
ATOM   347  N  N   . GLU A 1 63  ? -17.845 -7.585  -7.720  1.00 72.93  ? 47  GLU A N   1 
ATOM   348  C  CA  . GLU A 1 63  ? -17.945 -6.214  -8.144  1.00 75.77  ? 47  GLU A CA  1 
ATOM   349  C  C   . GLU A 1 63  ? -16.679 -5.432  -7.793  1.00 76.66  ? 47  GLU A C   1 
ATOM   350  O  O   . GLU A 1 63  ? -16.225 -4.591  -8.581  1.00 77.94  ? 47  GLU A O   1 
ATOM   351  C  CB  . GLU A 1 63  ? -19.208 -5.594  -7.562  1.00 76.43  ? 47  GLU A CB  1 
ATOM   352  C  CG  . GLU A 1 63  ? -20.437 -6.361  -8.026  1.00 80.85  ? 47  GLU A CG  1 
ATOM   353  C  CD  . GLU A 1 63  ? -21.726 -5.837  -7.441  1.00 88.58  ? 47  GLU A CD  1 
ATOM   354  O  OE1 . GLU A 1 63  ? -22.799 -6.454  -7.716  1.00 91.74  ? 47  GLU A OE1 1 
ATOM   355  O  OE2 . GLU A 1 63  ? -21.650 -4.816  -6.705  1.00 86.31  ? 47  GLU A OE2 1 
ATOM   356  N  N   . ALA A 1 64  ? -16.082 -5.745  -6.644  1.00 76.92  ? 48  ALA A N   1 
ATOM   357  C  CA  . ALA A 1 64  ? -14.766 -5.222  -6.316  1.00 77.67  ? 48  ALA A CA  1 
ATOM   358  C  C   . ALA A 1 64  ? -13.716 -5.498  -7.395  1.00 78.12  ? 48  ALA A C   1 
ATOM   359  O  O   . ALA A 1 64  ? -12.903 -4.641  -7.675  1.00 78.91  ? 48  ALA A O   1 
ATOM   360  C  CB  . ALA A 1 64  ? -14.299 -5.761  -4.984  1.00 78.43  ? 48  ALA A CB  1 
ATOM   361  N  N   . LYS A 1 65  ? -13.703 -6.684  -7.988  1.00 78.37  ? 49  LYS A N   1 
ATOM   362  C  CA  . LYS A 1 65  ? -12.732 -6.957  -9.047  1.00 79.11  ? 49  LYS A CA  1 
ATOM   363  C  C   . LYS A 1 65  ? -12.961 -6.120  -10.300 1.00 80.24  ? 49  LYS A C   1 
ATOM   364  O  O   . LYS A 1 65  ? -12.050 -5.426  -10.738 1.00 81.62  ? 49  LYS A O   1 
ATOM   365  C  CB  . LYS A 1 65  ? -12.696 -8.434  -9.423  1.00 78.14  ? 49  LYS A CB  1 
ATOM   366  C  CG  . LYS A 1 65  ? -11.310 -8.976  -9.748  1.00 79.01  ? 49  LYS A CG  1 
ATOM   367  C  CD  . LYS A 1 65  ? -10.406 -7.892  -10.263 1.00 80.84  ? 49  LYS A CD  1 
ATOM   368  C  CE  . LYS A 1 65  ? -9.814  -8.258  -11.610 1.00 78.91  ? 49  LYS A CE  1 
ATOM   369  N  NZ  . LYS A 1 65  ? -9.299  -9.647  -11.663 1.00 77.58  ? 49  LYS A NZ  1 
ATOM   370  N  N   . GLU A 1 66  ? -14.147 -6.170  -10.893 1.00 81.11  ? 50  GLU A N   1 
ATOM   371  C  CA  . GLU A 1 66  ? -14.348 -5.410  -12.125 1.00 86.86  ? 50  GLU A CA  1 
ATOM   372  C  C   . GLU A 1 66  ? -14.261 -3.892  -11.897 1.00 85.02  ? 50  GLU A C   1 
ATOM   373  O  O   . GLU A 1 66  ? -13.511 -3.188  -12.587 1.00 83.89  ? 50  GLU A O   1 
ATOM   374  C  CB  . GLU A 1 66  ? -15.660 -5.798  -12.807 1.00 110.41 ? 50  GLU A CB  1 
ATOM   375  C  CG  . GLU A 1 66  ? -16.257 -4.716  -13.745 1.00 186.92 ? 50  GLU A CG  1 
ATOM   376  C  CD  . GLU A 1 66  ? -15.461 -4.439  -15.043 1.00 115.96 ? 50  GLU A CD  1 
ATOM   377  O  OE1 . GLU A 1 66  ? -15.995 -4.753  -16.142 1.00 113.86 ? 50  GLU A OE1 1 
ATOM   378  O  OE2 . GLU A 1 66  ? -14.334 -3.872  -14.971 1.00 119.07 ? 50  GLU A OE2 1 
ATOM   379  N  N   . LYS A 1 67  ? -15.009 -3.391  -10.918 1.00 82.67  ? 51  LYS A N   1 
ATOM   380  C  CA  . LYS A 1 67  ? -15.006 -1.961  -10.624 1.00 81.81  ? 51  LYS A CA  1 
ATOM   381  C  C   . LYS A 1 67  ? -13.609 -1.389  -10.361 1.00 81.31  ? 51  LYS A C   1 
ATOM   382  O  O   . LYS A 1 67  ? -13.371 -0.198  -10.607 1.00 81.27  ? 51  LYS A O   1 
ATOM   383  C  CB  . LYS A 1 67  ? -15.872 -1.636  -9.411  1.00 81.23  ? 51  LYS A CB  1 
ATOM   384  C  CG  . LYS A 1 67  ? -17.317 -2.038  -9.493  1.00 83.47  ? 51  LYS A CG  1 
ATOM   385  C  CD  . LYS A 1 67  ? -18.120 -1.232  -8.481  1.00 86.22  ? 51  LYS A CD  1 
ATOM   386  C  CE  . LYS A 1 67  ? -19.567 -1.703  -8.372  1.00 91.03  ? 51  LYS A CE  1 
ATOM   387  N  NZ  . LYS A 1 67  ? -20.362 -0.878  -7.400  1.00 95.33  ? 51  LYS A NZ  1 
ATOM   388  N  N   . LEU A 1 68  ? -12.706 -2.212  -9.823  1.00 80.95  ? 52  LEU A N   1 
ATOM   389  C  CA  . LEU A 1 68  ? -11.381 -1.742  -9.440  1.00 79.92  ? 52  LEU A CA  1 
ATOM   390  C  C   . LEU A 1 68  ? -10.800 -0.870  -10.531 1.00 79.67  ? 52  LEU A C   1 
ATOM   391  O  O   . LEU A 1 68  ? -10.973 -1.147  -11.716 1.00 80.36  ? 52  LEU A O   1 
ATOM   392  C  CB  . LEU A 1 68  ? -10.423 -2.907  -9.209  1.00 79.90  ? 52  LEU A CB  1 
ATOM   393  C  CG  . LEU A 1 68  ? -8.974  -2.538  -8.865  1.00 76.91  ? 52  LEU A CG  1 
ATOM   394  C  CD1 . LEU A 1 68  ? -8.904  -1.990  -7.455  1.00 82.86  ? 52  LEU A CD1 1 
ATOM   395  C  CD2 . LEU A 1 68  ? -8.062  -3.735  -9.023  1.00 69.74  ? 52  LEU A CD2 1 
ATOM   396  N  N   . ARG A 1 69  ? -10.113 0.191   -10.136 1.00 78.37  ? 53  ARG A N   1 
ATOM   397  C  CA  . ARG A 1 69  ? -9.313  0.958   -11.093 1.00 76.44  ? 53  ARG A CA  1 
ATOM   398  C  C   . ARG A 1 69  ? -8.220  1.749   -10.391 1.00 74.62  ? 53  ARG A C   1 
ATOM   399  O  O   . ARG A 1 69  ? -8.228  1.860   -9.172  1.00 74.66  ? 53  ARG A O   1 
ATOM   400  C  CB  . ARG A 1 69  ? -10.162 1.819   -12.070 1.00 77.02  ? 53  ARG A CB  1 
ATOM   401  C  CG  . ARG A 1 69  ? -11.233 2.748   -11.491 1.00 76.46  ? 53  ARG A CG  1 
ATOM   402  C  CD  . ARG A 1 69  ? -12.188 3.214   -12.605 1.00 82.05  ? 53  ARG A CD  1 
ATOM   403  N  NE  . ARG A 1 69  ? -11.480 3.611   -13.830 1.00 87.15  ? 53  ARG A NE  1 
ATOM   404  C  CZ  . ARG A 1 69  ? -11.923 4.524   -14.703 1.00 90.68  ? 53  ARG A CZ  1 
ATOM   405  N  NH1 . ARG A 1 69  ? -11.204 4.821   -15.783 1.00 91.66  ? 53  ARG A NH1 1 
ATOM   406  N  NH2 . ARG A 1 69  ? -13.083 5.152   -14.501 1.00 90.44  ? 53  ARG A NH2 1 
ATOM   407  N  N   . TYR A 1 70  ? -7.271  2.266   -11.165 1.00 73.48  ? 54  TYR A N   1 
ATOM   408  C  CA  . TYR A 1 70  ? -6.085  2.921   -10.595 1.00 73.14  ? 54  TYR A CA  1 
ATOM   409  C  C   . TYR A 1 70  ? -5.943  4.404   -10.909 1.00 72.50  ? 54  TYR A C   1 
ATOM   410  O  O   . TYR A 1 70  ? -5.677  4.768   -12.061 1.00 74.13  ? 54  TYR A O   1 
ATOM   411  C  CB  . TYR A 1 70  ? -4.820  2.226   -11.072 1.00 72.67  ? 54  TYR A CB  1 
ATOM   412  C  CG  . TYR A 1 70  ? -4.591  0.896   -10.437 1.00 71.62  ? 54  TYR A CG  1 
ATOM   413  C  CD1 . TYR A 1 70  ? -4.121  0.818   -9.137  1.00 72.51  ? 54  TYR A CD1 1 
ATOM   414  C  CD2 . TYR A 1 70  ? -4.823  -0.277  -11.134 1.00 70.51  ? 54  TYR A CD2 1 
ATOM   415  C  CE1 . TYR A 1 70  ? -3.893  -0.387  -8.539  1.00 72.62  ? 54  TYR A CE1 1 
ATOM   416  C  CE2 . TYR A 1 70  ? -4.594  -1.491  -10.550 1.00 73.00  ? 54  TYR A CE2 1 
ATOM   417  C  CZ  . TYR A 1 70  ? -4.129  -1.545  -9.243  1.00 72.77  ? 54  TYR A CZ  1 
ATOM   418  O  OH  . TYR A 1 70  ? -3.895  -2.751  -8.634  1.00 71.59  ? 54  TYR A OH  1 
ATOM   419  N  N   . CYS A 1 71  ? -6.078  5.245   -9.883  1.00 70.39  ? 55  CYS A N   1 
ATOM   420  C  CA  . CYS A 1 71  ? -6.104  6.703   -10.062 1.00 68.26  ? 55  CYS A CA  1 
ATOM   421  C  C   . CYS A 1 71  ? -5.100  7.175   -11.123 1.00 67.32  ? 55  CYS A C   1 
ATOM   422  O  O   . CYS A 1 71  ? -3.938  6.791   -11.091 1.00 65.83  ? 55  CYS A O   1 
ATOM   423  C  CB  . CYS A 1 71  ? -5.920  7.392   -8.708  1.00 67.93  ? 55  CYS A CB  1 
ATOM   424  S  SG  . CYS A 1 71  ? -5.196  9.004   -8.792  1.00 69.10  ? 55  CYS A SG  1 
ATOM   425  N  N   . LYS A 1 72  ? -5.576  7.960   -12.088 1.00 67.42  ? 56  LYS A N   1 
ATOM   426  C  CA  . LYS A 1 72  ? -4.751  8.392   -13.234 1.00 68.27  ? 56  LYS A CA  1 
ATOM   427  C  C   . LYS A 1 72  ? -3.750  9.467   -12.822 1.00 67.62  ? 56  LYS A C   1 
ATOM   428  O  O   . LYS A 1 72  ? -2.792  9.768   -13.546 1.00 66.97  ? 56  LYS A O   1 
ATOM   429  C  CB  . LYS A 1 72  ? -5.611  8.882   -14.406 1.00 68.72  ? 56  LYS A CB  1 
ATOM   430  C  CG  . LYS A 1 72  ? -6.211  7.757   -15.266 1.00 73.30  ? 56  LYS A CG  1 
ATOM   431  C  CD  . LYS A 1 72  ? -5.111  6.918   -15.902 1.00 80.52  ? 56  LYS A CD  1 
ATOM   432  C  CE  . LYS A 1 72  ? -5.664  5.617   -16.474 1.00 87.30  ? 56  LYS A CE  1 
ATOM   433  N  NZ  . LYS A 1 72  ? -5.931  4.559   -15.422 1.00 89.75  ? 56  LYS A NZ  1 
ATOM   434  N  N   . ILE A 1 73  ? -4.003  10.016  -11.634 1.00 67.06  ? 57  ILE A N   1 
ATOM   435  C  CA  . ILE A 1 73  ? -3.126  10.943  -10.926 1.00 66.03  ? 57  ILE A CA  1 
ATOM   436  C  C   . ILE A 1 73  ? -2.089  10.274  -9.989  1.00 65.23  ? 57  ILE A C   1 
ATOM   437  O  O   . ILE A 1 73  ? -0.896  10.520  -10.123 1.00 65.94  ? 57  ILE A O   1 
ATOM   438  C  CB  . ILE A 1 73  ? -3.953  11.942  -10.100 1.00 65.46  ? 57  ILE A CB  1 
ATOM   439  C  CG1 . ILE A 1 73  ? -4.685  12.863  -11.031 1.00 65.65  ? 57  ILE A CG1 1 
ATOM   440  C  CG2 . ILE A 1 73  ? -3.076  12.796  -9.269  1.00 66.39  ? 57  ILE A CG2 1 
ATOM   441  C  CD1 . ILE A 1 73  ? -3.802  13.345  -12.107 1.00 71.17  ? 57  ILE A CD1 1 
ATOM   442  N  N   . CYS A 1 74  ? -2.521  9.466   -9.024  1.00 62.68  ? 58  CYS A N   1 
ATOM   443  C  CA  . CYS A 1 74  ? -1.559  8.937   -8.027  1.00 60.22  ? 58  CYS A CA  1 
ATOM   444  C  C   . CYS A 1 74  ? -1.397  7.426   -8.038  1.00 57.21  ? 58  CYS A C   1 
ATOM   445  O  O   . CYS A 1 74  ? -0.533  6.900   -7.340  1.00 54.95  ? 58  CYS A O   1 
ATOM   446  C  CB  . CYS A 1 74  ? -1.901  9.381   -6.599  1.00 60.88  ? 58  CYS A CB  1 
ATOM   447  S  SG  . CYS A 1 74  ? -3.219  8.386   -5.927  1.00 59.94  ? 58  CYS A SG  1 
ATOM   448  N  N   . PHE A 1 75  ? -2.219  6.737   -8.809  1.00 55.06  ? 59  PHE A N   1 
ATOM   449  C  CA  . PHE A 1 75  ? -1.998  5.316   -9.006  1.00 56.18  ? 59  PHE A CA  1 
ATOM   450  C  C   . PHE A 1 75  ? -2.314  4.501   -7.778  1.00 56.35  ? 59  PHE A C   1 
ATOM   451  O  O   . PHE A 1 75  ? -1.883  3.372   -7.654  1.00 55.14  ? 59  PHE A O   1 
ATOM   452  C  CB  . PHE A 1 75  ? -0.602  5.039   -9.530  1.00 56.23  ? 59  PHE A CB  1 
ATOM   453  C  CG  . PHE A 1 75  ? -0.311  5.800   -10.767 1.00 58.93  ? 59  PHE A CG  1 
ATOM   454  C  CD1 . PHE A 1 75  ? -0.804  5.351   -11.993 1.00 62.66  ? 59  PHE A CD1 1 
ATOM   455  C  CD2 . PHE A 1 75  ? 0.358   7.018   -10.717 1.00 62.33  ? 59  PHE A CD2 1 
ATOM   456  C  CE1 . PHE A 1 75  ? -0.599  6.071   -13.160 1.00 66.00  ? 59  PHE A CE1 1 
ATOM   457  C  CE2 . PHE A 1 75  ? 0.573   7.750   -11.881 1.00 68.47  ? 59  PHE A CE2 1 
ATOM   458  C  CZ  . PHE A 1 75  ? 0.092   7.276   -13.104 1.00 70.00  ? 59  PHE A CZ  1 
ATOM   459  N  N   . ASN A 1 76  ? -3.115  5.074   -6.891  1.00 58.58  ? 60  ASN A N   1 
ATOM   460  C  CA  . ASN A 1 76  ? -3.757  4.318   -5.831  1.00 59.63  ? 60  ASN A CA  1 
ATOM   461  C  C   . ASN A 1 76  ? -4.977  3.565   -6.359  1.00 61.18  ? 60  ASN A C   1 
ATOM   462  O  O   . ASN A 1 76  ? -5.526  3.891   -7.414  1.00 61.98  ? 60  ASN A O   1 
ATOM   463  C  CB  . ASN A 1 76  ? -4.191  5.260   -4.713  1.00 57.92  ? 60  ASN A CB  1 
ATOM   464  C  CG  . ASN A 1 76  ? -4.635  4.524   -3.459  1.00 62.38  ? 60  ASN A CG  1 
ATOM   465  O  OD1 . ASN A 1 76  ? -4.252  3.374   -3.211  1.00 61.36  ? 60  ASN A OD1 1 
ATOM   466  N  ND2 . ASN A 1 76  ? -5.440  5.191   -2.651  1.00 60.50  ? 60  ASN A ND2 1 
ATOM   467  N  N   . ILE A 1 77  ? -5.388  2.536   -5.633  1.00 62.49  ? 61  ILE A N   1 
ATOM   468  C  CA  . ILE A 1 77  ? -6.610  1.836   -5.947  1.00 64.44  ? 61  ILE A CA  1 
ATOM   469  C  C   . ILE A 1 77  ? -7.806  2.721   -5.690  1.00 66.83  ? 61  ILE A C   1 
ATOM   470  O  O   . ILE A 1 77  ? -7.868  3.421   -4.686  1.00 66.88  ? 61  ILE A O   1 
ATOM   471  C  CB  . ILE A 1 77  ? -6.723  0.621   -5.058  1.00 63.90  ? 61  ILE A CB  1 
ATOM   472  C  CG1 . ILE A 1 77  ? -6.152  -0.579  -5.786  1.00 64.86  ? 61  ILE A CG1 1 
ATOM   473  C  CG2 . ILE A 1 77  ? -8.161  0.360   -4.621  1.00 65.11  ? 61  ILE A CG2 1 
ATOM   474  C  CD1 . ILE A 1 77  ? -5.084  -1.223  -5.004  1.00 71.19  ? 61  ILE A CD1 1 
ATOM   475  N  N   . THR A 1 78  ? -8.764  2.692   -6.600  1.00 69.35  ? 62  THR A N   1 
ATOM   476  C  CA  . THR A 1 78  ? -10.017 3.389   -6.374  1.00 72.19  ? 62  THR A CA  1 
ATOM   477  C  C   . THR A 1 78  ? -11.035 2.958   -7.419  1.00 74.28  ? 62  THR A C   1 
ATOM   478  O  O   . THR A 1 78  ? -10.716 2.192   -8.327  1.00 73.15  ? 62  THR A O   1 
ATOM   479  C  CB  . THR A 1 78  ? -9.813  4.883   -6.476  1.00 72.42  ? 62  THR A CB  1 
ATOM   480  O  OG1 . THR A 1 78  ? -10.937 5.553   -5.892  1.00 75.36  ? 62  THR A OG1 1 
ATOM   481  C  CG2 . THR A 1 78  ? -9.660  5.276   -7.950  1.00 70.95  ? 62  THR A CG2 1 
ATOM   482  N  N   . ASP A 1 79  ? -12.259 3.452   -7.293  1.00 76.75  ? 63  ASP A N   1 
ATOM   483  C  CA  . ASP A 1 79  ? -13.324 3.033   -8.188  1.00 80.42  ? 63  ASP A CA  1 
ATOM   484  C  C   . ASP A 1 79  ? -13.609 4.081   -9.286  1.00 80.10  ? 63  ASP A C   1 
ATOM   485  O  O   . ASP A 1 79  ? -14.143 3.753   -10.346 1.00 80.72  ? 63  ASP A O   1 
ATOM   486  C  CB  . ASP A 1 79  ? -14.574 2.665   -7.378  1.00 82.91  ? 63  ASP A CB  1 
ATOM   487  C  CG  . ASP A 1 79  ? -14.326 1.464   -6.407  1.00 92.36  ? 63  ASP A CG  1 
ATOM   488  O  OD1 . ASP A 1 79  ? -13.448 0.608   -6.703  1.00 99.86  ? 63  ASP A OD1 1 
ATOM   489  O  OD2 . ASP A 1 79  ? -14.992 1.374   -5.338  1.00 99.56  ? 63  ASP A OD2 1 
ATOM   490  N  N   . LYS A 1 80  ? -13.213 5.329   -9.049  1.00 80.20  ? 64  LYS A N   1 
ATOM   491  C  CA  . LYS A 1 80  ? -13.428 6.411   -10.010 1.00 80.17  ? 64  LYS A CA  1 
ATOM   492  C  C   . LYS A 1 80  ? -12.223 6.628   -10.927 1.00 79.89  ? 64  LYS A C   1 
ATOM   493  O  O   . LYS A 1 80  ? -11.215 5.945   -10.812 1.00 80.01  ? 64  LYS A O   1 
ATOM   494  C  CB  . LYS A 1 80  ? -13.718 7.706   -9.267  1.00 79.93  ? 64  LYS A CB  1 
ATOM   495  C  CG  . LYS A 1 80  ? -14.407 7.516   -7.921  1.00 80.30  ? 64  LYS A CG  1 
ATOM   496  C  CD  . LYS A 1 80  ? -14.057 8.655   -6.990  1.00 84.53  ? 64  LYS A CD  1 
ATOM   497  C  CE  . LYS A 1 80  ? -13.851 9.961   -7.784  1.00 89.03  ? 64  LYS A CE  1 
ATOM   498  N  NZ  . LYS A 1 80  ? -12.897 10.940  -7.163  1.00 86.87  ? 64  LYS A NZ  1 
ATOM   499  N  N   . GLU A 1 81  ? -12.331 7.597   -11.830 1.00 79.71  ? 65  GLU A N   1 
ATOM   500  C  CA  . GLU A 1 81  ? -11.262 7.877   -12.786 1.00 79.10  ? 65  GLU A CA  1 
ATOM   501  C  C   . GLU A 1 81  ? -10.068 8.511   -12.104 1.00 78.15  ? 65  GLU A C   1 
ATOM   502  O  O   . GLU A 1 81  ? -8.923  8.268   -12.496 1.00 78.97  ? 65  GLU A O   1 
ATOM   503  C  CB  . GLU A 1 81  ? -11.760 8.795   -13.899 1.00 79.22  ? 65  GLU A CB  1 
ATOM   504  C  CG  . GLU A 1 81  ? -11.246 8.440   -15.288 1.00 83.63  ? 65  GLU A CG  1 
ATOM   505  C  CD  . GLU A 1 81  ? -12.254 8.795   -16.367 1.00 94.07  ? 65  GLU A CD  1 
ATOM   506  O  OE1 . GLU A 1 81  ? -13.175 9.585   -16.063 1.00 97.87  ? 65  GLU A OE1 1 
ATOM   507  O  OE2 . GLU A 1 81  ? -12.134 8.276   -17.500 1.00 95.05  ? 65  GLU A OE2 1 
ATOM   508  N  N   . VAL A 1 82  ? -10.335 9.322   -11.084 1.00 77.43  ? 66  VAL A N   1 
ATOM   509  C  CA  . VAL A 1 82  ? -9.275  9.924   -10.294 1.00 75.98  ? 66  VAL A CA  1 
ATOM   510  C  C   . VAL A 1 82  ? -9.649  9.726   -8.857  1.00 75.99  ? 66  VAL A C   1 
ATOM   511  O  O   . VAL A 1 82  ? -10.817 9.820   -8.492  1.00 72.80  ? 66  VAL A O   1 
ATOM   512  C  CB  . VAL A 1 82  ? -9.082  11.453  -10.570 1.00 75.93  ? 66  VAL A CB  1 
ATOM   513  C  CG1 . VAL A 1 82  ? -9.997  12.288  -9.687  1.00 75.06  ? 66  VAL A CG1 1 
ATOM   514  C  CG2 . VAL A 1 82  ? -7.666  11.850  -10.292 1.00 75.48  ? 66  VAL A CG2 1 
ATOM   515  N  N   . CYS A 1 83  ? -8.638  9.465   -8.039  1.00 77.59  ? 67  CYS A N   1 
ATOM   516  C  CA  . CYS A 1 83  ? -8.858  9.093   -6.661  1.00 78.74  ? 67  CYS A CA  1 
ATOM   517  C  C   . CYS A 1 83  ? -9.440  10.220  -5.820  1.00 80.37  ? 67  CYS A C   1 
ATOM   518  O  O   . CYS A 1 83  ? -9.399  11.394  -6.183  1.00 81.30  ? 67  CYS A O   1 
ATOM   519  C  CB  . CYS A 1 83  ? -7.563  8.616   -6.045  1.00 77.77  ? 67  CYS A CB  1 
ATOM   520  S  SG  . CYS A 1 83  ? -6.938  9.760   -4.816  1.00 81.69  ? 67  CYS A SG  1 
ATOM   521  N  N   . ASP A 1 84  ? -9.944  9.826   -4.664  1.00 82.48  ? 68  ASP A N   1 
ATOM   522  C  CA  . ASP A 1 84  ? -10.707 10.666  -3.756  1.00 84.64  ? 68  ASP A CA  1 
ATOM   523  C  C   . ASP A 1 84  ? -9.859  11.688  -3.079  1.00 84.35  ? 68  ASP A C   1 
ATOM   524  O  O   . ASP A 1 84  ? -10.297 12.816  -2.856  1.00 84.63  ? 68  ASP A O   1 
ATOM   525  C  CB  . ASP A 1 84  ? -11.281 9.788   -2.647  1.00 86.02  ? 68  ASP A CB  1 
ATOM   526  C  CG  . ASP A 1 84  ? -12.806 9.743   -2.644  1.00 91.03  ? 68  ASP A CG  1 
ATOM   527  O  OD1 . ASP A 1 84  ? -13.434 10.236  -3.614  1.00 100.54 ? 68  ASP A OD1 1 
ATOM   528  O  OD2 . ASP A 1 84  ? -13.372 9.196   -1.664  1.00 97.89  ? 68  ASP A OD2 1 
ATOM   529  N  N   . ILE A 1 85  ? -8.668  11.259  -2.682  1.00 84.95  ? 69  ILE A N   1 
ATOM   530  C  CA  . ILE A 1 85  ? -7.682  12.172  -2.140  1.00 85.53  ? 69  ILE A CA  1 
ATOM   531  C  C   . ILE A 1 85  ? -7.420  13.218  -3.184  1.00 86.70  ? 69  ILE A C   1 
ATOM   532  O  O   . ILE A 1 85  ? -7.810  14.363  -3.036  1.00 86.78  ? 69  ILE A O   1 
ATOM   533  C  CB  . ILE A 1 85  ? -6.341  11.495  -1.905  1.00 85.02  ? 69  ILE A CB  1 
ATOM   534  C  CG1 . ILE A 1 85  ? -6.536  10.110  -1.269  1.00 84.97  ? 69  ILE A CG1 1 
ATOM   535  C  CG2 . ILE A 1 85  ? -5.452  12.404  -1.074  1.00 83.24  ? 69  ILE A CG2 1 
ATOM   536  C  CD1 . ILE A 1 85  ? -7.091  10.123  0.141   1.00 85.39  ? 69  ILE A CD1 1 
ATOM   537  N  N   . CYS A 1 86  ? -6.743  12.805  -4.245  1.00 87.70  ? 70  CYS A N   1 
ATOM   538  C  CA  . CYS A 1 86  ? -6.445  13.708  -5.332  1.00 90.97  ? 70  CYS A CA  1 
ATOM   539  C  C   . CYS A 1 86  ? -7.539  14.761  -5.452  1.00 93.89  ? 70  CYS A C   1 
ATOM   540  O  O   . CYS A 1 86  ? -7.425  15.857  -4.909  1.00 94.93  ? 70  CYS A O   1 
ATOM   541  C  CB  . CYS A 1 86  ? -6.277  12.931  -6.627  1.00 90.78  ? 70  CYS A CB  1 
ATOM   542  S  SG  . CYS A 1 86  ? -4.899  11.808  -6.576  1.00 87.29  ? 70  CYS A SG  1 
ATOM   543  N  N   . SER A 1 87  ? -8.606  14.440  -6.166  1.00 96.72  ? 71  SER A N   1 
ATOM   544  C  CA  . SER A 1 87  ? -9.741  15.339  -6.224  1.00 99.54  ? 71  SER A CA  1 
ATOM   545  C  C   . SER A 1 87  ? -10.315 15.471  -4.820  1.00 101.94 ? 71  SER A C   1 
ATOM   546  O  O   . SER A 1 87  ? -11.314 14.829  -4.485  1.00 102.36 ? 71  SER A O   1 
ATOM   547  C  CB  . SER A 1 87  ? -10.793 14.771  -7.157  1.00 98.92  ? 71  SER A CB  1 
ATOM   548  O  OG  . SER A 1 87  ? -11.107 13.454  -6.755  1.00 98.89  ? 71  SER A OG  1 
ATOM   549  N  N   . ASP A 1 88  ? -9.654  16.268  -3.982  1.00 104.75 ? 72  ASP A N   1 
ATOM   550  C  CA  . ASP A 1 88  ? -10.231 16.650  -2.699  1.00 108.37 ? 72  ASP A CA  1 
ATOM   551  C  C   . ASP A 1 88  ? -10.343 18.146  -2.575  1.00 110.57 ? 72  ASP A C   1 
ATOM   552  O  O   . ASP A 1 88  ? -11.422 18.656  -2.307  1.00 112.14 ? 72  ASP A O   1 
ATOM   553  C  CB  . ASP A 1 88  ? -9.457  16.121  -1.504  1.00 108.52 ? 72  ASP A CB  1 
ATOM   554  C  CG  . ASP A 1 88  ? -10.212 16.338  -0.202  1.00 110.05 ? 72  ASP A CG  1 
ATOM   555  O  OD1 . ASP A 1 88  ? -11.294 15.735  -0.052  1.00 113.48 ? 72  ASP A OD1 1 
ATOM   556  O  OD2 . ASP A 1 88  ? -9.736  17.111  0.654   1.00 110.49 ? 72  ASP A OD2 1 
ATOM   557  N  N   . GLU A 1 89  ? -9.224  18.841  -2.757  1.00 112.16 ? 73  GLU A N   1 
ATOM   558  C  CA  . GLU A 1 89  ? -9.173  20.304  -2.676  1.00 113.19 ? 73  GLU A CA  1 
ATOM   559  C  C   . GLU A 1 89  ? -8.693  20.743  -1.300  1.00 112.52 ? 73  GLU A C   1 
ATOM   560  O  O   . GLU A 1 89  ? -7.853  21.643  -1.170  1.00 114.93 ? 73  GLU A O   1 
ATOM   561  C  CB  . GLU A 1 89  ? -10.520 20.947  -3.032  1.00 116.22 ? 73  GLU A CB  1 
ATOM   562  C  CG  . GLU A 1 89  ? -10.632 22.430  -2.689  1.00 122.93 ? 73  GLU A CG  1 
ATOM   563  C  CD  . GLU A 1 89  ? -11.509 23.195  -3.672  1.00 130.34 ? 73  GLU A CD  1 
ATOM   564  O  OE1 . GLU A 1 89  ? -12.124 22.537  -4.537  1.00 133.93 ? 73  GLU A OE1 1 
ATOM   565  O  OE2 . GLU A 1 89  ? -11.569 24.445  -3.583  1.00 132.03 ? 73  GLU A OE2 1 
ATOM   566  N  N   . ASN A 1 90  ? -9.212  20.081  -0.274  1.00 111.52 ? 74  ASN A N   1 
ATOM   567  C  CA  . ASN A 1 90  ? -8.802  20.346  1.105   1.00 112.82 ? 74  ASN A CA  1 
ATOM   568  C  C   . ASN A 1 90  ? -7.441  19.734  1.448   1.00 109.67 ? 74  ASN A C   1 
ATOM   569  O  O   . ASN A 1 90  ? -7.123  19.511  2.615   1.00 110.82 ? 74  ASN A O   1 
ATOM   570  C  CB  . ASN A 1 90  ? -9.865  19.828  2.083   1.00 116.86 ? 74  ASN A CB  1 
ATOM   571  C  CG  . ASN A 1 90  ? -11.031 20.799  2.271   1.00 120.36 ? 74  ASN A CG  1 
ATOM   572  O  OD1 . ASN A 1 90  ? -11.179 21.774  1.529   1.00 120.05 ? 74  ASN A OD1 1 
ATOM   573  N  ND2 . ASN A 1 90  ? -11.869 20.529  3.274   1.00 129.60 ? 74  ASN A ND2 1 
ATOM   574  N  N   . ARG A 1 91  ? -6.631  19.465  0.435   1.00 105.39 ? 75  ARG A N   1 
ATOM   575  C  CA  . ARG A 1 91  ? -5.398  18.747  0.686   1.00 101.80 ? 75  ARG A CA  1 
ATOM   576  C  C   . ARG A 1 91  ? -4.253  19.307  -0.130  1.00 99.43  ? 75  ARG A C   1 
ATOM   577  O  O   . ARG A 1 91  ? -4.435  19.733  -1.267  1.00 99.04  ? 75  ARG A O   1 
ATOM   578  C  CB  . ARG A 1 91  ? -5.597  17.259  0.394   1.00 101.90 ? 75  ARG A CB  1 
ATOM   579  C  CG  . ARG A 1 91  ? -6.780  16.659  1.107   1.00 99.77  ? 75  ARG A CG  1 
ATOM   580  C  CD  . ARG A 1 91  ? -6.818  15.198  0.862   1.00 96.26  ? 75  ARG A CD  1 
ATOM   581  N  NE  . ARG A 1 91  ? -5.548  14.578  1.226   1.00 95.00  ? 75  ARG A NE  1 
ATOM   582  C  CZ  . ARG A 1 91  ? -5.402  13.714  2.226   1.00 93.87  ? 75  ARG A CZ  1 
ATOM   583  N  NH1 . ARG A 1 91  ? -6.449  13.375  2.962   1.00 93.90  ? 75  ARG A NH1 1 
ATOM   584  N  NH2 . ARG A 1 91  ? -4.213  13.183  2.491   1.00 93.45  ? 75  ARG A NH2 1 
ATOM   585  N  N   . ASP A 1 92  ? -3.069  19.283  0.466   1.00 96.17  ? 76  ASP A N   1 
ATOM   586  C  CA  . ASP A 1 92  ? -1.874  19.804  -0.171  1.00 92.86  ? 76  ASP A CA  1 
ATOM   587  C  C   . ASP A 1 92  ? -1.378  18.912  -1.294  1.00 89.80  ? 76  ASP A C   1 
ATOM   588  O  O   . ASP A 1 92  ? -0.844  17.824  -1.074  1.00 87.32  ? 76  ASP A O   1 
ATOM   589  C  CB  . ASP A 1 92  ? -0.762  20.021  0.856   1.00 93.23  ? 76  ASP A CB  1 
ATOM   590  C  CG  . ASP A 1 92  ? 0.452   20.692  0.255   1.00 92.84  ? 76  ASP A CG  1 
ATOM   591  O  OD1 . ASP A 1 92  ? 1.576   20.350  0.676   1.00 89.95  ? 76  ASP A OD1 1 
ATOM   592  O  OD2 . ASP A 1 92  ? 0.274   21.553  -0.641  1.00 90.91  ? 76  ASP A OD2 1 
ATOM   593  N  N   . HIS A 1 93  ? -1.546  19.393  -2.509  1.00 88.21  ? 77  HIS A N   1 
ATOM   594  C  CA  . HIS A 1 93  ? -1.097  18.641  -3.657  1.00 89.61  ? 77  HIS A CA  1 
ATOM   595  C  C   . HIS A 1 93  ? 0.330   18.976  -3.952  1.00 88.04  ? 77  HIS A C   1 
ATOM   596  O  O   . HIS A 1 93  ? 0.868   18.526  -4.953  1.00 89.12  ? 77  HIS A O   1 
ATOM   597  C  CB  . HIS A 1 93  ? -1.964  18.955  -4.869  1.00 91.28  ? 77  HIS A CB  1 
ATOM   598  C  CG  . HIS A 1 93  ? -3.337  18.375  -4.774  1.00 97.45  ? 77  HIS A CG  1 
ATOM   599  N  ND1 . HIS A 1 93  ? -4.123  18.512  -3.648  1.00 99.18  ? 77  HIS A ND1 1 
ATOM   600  C  CD2 . HIS A 1 93  ? -4.052  17.631  -5.648  1.00 101.69 ? 77  HIS A CD2 1 
ATOM   601  C  CE1 . HIS A 1 93  ? -5.272  17.886  -3.839  1.00 101.47 ? 77  HIS A CE1 1 
ATOM   602  N  NE2 . HIS A 1 93  ? -5.256  17.350  -5.048  1.00 103.45 ? 77  HIS A NE2 1 
ATOM   603  N  N   . SER A 1 94  ? 0.943   19.776  -3.087  1.00 86.21  ? 78  SER A N   1 
ATOM   604  C  CA  . SER A 1 94  ? 2.353   20.114  -3.249  1.00 84.51  ? 78  SER A CA  1 
ATOM   605  C  C   . SER A 1 94  ? 3.281   19.290  -2.327  1.00 82.94  ? 78  SER A C   1 
ATOM   606  O  O   . SER A 1 94  ? 4.502   19.303  -2.494  1.00 83.71  ? 78  SER A O   1 
ATOM   607  C  CB  . SER A 1 94  ? 2.586   21.618  -3.066  1.00 84.70  ? 78  SER A CB  1 
ATOM   608  O  OG  . SER A 1 94  ? 2.460   21.997  -1.707  1.00 86.11  ? 78  SER A OG  1 
ATOM   609  N  N   . THR A 1 95  ? 2.710   18.584  -1.356  1.00 79.74  ? 79  THR A N   1 
ATOM   610  C  CA  . THR A 1 95  ? 3.457   17.528  -0.699  1.00 77.20  ? 79  THR A CA  1 
ATOM   611  C  C   . THR A 1 95  ? 2.890   16.182  -1.146  1.00 74.21  ? 79  THR A C   1 
ATOM   612  O  O   . THR A 1 95  ? 1.696   15.889  -0.989  1.00 72.37  ? 79  THR A O   1 
ATOM   613  C  CB  . THR A 1 95  ? 3.474   17.638  0.841   1.00 77.87  ? 79  THR A CB  1 
ATOM   614  O  OG1 . THR A 1 95  ? 2.199   17.259  1.368   1.00 82.99  ? 79  THR A OG1 1 
ATOM   615  C  CG2 . THR A 1 95  ? 3.826   19.047  1.288   1.00 78.63  ? 79  THR A CG2 1 
ATOM   616  N  N   . ILE A 1 96  ? 3.787   15.388  -1.714  1.00 70.76  ? 80  ILE A N   1 
ATOM   617  C  CA  . ILE A 1 96  ? 3.485   14.086  -2.254  1.00 67.68  ? 80  ILE A CA  1 
ATOM   618  C  C   . ILE A 1 96  ? 4.130   13.014  -1.376  1.00 66.56  ? 80  ILE A C   1 
ATOM   619  O  O   . ILE A 1 96  ? 5.340   13.048  -1.132  1.00 67.72  ? 80  ILE A O   1 
ATOM   620  C  CB  . ILE A 1 96  ? 4.111   13.971  -3.629  1.00 66.74  ? 80  ILE A CB  1 
ATOM   621  C  CG1 . ILE A 1 96  ? 3.625   15.094  -4.532  1.00 67.71  ? 80  ILE A CG1 1 
ATOM   622  C  CG2 . ILE A 1 96  ? 3.827   12.621  -4.233  1.00 64.78  ? 80  ILE A CG2 1 
ATOM   623  C  CD1 . ILE A 1 96  ? 4.076   14.892  -5.969  1.00 73.05  ? 80  ILE A CD1 1 
ATOM   624  N  N   . CYS A 1 97  ? 3.359   12.051  -0.898  1.00 63.52  ? 81  CYS A N   1 
ATOM   625  C  CA  . CYS A 1 97  ? 3.984   11.010  -0.116  1.00 61.87  ? 81  CYS A CA  1 
ATOM   626  C  C   . CYS A 1 97  ? 4.188   9.715   -0.875  1.00 61.23  ? 81  CYS A C   1 
ATOM   627  O  O   . CYS A 1 97  ? 3.243   8.975   -1.127  1.00 60.87  ? 81  CYS A O   1 
ATOM   628  C  CB  . CYS A 1 97  ? 3.193   10.726  1.147   1.00 62.38  ? 81  CYS A CB  1 
ATOM   629  S  SG  . CYS A 1 97  ? 3.895   9.284   1.971   1.00 66.09  ? 81  CYS A SG  1 
ATOM   630  N  N   . VAL A 1 98  ? 5.440   9.423   -1.182  1.00 60.06  ? 82  VAL A N   1 
ATOM   631  C  CA  . VAL A 1 98  ? 5.760   8.259   -1.978  1.00 59.02  ? 82  VAL A CA  1 
ATOM   632  C  C   . VAL A 1 98  ? 5.840   6.961   -1.186  1.00 59.86  ? 82  VAL A C   1 
ATOM   633  O  O   . VAL A 1 98  ? 6.283   6.914   -0.037  1.00 60.26  ? 82  VAL A O   1 
ATOM   634  C  CB  . VAL A 1 98  ? 7.039   8.428   -2.745  1.00 57.67  ? 82  VAL A CB  1 
ATOM   635  C  CG1 . VAL A 1 98  ? 7.138   7.352   -3.806  1.00 58.75  ? 82  VAL A CG1 1 
ATOM   636  C  CG2 . VAL A 1 98  ? 7.031   9.776   -3.405  1.00 55.79  ? 82  VAL A CG2 1 
ATOM   637  N  N   . VAL A 1 99  ? 5.455   5.900   -1.878  1.00 60.30  ? 83  VAL A N   1 
ATOM   638  C  CA  . VAL A 1 99  ? 5.002   4.688   -1.269  1.00 60.23  ? 83  VAL A CA  1 
ATOM   639  C  C   . VAL A 1 99  ? 5.085   3.620   -2.327  1.00 60.79  ? 83  VAL A C   1 
ATOM   640  O  O   . VAL A 1 99  ? 5.035   3.908   -3.525  1.00 60.12  ? 83  VAL A O   1 
ATOM   641  C  CB  . VAL A 1 99  ? 3.562   4.885   -0.866  1.00 58.65  ? 83  VAL A CB  1 
ATOM   642  C  CG1 . VAL A 1 99  ? 2.733   3.735   -1.342  1.00 58.66  ? 83  VAL A CG1 1 
ATOM   643  C  CG2 . VAL A 1 99  ? 3.479   5.088   0.630   1.00 59.55  ? 83  VAL A CG2 1 
ATOM   644  N  N   . SER A 1 100 ? 5.242   2.376   -1.917  1.00 61.74  ? 84  SER A N   1 
ATOM   645  C  CA  . SER A 1 100 ? 5.431   1.369   -2.946  1.00 65.34  ? 84  SER A CA  1 
ATOM   646  C  C   . SER A 1 100 ? 4.206   0.527   -3.259  1.00 67.50  ? 84  SER A C   1 
ATOM   647  O  O   . SER A 1 100 ? 4.123   -0.042  -4.337  1.00 68.72  ? 84  SER A O   1 
ATOM   648  C  CB  . SER A 1 100 ? 6.626   0.489   -2.634  1.00 65.31  ? 84  SER A CB  1 
ATOM   649  O  OG  . SER A 1 100 ? 7.621   0.658   -3.632  1.00 63.87  ? 84  SER A OG  1 
ATOM   650  N  N   . HIS A 1 101 ? 3.254   0.467   -2.328  1.00 69.36  ? 85  HIS A N   1 
ATOM   651  C  CA  . HIS A 1 101 ? 2.116   -0.457  -2.439  1.00 71.07  ? 85  HIS A CA  1 
ATOM   652  C  C   . HIS A 1 101 ? 0.834   0.168   -1.866  1.00 70.09  ? 85  HIS A C   1 
ATOM   653  O  O   . HIS A 1 101 ? 0.843   0.686   -0.746  1.00 69.82  ? 85  HIS A O   1 
ATOM   654  C  CB  . HIS A 1 101 ? 2.431   -1.781  -1.731  1.00 72.98  ? 85  HIS A CB  1 
ATOM   655  C  CG  . HIS A 1 101 ? 1.269   -2.732  -1.694  1.00 81.88  ? 85  HIS A CG  1 
ATOM   656  N  ND1 . HIS A 1 101 ? 0.194   -2.552  -0.846  1.00 86.15  ? 85  HIS A ND1 1 
ATOM   657  C  CD2 . HIS A 1 101 ? 1.007   -3.860  -2.400  1.00 86.21  ? 85  HIS A CD2 1 
ATOM   658  C  CE1 . HIS A 1 101 ? -0.682  -3.527  -1.034  1.00 86.74  ? 85  HIS A CE1 1 
ATOM   659  N  NE2 . HIS A 1 101 ? -0.211  -4.333  -1.973  1.00 87.81  ? 85  HIS A NE2 1 
ATOM   660  N  N   . PRO A 1 102 ? -0.276  0.114   -2.626  1.00 69.29  ? 86  PRO A N   1 
ATOM   661  C  CA  . PRO A 1 102 ? -1.487  0.882   -2.278  1.00 69.96  ? 86  PRO A CA  1 
ATOM   662  C  C   . PRO A 1 102 ? -2.010  0.738   -0.842  1.00 72.06  ? 86  PRO A C   1 
ATOM   663  O  O   . PRO A 1 102 ? -2.749  1.607   -0.383  1.00 72.31  ? 86  PRO A O   1 
ATOM   664  C  CB  . PRO A 1 102 ? -2.514  0.381   -3.286  1.00 68.17  ? 86  PRO A CB  1 
ATOM   665  C  CG  . PRO A 1 102 ? -1.692  -0.031  -4.455  1.00 66.58  ? 86  PRO A CG  1 
ATOM   666  C  CD  . PRO A 1 102 ? -0.407  -0.573  -3.921  1.00 68.22  ? 86  PRO A CD  1 
ATOM   667  N  N   . MET A 1 103 ? -1.640  -0.332  -0.148  1.00 74.65  ? 87  MET A N   1 
ATOM   668  C  CA  . MET A 1 103 ? -2.072  -0.518  1.233   1.00 78.06  ? 87  MET A CA  1 
ATOM   669  C  C   . MET A 1 103 ? -1.340  0.474   2.123   1.00 77.55  ? 87  MET A C   1 
ATOM   670  O  O   . MET A 1 103 ? -1.895  1.004   3.090   1.00 78.29  ? 87  MET A O   1 
ATOM   671  C  CB  . MET A 1 103 ? -1.816  -1.959  1.688   1.00 79.90  ? 87  MET A CB  1 
ATOM   672  C  CG  . MET A 1 103 ? -2.943  -2.941  1.341   1.00 87.85  ? 87  MET A CG  1 
ATOM   673  S  SD  . MET A 1 103 ? -3.468  -3.896  2.786   1.00 133.99 ? 87  MET A SD  1 
ATOM   674  C  CE  . MET A 1 103 ? -3.321  -2.663  4.083   1.00 103.73 ? 87  MET A CE  1 
ATOM   675  N  N   . ASP A 1 104 ? -0.085  0.720   1.765   1.00 76.85  ? 88  ASP A N   1 
ATOM   676  C  CA  . ASP A 1 104 ? 0.739   1.709   2.427   1.00 75.91  ? 88  ASP A CA  1 
ATOM   677  C  C   . ASP A 1 104 ? 0.027   3.041   2.541   1.00 73.59  ? 88  ASP A C   1 
ATOM   678  O  O   . ASP A 1 104 ? 0.297   3.799   3.450   1.00 73.44  ? 88  ASP A O   1 
ATOM   679  C  CB  . ASP A 1 104 ? 2.065   1.874   1.689   1.00 77.81  ? 88  ASP A CB  1 
ATOM   680  C  CG  . ASP A 1 104 ? 2.911   0.607   1.720   1.00 83.61  ? 88  ASP A CG  1 
ATOM   681  O  OD1 . ASP A 1 104 ? 4.131   0.709   1.445   1.00 90.30  ? 88  ASP A OD1 1 
ATOM   682  O  OD2 . ASP A 1 104 ? 2.350   -0.473  2.027   1.00 87.73  ? 88  ASP A OD2 1 
ATOM   683  N  N   . VAL A 1 105 ? -0.876  3.347   1.622   1.00 71.91  ? 89  VAL A N   1 
ATOM   684  C  CA  . VAL A 1 105 ? -1.593  4.617   1.713   1.00 71.58  ? 89  VAL A CA  1 
ATOM   685  C  C   . VAL A 1 105 ? -2.628  4.578   2.817   1.00 72.08  ? 89  VAL A C   1 
ATOM   686  O  O   . VAL A 1 105 ? -2.821  5.548   3.553   1.00 71.97  ? 89  VAL A O   1 
ATOM   687  C  CB  . VAL A 1 105 ? -2.343  4.943   0.443   1.00 70.62  ? 89  VAL A CB  1 
ATOM   688  C  CG1 . VAL A 1 105 ? -2.998  6.291   0.607   1.00 67.98  ? 89  VAL A CG1 1 
ATOM   689  C  CG2 . VAL A 1 105 ? -1.392  4.945   -0.727  1.00 72.23  ? 89  VAL A CG2 1 
ATOM   690  N  N   . VAL A 1 106 ? -3.316  3.452   2.894   1.00 73.21  ? 90  VAL A N   1 
ATOM   691  C  CA  . VAL A 1 106 ? -4.328  3.230   3.895   1.00 74.47  ? 90  VAL A CA  1 
ATOM   692  C  C   . VAL A 1 106 ? -3.680  3.199   5.268   1.00 75.75  ? 90  VAL A C   1 
ATOM   693  O  O   . VAL A 1 106 ? -4.275  3.627   6.253   1.00 77.45  ? 90  VAL A O   1 
ATOM   694  C  CB  . VAL A 1 106 ? -5.078  1.927   3.587   1.00 74.25  ? 90  VAL A CB  1 
ATOM   695  C  CG1 . VAL A 1 106 ? -5.556  1.260   4.858   1.00 73.30  ? 90  VAL A CG1 1 
ATOM   696  C  CG2 . VAL A 1 106 ? -6.218  2.218   2.636   1.00 74.92  ? 90  VAL A CG2 1 
ATOM   697  N  N   . ALA A 1 107 ? -2.458  2.690   5.339   1.00 76.97  ? 91  ALA A N   1 
ATOM   698  C  CA  . ALA A 1 107 ? -1.692  2.801   6.567   1.00 78.32  ? 91  ALA A CA  1 
ATOM   699  C  C   . ALA A 1 107 ? -1.452  4.298   6.834   1.00 80.64  ? 91  ALA A C   1 
ATOM   700  O  O   . ALA A 1 107 ? -1.880  4.846   7.853   1.00 80.55  ? 91  ALA A O   1 
ATOM   701  C  CB  . ALA A 1 107 ? -0.379  2.048   6.439   1.00 77.62  ? 91  ALA A CB  1 
ATOM   702  N  N   . MET A 1 108 ? -0.784  4.964   5.898   1.00 83.03  ? 92  MET A N   1 
ATOM   703  C  CA  . MET A 1 108 ? -0.481  6.373   6.039   1.00 85.43  ? 92  MET A CA  1 
ATOM   704  C  C   . MET A 1 108 ? -1.699  7.207   6.341   1.00 85.87  ? 92  MET A C   1 
ATOM   705  O  O   . MET A 1 108 ? -1.597  8.256   6.983   1.00 86.95  ? 92  MET A O   1 
ATOM   706  C  CB  . MET A 1 108 ? 0.165   6.906   4.765   1.00 85.73  ? 92  MET A CB  1 
ATOM   707  C  CG  . MET A 1 108 ? 1.616   6.552   4.667   1.00 91.30  ? 92  MET A CG  1 
ATOM   708  S  SD  . MET A 1 108 ? 2.327   6.546   6.326   1.00 138.08 ? 92  MET A SD  1 
ATOM   709  C  CE  . MET A 1 108 ? 2.154   8.274   6.771   1.00 93.37  ? 92  MET A CE  1 
ATOM   710  N  N   . GLU A 1 109 ? -2.848  6.756   5.856   1.00 86.67  ? 93  GLU A N   1 
ATOM   711  C  CA  . GLU A 1 109 ? -4.019  7.623   5.818   1.00 88.71  ? 93  GLU A CA  1 
ATOM   712  C  C   . GLU A 1 109 ? -4.842  7.563   7.112   1.00 90.14  ? 93  GLU A C   1 
ATOM   713  O  O   . GLU A 1 109 ? -5.759  8.365   7.332   1.00 90.73  ? 93  GLU A O   1 
ATOM   714  C  CB  . GLU A 1 109 ? -4.866  7.340   4.573   1.00 87.74  ? 93  GLU A CB  1 
ATOM   715  C  CG  . GLU A 1 109 ? -5.700  8.528   4.105   1.00 88.44  ? 93  GLU A CG  1 
ATOM   716  C  CD  . GLU A 1 109 ? -5.062  9.879   4.398   1.00 89.68  ? 93  GLU A CD  1 
ATOM   717  O  OE1 . GLU A 1 109 ? -4.843  10.650  3.429   1.00 83.57  ? 93  GLU A OE1 1 
ATOM   718  O  OE2 . GLU A 1 109 ? -4.798  10.183  5.593   1.00 93.08  ? 93  GLU A OE2 1 
ATOM   719  N  N   . LYS A 1 110 ? -4.485  6.633   7.984   1.00 91.51  ? 94  LYS A N   1 
ATOM   720  C  CA  . LYS A 1 110 ? -5.166  6.510   9.262   1.00 92.75  ? 94  LYS A CA  1 
ATOM   721  C  C   . LYS A 1 110 ? -4.390  7.347   10.267  1.00 94.20  ? 94  LYS A C   1 
ATOM   722  O  O   . LYS A 1 110 ? -4.689  7.368   11.462  1.00 94.87  ? 94  LYS A O   1 
ATOM   723  C  CB  . LYS A 1 110 ? -5.247  5.043   9.688   1.00 91.79  ? 94  LYS A CB  1 
ATOM   724  N  N   . VAL A 1 111 ? -3.389  8.057   9.760   1.00 95.53  ? 95  VAL A N   1 
ATOM   725  C  CA  . VAL A 1 111 ? -2.586  8.946   10.590  1.00 96.76  ? 95  VAL A CA  1 
ATOM   726  C  C   . VAL A 1 111 ? -3.378  10.167  11.003  1.00 98.17  ? 95  VAL A C   1 
ATOM   727  O  O   . VAL A 1 111 ? -3.182  10.680  12.089  1.00 99.80  ? 95  VAL A O   1 
ATOM   728  C  CB  . VAL A 1 111 ? -1.270  9.373   9.911   1.00 95.85  ? 95  VAL A CB  1 
ATOM   729  C  CG1 . VAL A 1 111 ? -0.878  10.775  10.348  1.00 96.42  ? 95  VAL A CG1 1 
ATOM   730  C  CG2 . VAL A 1 111 ? -0.184  8.410   10.291  1.00 95.64  ? 95  VAL A CG2 1 
ATOM   731  N  N   . LYS A 1 112 ? -4.277  10.623  10.143  1.00 98.90  ? 96  LYS A N   1 
ATOM   732  C  CA  . LYS A 1 112 ? -5.153  11.751  10.462  1.00 99.73  ? 96  LYS A CA  1 
ATOM   733  C  C   . LYS A 1 112 ? -4.411  13.082  10.671  1.00 99.22  ? 96  LYS A C   1 
ATOM   734  O  O   . LYS A 1 112 ? -5.004  14.064  11.121  1.00 100.07 ? 96  LYS A O   1 
ATOM   735  C  CB  . LYS A 1 112 ? -6.059  11.431  11.668  1.00 100.16 ? 96  LYS A CB  1 
ATOM   736  C  CG  . LYS A 1 112 ? -5.485  11.828  13.035  1.00 102.05 ? 96  LYS A CG  1 
ATOM   737  C  CD  . LYS A 1 112 ? -6.549  11.841  14.129  1.00 104.63 ? 96  LYS A CD  1 
ATOM   738  C  CE  . LYS A 1 112 ? -5.958  11.524  15.507  1.00 104.71 ? 96  LYS A CE  1 
ATOM   739  N  NZ  . LYS A 1 112 ? -4.874  12.462  15.967  1.00 103.93 ? 96  LYS A NZ  1 
ATOM   740  N  N   . GLU A 1 113 ? -3.123  13.124  10.343  1.00 97.90  ? 97  GLU A N   1 
ATOM   741  C  CA  . GLU A 1 113 ? -2.364  14.368  10.481  1.00 96.56  ? 97  GLU A CA  1 
ATOM   742  C  C   . GLU A 1 113 ? -1.485  14.664  9.268   1.00 95.46  ? 97  GLU A C   1 
ATOM   743  O  O   . GLU A 1 113 ? -0.600  15.530  9.323   1.00 96.30  ? 97  GLU A O   1 
ATOM   744  C  CB  . GLU A 1 113 ? -1.511  14.330  11.742  1.00 96.57  ? 97  GLU A CB  1 
ATOM   745  C  CG  . GLU A 1 113 ? -2.291  13.950  12.990  1.00 97.56  ? 97  GLU A CG  1 
ATOM   746  C  CD  . GLU A 1 113 ? -1.414  13.229  14.002  1.00 99.44  ? 97  GLU A CD  1 
ATOM   747  O  OE1 . GLU A 1 113 ? -1.572  13.436  15.232  1.00 100.61 ? 97  GLU A OE1 1 
ATOM   748  O  OE2 . GLU A 1 113 ? -0.556  12.440  13.551  1.00 101.17 ? 97  GLU A OE2 1 
ATOM   749  N  N   . TYR A 1 114 ? -1.713  13.919  8.188   1.00 92.91  ? 98  TYR A N   1 
ATOM   750  C  CA  . TYR A 1 114 ? -1.053  14.185  6.916   1.00 89.21  ? 98  TYR A CA  1 
ATOM   751  C  C   . TYR A 1 114 ? -2.093  14.812  6.022   1.00 87.70  ? 98  TYR A C   1 
ATOM   752  O  O   . TYR A 1 114 ? -3.257  14.385  5.995   1.00 86.96  ? 98  TYR A O   1 
ATOM   753  C  CB  . TYR A 1 114 ? -0.495  12.910  6.271   1.00 88.50  ? 98  TYR A CB  1 
ATOM   754  C  CG  . TYR A 1 114 ? 0.140   13.107  4.894   1.00 85.94  ? 98  TYR A CG  1 
ATOM   755  C  CD1 . TYR A 1 114 ? 1.413   13.648  4.756   1.00 84.50  ? 98  TYR A CD1 1 
ATOM   756  C  CD2 . TYR A 1 114 ? -0.527  12.729  3.733   1.00 81.92  ? 98  TYR A CD2 1 
ATOM   757  C  CE1 . TYR A 1 114 ? 1.985   13.819  3.498   1.00 80.29  ? 98  TYR A CE1 1 
ATOM   758  C  CE2 . TYR A 1 114 ? 0.046   12.900  2.480   1.00 79.78  ? 98  TYR A CE2 1 
ATOM   759  C  CZ  . TYR A 1 114 ? 1.294   13.440  2.371   1.00 78.08  ? 98  TYR A CZ  1 
ATOM   760  O  OH  . TYR A 1 114 ? 1.859   13.602  1.130   1.00 78.48  ? 98  TYR A OH  1 
ATOM   761  N  N   . LYS A 1 115 ? -1.675  15.833  5.294   1.00 86.28  ? 99  LYS A N   1 
ATOM   762  C  CA  . LYS A 1 115 ? -2.593  16.541  4.426   1.00 85.60  ? 99  LYS A CA  1 
ATOM   763  C  C   . LYS A 1 115 ? -2.102  16.664  2.983   1.00 83.08  ? 99  LYS A C   1 
ATOM   764  O  O   . LYS A 1 115 ? -2.751  17.322  2.153   1.00 84.20  ? 99  LYS A O   1 
ATOM   765  C  CB  . LYS A 1 115 ? -2.927  17.909  5.025   1.00 87.55  ? 99  LYS A CB  1 
ATOM   766  C  CG  . LYS A 1 115 ? -4.028  17.822  6.086   1.00 93.25  ? 99  LYS A CG  1 
ATOM   767  C  CD  . LYS A 1 115 ? -5.410  17.602  5.429   1.00 101.19 ? 99  LYS A CD  1 
ATOM   768  C  CE  . LYS A 1 115 ? -6.387  16.848  6.336   1.00 103.39 ? 99  LYS A CE  1 
ATOM   769  N  NZ  . LYS A 1 115 ? -6.045  15.388  6.411   1.00 103.55 ? 99  LYS A NZ  1 
ATOM   770  N  N   . GLY A 1 116 ? -0.976  16.013  2.684   1.00 79.94  ? 100 GLY A N   1 
ATOM   771  C  CA  . GLY A 1 116 ? -0.478  15.947  1.320   1.00 74.87  ? 100 GLY A CA  1 
ATOM   772  C  C   . GLY A 1 116 ? -1.222  14.879  0.515   1.00 71.97  ? 100 GLY A C   1 
ATOM   773  O  O   . GLY A 1 116 ? -2.108  14.187  1.024   1.00 71.17  ? 100 GLY A O   1 
ATOM   774  N  N   . VAL A 1 117 ? -0.867  14.767  -0.756  1.00 69.61  ? 101 VAL A N   1 
ATOM   775  C  CA  . VAL A 1 117 ? -1.375  13.721  -1.597  1.00 67.12  ? 101 VAL A CA  1 
ATOM   776  C  C   . VAL A 1 117 ? -0.320  12.640  -1.638  1.00 65.06  ? 101 VAL A C   1 
ATOM   777  O  O   . VAL A 1 117 ? 0.664   12.719  -0.921  1.00 65.17  ? 101 VAL A O   1 
ATOM   778  C  CB  . VAL A 1 117 ? -1.589  14.216  -3.017  1.00 67.81  ? 101 VAL A CB  1 
ATOM   779  C  CG1 . VAL A 1 117 ? -2.561  15.400  -3.044  1.00 68.81  ? 101 VAL A CG1 1 
ATOM   780  C  CG2 . VAL A 1 117 ? -0.248  14.566  -3.675  1.00 68.16  ? 101 VAL A CG2 1 
ATOM   781  N  N   . TYR A 1 118 ? -0.514  11.636  -2.486  1.00 61.66  ? 102 TYR A N   1 
ATOM   782  C  CA  . TYR A 1 118 ? 0.443   10.549  -2.566  1.00 59.24  ? 102 TYR A CA  1 
ATOM   783  C  C   . TYR A 1 118 ? 0.873   10.187  -3.965  1.00 57.57  ? 102 TYR A C   1 
ATOM   784  O  O   . TYR A 1 118 ? 0.326   10.639  -4.957  1.00 56.11  ? 102 TYR A O   1 
ATOM   785  C  CB  . TYR A 1 118 ? -0.155  9.286   -1.990  1.00 59.11  ? 102 TYR A CB  1 
ATOM   786  C  CG  . TYR A 1 118 ? -0.659  9.377   -0.573  1.00 58.18  ? 102 TYR A CG  1 
ATOM   787  C  CD1 . TYR A 1 118 ? -1.931  9.844   -0.292  1.00 64.91  ? 102 TYR A CD1 1 
ATOM   788  C  CD2 . TYR A 1 118 ? 0.118   8.939   0.486   1.00 56.64  ? 102 TYR A CD2 1 
ATOM   789  C  CE1 . TYR A 1 118 ? -2.410  9.894   1.013   1.00 62.34  ? 102 TYR A CE1 1 
ATOM   790  C  CE2 . TYR A 1 118 ? -0.357  8.970   1.789   1.00 60.20  ? 102 TYR A CE2 1 
ATOM   791  C  CZ  . TYR A 1 118 ? -1.617  9.451   2.045   1.00 61.78  ? 102 TYR A CZ  1 
ATOM   792  O  OH  . TYR A 1 118 ? -2.067  9.491   3.346   1.00 65.38  ? 102 TYR A OH  1 
ATOM   793  N  N   . HIS A 1 119 ? 1.838   9.291   -4.019  1.00 55.18  ? 103 HIS A N   1 
ATOM   794  C  CA  . HIS A 1 119 ? 2.170   8.643   -5.262  1.00 53.87  ? 103 HIS A CA  1 
ATOM   795  C  C   . HIS A 1 119 ? 2.513   7.174   -4.959  1.00 53.61  ? 103 HIS A C   1 
ATOM   796  O  O   . HIS A 1 119 ? 3.449   6.901   -4.177  1.00 55.02  ? 103 HIS A O   1 
ATOM   797  C  CB  . HIS A 1 119 ? 3.330   9.341   -5.951  1.00 51.68  ? 103 HIS A CB  1 
ATOM   798  C  CG  . HIS A 1 119 ? 3.616   8.799   -7.308  1.00 52.39  ? 103 HIS A CG  1 
ATOM   799  N  ND1 . HIS A 1 119 ? 3.125   9.384   -8.465  1.00 50.12  ? 103 HIS A ND1 1 
ATOM   800  C  CD2 . HIS A 1 119 ? 4.304   7.696   -7.702  1.00 52.14  ? 103 HIS A CD2 1 
ATOM   801  C  CE1 . HIS A 1 119 ? 3.514   8.671   -9.514  1.00 51.49  ? 103 HIS A CE1 1 
ATOM   802  N  NE2 . HIS A 1 119 ? 4.228   7.645   -9.080  1.00 52.76  ? 103 HIS A NE2 1 
ATOM   803  N  N   . VAL A 1 120 ? 1.753   6.238   -5.534  1.00 51.20  ? 104 VAL A N   1 
ATOM   804  C  CA  . VAL A 1 120 ? 2.150   4.848   -5.459  1.00 52.60  ? 104 VAL A CA  1 
ATOM   805  C  C   . VAL A 1 120 ? 3.088   4.496   -6.612  1.00 54.31  ? 104 VAL A C   1 
ATOM   806  O  O   . VAL A 1 120 ? 2.709   4.568   -7.762  1.00 52.72  ? 104 VAL A O   1 
ATOM   807  C  CB  . VAL A 1 120 ? 0.953   3.906   -5.546  1.00 51.77  ? 104 VAL A CB  1 
ATOM   808  C  CG1 . VAL A 1 120 ? 1.430   2.490   -5.460  1.00 52.40  ? 104 VAL A CG1 1 
ATOM   809  C  CG2 . VAL A 1 120 ? -0.030  4.183   -4.439  1.00 46.72  ? 104 VAL A CG2 1 
ATOM   810  N  N   . LEU A 1 121 ? 4.316   4.122   -6.304  1.00 58.76  ? 105 LEU A N   1 
ATOM   811  C  CA  . LEU A 1 121 ? 5.169   3.489   -7.285  1.00 65.16  ? 105 LEU A CA  1 
ATOM   812  C  C   . LEU A 1 121 ? 4.722   2.069   -7.283  1.00 70.54  ? 105 LEU A C   1 
ATOM   813  O  O   . LEU A 1 121 ? 4.617   1.433   -6.225  1.00 74.00  ? 105 LEU A O   1 
ATOM   814  C  CB  . LEU A 1 121 ? 6.607   3.522   -6.819  1.00 63.99  ? 105 LEU A CB  1 
ATOM   815  C  CG  . LEU A 1 121 ? 7.213   4.817   -6.309  1.00 65.40  ? 105 LEU A CG  1 
ATOM   816  C  CD1 . LEU A 1 121 ? 8.571   4.503   -5.805  1.00 65.48  ? 105 LEU A CD1 1 
ATOM   817  C  CD2 . LEU A 1 121 ? 7.297   5.813   -7.445  1.00 66.86  ? 105 LEU A CD2 1 
ATOM   818  N  N   . HIS A 1 122 ? 4.420   1.507   -8.431  1.00 75.81  ? 106 HIS A N   1 
ATOM   819  C  CA  . HIS A 1 122 ? 3.767   0.204   -8.318  1.00 80.58  ? 106 HIS A CA  1 
ATOM   820  C  C   . HIS A 1 122 ? 4.762   -0.890  -8.433  1.00 85.86  ? 106 HIS A C   1 
ATOM   821  O  O   . HIS A 1 122 ? 5.199   -1.405  -7.437  1.00 96.81  ? 106 HIS A O   1 
ATOM   822  C  CB  . HIS A 1 122 ? 2.617   0.071   -9.287  1.00 79.89  ? 106 HIS A CB  1 
ATOM   823  C  CG  . HIS A 1 122 ? 1.328   0.547   -8.709  1.00 77.45  ? 106 HIS A CG  1 
ATOM   824  N  ND1 . HIS A 1 122 ? 0.505   -0.281  -7.980  1.00 77.15  ? 106 HIS A ND1 1 
ATOM   825  C  CD2 . HIS A 1 122 ? 0.739   1.763   -8.716  1.00 73.19  ? 106 HIS A CD2 1 
ATOM   826  C  CE1 . HIS A 1 122 ? -0.556  0.400   -7.581  1.00 79.68  ? 106 HIS A CE1 1 
ATOM   827  N  NE2 . HIS A 1 122 ? -0.436  1.646   -8.016  1.00 77.49  ? 106 HIS A NE2 1 
ATOM   828  N  N   . GLY A 1 123 ? 5.138   -1.216  -9.657  1.00 91.61  ? 107 GLY A N   1 
ATOM   829  C  CA  . GLY A 1 123 ? 6.161   -2.209  -9.917  1.00 99.19  ? 107 GLY A CA  1 
ATOM   830  C  C   . GLY A 1 123 ? 7.477   -2.030  -9.163  1.00 103.75 ? 107 GLY A C   1 
ATOM   831  O  O   . GLY A 1 123 ? 8.457   -2.711  -9.461  1.00 106.89 ? 107 GLY A O   1 
ATOM   832  N  N   . VAL A 1 124 ? 7.540   -1.135  -8.184  1.00 111.30 ? 108 VAL A N   1 
ATOM   833  C  CA  . VAL A 1 124 ? 8.693   -1.189  -7.304  1.00 109.26 ? 108 VAL A CA  1 
ATOM   834  C  C   . VAL A 1 124 ? 8.609   -2.545  -6.595  1.00 112.42 ? 108 VAL A C   1 
ATOM   835  O  O   . VAL A 1 124 ? 9.582   -3.285  -6.552  1.00 113.46 ? 108 VAL A O   1 
ATOM   836  C  CB  . VAL A 1 124 ? 8.772   -0.012  -6.335  1.00 108.25 ? 108 VAL A CB  1 
ATOM   837  C  CG1 . VAL A 1 124 ? 10.198  0.164   -5.904  1.00 106.79 ? 108 VAL A CG1 1 
ATOM   838  C  CG2 . VAL A 1 124 ? 8.372   1.203   -7.036  1.00 109.39 ? 108 VAL A CG2 1 
ATOM   839  N  N   . ILE A 1 125 ? 7.423   -2.876  -6.092  1.00 115.79 ? 109 ILE A N   1 
ATOM   840  C  CA  . ILE A 1 125 ? 7.116   -4.225  -5.621  1.00 118.97 ? 109 ILE A CA  1 
ATOM   841  C  C   . ILE A 1 125 ? 6.613   -5.128  -6.762  1.00 121.32 ? 109 ILE A C   1 
ATOM   842  O  O   . ILE A 1 125 ? 5.407   -5.292  -6.947  1.00 120.73 ? 109 ILE A O   1 
ATOM   843  C  CB  . ILE A 1 125 ? 6.061   -4.186  -4.495  1.00 118.55 ? 109 ILE A CB  1 
ATOM   844  N  N   . SER A 1 126 ? 7.545   -5.694  -7.531  1.00 124.84 ? 110 SER A N   1 
ATOM   845  C  CA  . SER A 1 126 ? 7.203   -6.502  -8.707  1.00 128.56 ? 110 SER A CA  1 
ATOM   846  C  C   . SER A 1 126 ? 7.712   -7.935  -8.594  1.00 131.19 ? 110 SER A C   1 
ATOM   847  O  O   . SER A 1 126 ? 8.661   -8.315  -9.280  1.00 131.96 ? 110 SER A O   1 
ATOM   848  C  CB  . SER A 1 126 ? 7.737   -5.857  -9.995  1.00 128.27 ? 110 SER A CB  1 
ATOM   849  O  OG  . SER A 1 126 ? 9.157   -5.783  -9.969  1.00 128.35 ? 110 SER A OG  1 
ATOM   850  N  N   . PRO A 1 127 ? 7.072   -8.727  -7.714  1.00 133.90 ? 111 PRO A N   1 
ATOM   851  C  CA  . PRO A 1 127 ? 7.187   -10.113 -7.230  1.00 136.40 ? 111 PRO A CA  1 
ATOM   852  C  C   . PRO A 1 127 ? 6.795   -11.126 -8.301  1.00 137.96 ? 111 PRO A C   1 
ATOM   853  O  O   . PRO A 1 127 ? 7.581   -12.000 -8.682  1.00 138.23 ? 111 PRO A O   1 
ATOM   854  C  CB  . PRO A 1 127 ? 6.168   -10.161 -6.082  1.00 136.04 ? 111 PRO A CB  1 
ATOM   855  N  N   . ILE A 1 128 ? 5.554   -10.996 -8.758  1.00 140.30 ? 112 ILE A N   1 
ATOM   856  C  CA  . ILE A 1 128 ? 5.051   -11.705 -9.931  1.00 143.77 ? 112 ILE A CA  1 
ATOM   857  C  C   . ILE A 1 128 ? 4.184   -10.702 -10.678 1.00 146.80 ? 112 ILE A C   1 
ATOM   858  O  O   . ILE A 1 128 ? 3.228   -11.055 -11.369 1.00 154.04 ? 112 ILE A O   1 
ATOM   859  C  CB  . ILE A 1 128 ? 4.224   -12.952 -9.558  1.00 144.99 ? 112 ILE A CB  1 
ATOM   860  N  N   . GLU A 1 129 ? 4.550   -9.434  -10.517 1.00 142.57 ? 113 GLU A N   1 
ATOM   861  C  CA  . GLU A 1 129 ? 3.797   -8.310  -11.069 1.00 143.37 ? 113 GLU A CA  1 
ATOM   862  C  C   . GLU A 1 129 ? 3.451   -8.421  -12.555 1.00 147.10 ? 113 GLU A C   1 
ATOM   863  O  O   . GLU A 1 129 ? 3.731   -9.421  -13.214 1.00 151.13 ? 113 GLU A O   1 
ATOM   864  C  CB  . GLU A 1 129 ? 4.504   -6.982  -10.780 1.00 143.45 ? 113 GLU A CB  1 
ATOM   865  C  CG  . GLU A 1 129 ? 4.082   -6.364  -9.464  1.00 143.70 ? 113 GLU A CG  1 
ATOM   866  C  CD  . GLU A 1 129 ? 3.456   -5.004  -9.645  1.00 142.68 ? 113 GLU A CD  1 
ATOM   867  O  OE1 . GLU A 1 129 ? 3.937   -4.264  -10.520 1.00 142.99 ? 113 GLU A OE1 1 
ATOM   868  O  OE2 . GLU A 1 129 ? 2.487   -4.678  -8.926  1.00 140.51 ? 113 GLU A OE2 1 
ATOM   869  N  N   . GLY A 1 130 ? 2.838   -7.363  -13.067 1.00 146.53 ? 114 GLY A N   1 
ATOM   870  C  CA  . GLY A 1 130 ? 2.340   -7.354  -14.425 1.00 151.69 ? 114 GLY A CA  1 
ATOM   871  C  C   . GLY A 1 130 ? 1.155   -8.279  -14.582 1.00 162.36 ? 114 GLY A C   1 
ATOM   872  O  O   . GLY A 1 130 ? 0.956   -8.864  -15.622 1.00 167.41 ? 114 GLY A O   1 
ATOM   873  N  N   . VAL A 1 131 ? 0.365   -8.395  -13.520 1.00 166.03 ? 115 VAL A N   1 
ATOM   874  C  CA  . VAL A 1 131 ? -0.821  -9.260  -13.504 1.00 173.24 ? 115 VAL A CA  1 
ATOM   875  C  C   . VAL A 1 131 ? -1.906  -8.705  -14.414 1.00 177.34 ? 115 VAL A C   1 
ATOM   876  O  O   . VAL A 1 131 ? -2.819  -8.024  -13.941 1.00 178.40 ? 115 VAL A O   1 
ATOM   877  C  CB  . VAL A 1 131 ? -1.408  -9.446  -12.086 1.00 172.19 ? 115 VAL A CB  1 
ATOM   878  N  N   . GLY A 1 132 ? -1.831  -9.021  -15.708 1.00 176.36 ? 116 GLY A N   1 
ATOM   879  C  CA  . GLY A 1 132 ? -2.771  -8.466  -16.671 1.00 179.36 ? 116 GLY A CA  1 
ATOM   880  C  C   . GLY A 1 132 ? -2.339  -7.063  -17.051 1.00 178.05 ? 116 GLY A C   1 
ATOM   881  O  O   . GLY A 1 132 ? -3.064  -6.329  -17.709 1.00 176.68 ? 116 GLY A O   1 
ATOM   882  N  N   . PRO A 1 133 ? -1.148  -6.697  -16.588 1.00 174.04 ? 117 PRO A N   1 
ATOM   883  C  CA  . PRO A 1 133 ? -0.486  -5.477  -17.000 1.00 167.49 ? 117 PRO A CA  1 
ATOM   884  C  C   . PRO A 1 133 ? -0.185  -4.513  -15.868 1.00 157.28 ? 117 PRO A C   1 
ATOM   885  O  O   . PRO A 1 133 ? -0.534  -3.335  -15.958 1.00 152.07 ? 117 PRO A O   1 
ATOM   886  N  N   . GLU A 1 134 ? 0.444   -4.999  -14.797 1.00 158.66 ? 118 GLU A N   1 
ATOM   887  C  CA  . GLU A 1 134 ? 0.828   -4.124  -13.684 1.00 143.84 ? 118 GLU A CA  1 
ATOM   888  C  C   . GLU A 1 134 ? 2.306   -3.705  -13.720 1.00 134.68 ? 118 GLU A C   1 
ATOM   889  O  O   . GLU A 1 134 ? 3.210   -4.474  -13.369 1.00 133.14 ? 118 GLU A O   1 
ATOM   890  C  CB  . GLU A 1 134 ? 0.453   -4.729  -12.329 1.00 144.32 ? 118 GLU A CB  1 
ATOM   891  C  CG  . GLU A 1 134 ? 0.537   -3.705  -11.210 1.00 125.55 ? 118 GLU A CG  1 
ATOM   892  C  CD  . GLU A 1 134 ? -0.283  -2.451  -11.506 1.00 117.71 ? 118 GLU A CD  1 
ATOM   893  O  OE1 . GLU A 1 134 ? 0.247   -1.495  -12.120 1.00 115.67 ? 118 GLU A OE1 1 
ATOM   894  O  OE2 . GLU A 1 134 ? -1.469  -2.421  -11.121 1.00 118.78 ? 118 GLU A OE2 1 
ATOM   895  N  N   . ASP A 1 135 ? 2.521   -2.464  -14.149 1.00 128.66 ? 119 ASP A N   1 
ATOM   896  C  CA  . ASP A 1 135 ? 3.858   -1.946  -14.400 1.00 118.26 ? 119 ASP A CA  1 
ATOM   897  C  C   . ASP A 1 135 ? 4.183   -0.725  -13.514 1.00 99.25  ? 119 ASP A C   1 
ATOM   898  O  O   . ASP A 1 135 ? 3.287   -0.057  -12.984 1.00 98.46  ? 119 ASP A O   1 
ATOM   899  C  CB  . ASP A 1 135 ? 4.028   -1.630  -15.891 1.00 110.45 ? 119 ASP A CB  1 
ATOM   900  N  N   . ILE A 1 136 ? 5.476   -0.448  -13.368 1.00 93.30  ? 120 ILE A N   1 
ATOM   901  C  CA  . ILE A 1 136 ? 6.002   0.470   -12.358 1.00 86.55  ? 120 ILE A CA  1 
ATOM   902  C  C   . ILE A 1 136 ? 5.794   1.937   -12.735 1.00 81.57  ? 120 ILE A C   1 
ATOM   903  O  O   . ILE A 1 136 ? 5.700   2.247   -13.914 1.00 82.18  ? 120 ILE A O   1 
ATOM   904  C  CB  . ILE A 1 136 ? 7.488   0.192   -12.178 1.00 87.11  ? 120 ILE A CB  1 
ATOM   905  C  CG1 . ILE A 1 136 ? 8.066   1.048   -11.064 1.00 90.07  ? 120 ILE A CG1 1 
ATOM   906  C  CG2 . ILE A 1 136 ? 8.236   0.416   -13.482 1.00 85.39  ? 120 ILE A CG2 1 
ATOM   907  C  CD1 . ILE A 1 136 ? 9.511   0.712   -10.770 1.00 93.82  ? 120 ILE A CD1 1 
ATOM   908  N  N   . ARG A 1 137 ? 5.705   2.841   -11.759 1.00 75.58  ? 121 ARG A N   1 
ATOM   909  C  CA  . ARG A 1 137 ? 5.355   4.233   -12.067 1.00 70.30  ? 121 ARG A CA  1 
ATOM   910  C  C   . ARG A 1 137 ? 6.327   5.302   -11.565 1.00 67.88  ? 121 ARG A C   1 
ATOM   911  O  O   . ARG A 1 137 ? 5.931   6.205   -10.840 1.00 64.44  ? 121 ARG A O   1 
ATOM   912  C  CB  . ARG A 1 137 ? 3.979   4.575   -11.503 1.00 68.95  ? 121 ARG A CB  1 
ATOM   913  C  CG  . ARG A 1 137 ? 2.851   3.684   -11.939 1.00 69.13  ? 121 ARG A CG  1 
ATOM   914  C  CD  . ARG A 1 137 ? 2.837   3.516   -13.442 1.00 75.14  ? 121 ARG A CD  1 
ATOM   915  N  NE  . ARG A 1 137 ? 1.488   3.284   -13.960 1.00 73.65  ? 121 ARG A NE  1 
ATOM   916  C  CZ  . ARG A 1 137 ? 1.107   3.543   -15.215 1.00 77.17  ? 121 ARG A CZ  1 
ATOM   917  N  NH1 . ARG A 1 137 ? 1.969   4.042   -16.100 1.00 79.11  ? 121 ARG A NH1 1 
ATOM   918  N  NH2 . ARG A 1 137 ? -0.141  3.305   -15.595 1.00 76.27  ? 121 ARG A NH2 1 
ATOM   919  N  N   . ILE A 1 138 ? 7.588   5.225   -11.950 1.00 65.13  ? 122 ILE A N   1 
ATOM   920  C  CA  . ILE A 1 138 ? 8.555   6.188   -11.430 1.00 63.55  ? 122 ILE A CA  1 
ATOM   921  C  C   . ILE A 1 138 ? 8.555   7.416   -12.290 1.00 63.10  ? 122 ILE A C   1 
ATOM   922  O  O   . ILE A 1 138 ? 8.577   8.539   -11.795 1.00 60.86  ? 122 ILE A O   1 
ATOM   923  C  CB  . ILE A 1 138 ? 9.975   5.648   -11.441 1.00 63.36  ? 122 ILE A CB  1 
ATOM   924  C  CG1 . ILE A 1 138 ? 10.050  4.351   -10.653 1.00 63.92  ? 122 ILE A CG1 1 
ATOM   925  C  CG2 . ILE A 1 138 ? 10.913  6.658   -10.818 1.00 62.35  ? 122 ILE A CG2 1 
ATOM   926  C  CD1 . ILE A 1 138 ? 11.435  3.839   -10.518 1.00 69.72  ? 122 ILE A CD1 1 
ATOM   927  N  N   . LYS A 1 139 ? 8.503   7.170   -13.592 1.00 63.93  ? 123 LYS A N   1 
ATOM   928  C  CA  . LYS A 1 139 ? 8.474   8.226   -14.594 1.00 64.37  ? 123 LYS A CA  1 
ATOM   929  C  C   . LYS A 1 139 ? 7.394   9.263   -14.281 1.00 62.53  ? 123 LYS A C   1 
ATOM   930  O  O   . LYS A 1 139 ? 7.669   10.477  -14.198 1.00 62.13  ? 123 LYS A O   1 
ATOM   931  C  CB  . LYS A 1 139 ? 8.273   7.618   -15.989 1.00 64.72  ? 123 LYS A CB  1 
ATOM   932  C  CG  . LYS A 1 139 ? 8.457   8.599   -17.136 1.00 73.98  ? 123 LYS A CG  1 
ATOM   933  C  CD  . LYS A 1 139 ? 8.858   7.886   -18.452 1.00 84.68  ? 123 LYS A CD  1 
ATOM   934  C  CE  . LYS A 1 139 ? 8.331   6.421   -18.540 1.00 87.71  ? 123 LYS A CE  1 
ATOM   935  N  NZ  . LYS A 1 139 ? 8.808   5.625   -19.745 1.00 86.78  ? 123 LYS A NZ  1 
ATOM   936  N  N   . GLU A 1 140 ? 6.172   8.786   -14.090 1.00 60.30  ? 124 GLU A N   1 
ATOM   937  C  CA  . GLU A 1 140 ? 5.075   9.678   -13.754 1.00 59.45  ? 124 GLU A CA  1 
ATOM   938  C  C   . GLU A 1 140 ? 5.297   10.422  -12.447 1.00 57.43  ? 124 GLU A C   1 
ATOM   939  O  O   . GLU A 1 140 ? 4.744   11.512  -12.244 1.00 56.59  ? 124 GLU A O   1 
ATOM   940  C  CB  . GLU A 1 140 ? 3.738   8.915   -13.723 1.00 59.95  ? 124 GLU A CB  1 
ATOM   941  C  CG  . GLU A 1 140 ? 3.894   7.414   -13.611 1.00 65.62  ? 124 GLU A CG  1 
ATOM   942  C  CD  . GLU A 1 140 ? 4.074   6.727   -14.950 1.00 74.55  ? 124 GLU A CD  1 
ATOM   943  O  OE1 . GLU A 1 140 ? 5.078   5.988   -15.111 1.00 76.41  ? 124 GLU A OE1 1 
ATOM   944  O  OE2 . GLU A 1 140 ? 3.209   6.919   -15.831 1.00 71.80  ? 124 GLU A OE2 1 
ATOM   945  N  N   . LEU A 1 141 ? 6.101   9.851   -11.551 1.00 56.79  ? 125 LEU A N   1 
ATOM   946  C  CA  . LEU A 1 141 ? 6.399   10.555  -10.302 1.00 56.96  ? 125 LEU A CA  1 
ATOM   947  C  C   . LEU A 1 141 ? 7.251   11.764  -10.610 1.00 59.44  ? 125 LEU A C   1 
ATOM   948  O  O   . LEU A 1 141 ? 7.103   12.825  -9.996  1.00 61.16  ? 125 LEU A O   1 
ATOM   949  C  CB  . LEU A 1 141 ? 7.151   9.708   -9.291  1.00 54.78  ? 125 LEU A CB  1 
ATOM   950  C  CG  . LEU A 1 141 ? 7.621   10.696  -8.187  1.00 54.60  ? 125 LEU A CG  1 
ATOM   951  C  CD1 . LEU A 1 141 ? 6.487   11.601  -7.600  1.00 51.05  ? 125 LEU A CD1 1 
ATOM   952  C  CD2 . LEU A 1 141 ? 8.412   10.022  -7.076  1.00 52.13  ? 125 LEU A CD2 1 
ATOM   953  N  N   . LEU A 1 142 ? 8.161   11.590  -11.559 1.00 62.70  ? 126 LEU A N   1 
ATOM   954  C  CA  . LEU A 1 142 ? 8.995   12.684  -11.975 1.00 64.87  ? 126 LEU A CA  1 
ATOM   955  C  C   . LEU A 1 142 ? 8.126   13.727  -12.609 1.00 66.60  ? 126 LEU A C   1 
ATOM   956  O  O   . LEU A 1 142 ? 8.184   14.898  -12.236 1.00 67.76  ? 126 LEU A O   1 
ATOM   957  C  CB  . LEU A 1 142 ? 10.019  12.236  -13.006 1.00 64.75  ? 126 LEU A CB  1 
ATOM   958  C  CG  . LEU A 1 142 ? 11.007  11.164  -12.580 1.00 67.22  ? 126 LEU A CG  1 
ATOM   959  C  CD1 . LEU A 1 142 ? 12.161  11.157  -13.555 1.00 65.71  ? 126 LEU A CD1 1 
ATOM   960  C  CD2 . LEU A 1 142 ? 11.495  11.389  -11.159 1.00 68.27  ? 126 LEU A CD2 1 
ATOM   961  N  N   . GLU A 1 143 ? 7.328   13.317  -13.585 1.00 67.66  ? 127 GLU A N   1 
ATOM   962  C  CA  . GLU A 1 143 ? 6.636   14.323  -14.360 1.00 69.30  ? 127 GLU A CA  1 
ATOM   963  C  C   . GLU A 1 143 ? 5.711   15.092  -13.451 1.00 67.44  ? 127 GLU A C   1 
ATOM   964  O  O   . GLU A 1 143 ? 5.473   16.265  -13.662 1.00 66.08  ? 127 GLU A O   1 
ATOM   965  C  CB  . GLU A 1 143 ? 5.932   13.721  -15.570 1.00 70.62  ? 127 GLU A CB  1 
ATOM   966  C  CG  . GLU A 1 143 ? 6.926   13.178  -16.605 1.00 81.82  ? 127 GLU A CG  1 
ATOM   967  C  CD  . GLU A 1 143 ? 6.261   12.440  -17.788 1.00 97.29  ? 127 GLU A CD  1 
ATOM   968  O  OE1 . GLU A 1 143 ? 6.626   12.750  -18.952 1.00 104.57 ? 127 GLU A OE1 1 
ATOM   969  O  OE2 . GLU A 1 143 ? 5.401   11.547  -17.552 1.00 101.89 ? 127 GLU A OE2 1 
ATOM   970  N  N   . ARG A 1 144 ? 5.238   14.455  -12.391 1.00 67.02  ? 128 ARG A N   1 
ATOM   971  C  CA  . ARG A 1 144 ? 4.405   15.208  -11.466 1.00 67.36  ? 128 ARG A CA  1 
ATOM   972  C  C   . ARG A 1 144 ? 5.186   16.336  -10.829 1.00 68.75  ? 128 ARG A C   1 
ATOM   973  O  O   . ARG A 1 144 ? 4.644   17.430  -10.634 1.00 70.08  ? 128 ARG A O   1 
ATOM   974  C  CB  . ARG A 1 144 ? 3.794   14.328  -10.396 1.00 65.95  ? 128 ARG A CB  1 
ATOM   975  C  CG  . ARG A 1 144 ? 2.625   13.556  -10.904 1.00 59.58  ? 128 ARG A CG  1 
ATOM   976  C  CD  . ARG A 1 144 ? 2.094   12.607  -9.866  1.00 63.46  ? 128 ARG A CD  1 
ATOM   977  N  NE  . ARG A 1 144 ? 1.482   13.293  -8.733  1.00 57.71  ? 128 ARG A NE  1 
ATOM   978  C  CZ  . ARG A 1 144 ? 0.964   12.648  -7.694  1.00 61.14  ? 128 ARG A CZ  1 
ATOM   979  N  NH1 . ARG A 1 144 ? 0.992   11.320  -7.679  1.00 61.54  ? 128 ARG A NH1 1 
ATOM   980  N  NH2 . ARG A 1 144 ? 0.420   13.320  -6.684  1.00 65.05  ? 128 ARG A NH2 1 
ATOM   981  N  N   . VAL A 1 145 ? 6.450   16.055  -10.511 1.00 70.06  ? 129 VAL A N   1 
ATOM   982  C  CA  . VAL A 1 145 ? 7.379   17.033  -9.946  1.00 72.99  ? 129 VAL A CA  1 
ATOM   983  C  C   . VAL A 1 145 ? 7.962   17.976  -11.051 1.00 75.25  ? 129 VAL A C   1 
ATOM   984  O  O   . VAL A 1 145 ? 7.872   19.206  -10.954 1.00 75.35  ? 129 VAL A O   1 
ATOM   985  C  CB  . VAL A 1 145 ? 8.505   16.318  -9.110  1.00 72.63  ? 129 VAL A CB  1 
ATOM   986  C  CG1 . VAL A 1 145 ? 9.586   17.284  -8.665  1.00 73.18  ? 129 VAL A CG1 1 
ATOM   987  C  CG2 . VAL A 1 145 ? 7.920   15.619  -7.870  1.00 72.36  ? 129 VAL A CG2 1 
ATOM   988  N  N   . ARG A 1 146 ? 8.530   17.394  -12.108 1.00 77.08  ? 130 ARG A N   1 
ATOM   989  C  CA  . ARG A 1 146 ? 9.069   18.156  -13.242 1.00 78.74  ? 130 ARG A CA  1 
ATOM   990  C  C   . ARG A 1 146 ? 8.075   19.149  -13.833 1.00 79.65  ? 130 ARG A C   1 
ATOM   991  O  O   . ARG A 1 146 ? 8.468   20.083  -14.515 1.00 81.26  ? 130 ARG A O   1 
ATOM   992  C  CB  . ARG A 1 146 ? 9.543   17.200  -14.359 1.00 79.23  ? 130 ARG A CB  1 
ATOM   993  C  CG  . ARG A 1 146 ? 10.140  17.884  -15.615 1.00 82.05  ? 130 ARG A CG  1 
ATOM   994  C  CD  . ARG A 1 146 ? 10.290  16.909  -16.804 1.00 99.92  ? 130 ARG A CD  1 
ATOM   995  N  NE  . ARG A 1 146 ? 11.303  15.885  -16.613 1.00 106.22 ? 130 ARG A NE  1 
ATOM   996  C  CZ  . ARG A 1 146 ? 11.509  14.857  -17.438 1.00 126.96 ? 130 ARG A CZ  1 
ATOM   997  N  NH1 . ARG A 1 146 ? 10.768  14.723  -18.528 1.00 127.29 ? 130 ARG A NH1 1 
ATOM   998  N  NH2 . ARG A 1 146 ? 12.455  13.946  -17.167 1.00 132.52 ? 130 ARG A NH2 1 
ATOM   999  N  N   . ASP A 1 147 ? 6.783   18.947  -13.606 1.00 79.37  ? 131 ASP A N   1 
ATOM   1000 C  CA  . ASP A 1 147 ? 5.783   19.733  -14.334 1.00 79.82  ? 131 ASP A CA  1 
ATOM   1001 C  C   . ASP A 1 147 ? 4.752   20.331  -13.375 1.00 80.57  ? 131 ASP A C   1 
ATOM   1002 O  O   . ASP A 1 147 ? 3.747   20.913  -13.793 1.00 80.85  ? 131 ASP A O   1 
ATOM   1003 C  CB  . ASP A 1 147 ? 5.087   18.892  -15.435 1.00 78.09  ? 131 ASP A CB  1 
ATOM   1004 C  CG  . ASP A 1 147 ? 6.088   18.187  -16.390 1.00 82.19  ? 131 ASP A CG  1 
ATOM   1005 O  OD1 . ASP A 1 147 ? 5.668   17.310  -17.186 1.00 78.39  ? 131 ASP A OD1 1 
ATOM   1006 O  OD2 . ASP A 1 147 ? 7.305   18.495  -16.344 1.00 84.25  ? 131 ASP A OD2 1 
ATOM   1007 N  N   . GLY A 1 148 ? 4.999   20.189  -12.080 1.00 81.41  ? 132 GLY A N   1 
ATOM   1008 C  CA  . GLY A 1 148 ? 4.063   20.690  -11.096 1.00 84.82  ? 132 GLY A CA  1 
ATOM   1009 C  C   . GLY A 1 148 ? 4.724   21.808  -10.330 1.00 86.44  ? 132 GLY A C   1 
ATOM   1010 O  O   . GLY A 1 148 ? 5.623   22.480  -10.846 1.00 87.47  ? 132 GLY A O   1 
ATOM   1011 N  N   . SER A 1 149 ? 4.261   22.011  -9.100  1.00 87.33  ? 133 SER A N   1 
ATOM   1012 C  CA  . SER A 1 149 ? 4.903   22.907  -8.137  1.00 88.22  ? 133 SER A CA  1 
ATOM   1013 C  C   . SER A 1 149 ? 4.864   22.227  -6.769  1.00 87.50  ? 133 SER A C   1 
ATOM   1014 O  O   . SER A 1 149 ? 4.043   22.540  -5.908  1.00 86.88  ? 133 SER A O   1 
ATOM   1015 C  CB  . SER A 1 149 ? 4.194   24.264  -8.087  1.00 88.99  ? 133 SER A CB  1 
ATOM   1016 O  OG  . SER A 1 149 ? 2.995   24.162  -7.328  1.00 90.52  ? 133 SER A OG  1 
ATOM   1017 N  N   . VAL A 1 150 ? 5.762   21.272  -6.597  1.00 85.92  ? 134 VAL A N   1 
ATOM   1018 C  CA  . VAL A 1 150 ? 5.753   20.408  -5.443  1.00 84.85  ? 134 VAL A CA  1 
ATOM   1019 C  C   . VAL A 1 150 ? 6.772   20.934  -4.442  1.00 83.95  ? 134 VAL A C   1 
ATOM   1020 O  O   . VAL A 1 150 ? 7.898   21.246  -4.826  1.00 83.08  ? 134 VAL A O   1 
ATOM   1021 C  CB  . VAL A 1 150 ? 6.125   18.968  -5.876  1.00 85.00  ? 134 VAL A CB  1 
ATOM   1022 C  CG1 . VAL A 1 150 ? 6.221   18.045  -4.685  1.00 84.19  ? 134 VAL A CG1 1 
ATOM   1023 C  CG2 . VAL A 1 150 ? 5.122   18.431  -6.898  1.00 85.57  ? 134 VAL A CG2 1 
ATOM   1024 N  N   . LYS A 1 151 ? 6.374   21.048  -3.172  1.00 83.05  ? 135 LYS A N   1 
ATOM   1025 C  CA  . LYS A 1 151 ? 7.285   21.465  -2.091  1.00 82.19  ? 135 LYS A CA  1 
ATOM   1026 C  C   . LYS A 1 151 ? 8.180   20.334  -1.635  1.00 79.82  ? 135 LYS A C   1 
ATOM   1027 O  O   . LYS A 1 151 ? 9.394   20.368  -1.845  1.00 79.58  ? 135 LYS A O   1 
ATOM   1028 C  CB  . LYS A 1 151 ? 6.510   21.937  -0.866  1.00 83.21  ? 135 LYS A CB  1 
ATOM   1029 C  CG  . LYS A 1 151 ? 5.719   23.189  -1.086  1.00 88.57  ? 135 LYS A CG  1 
ATOM   1030 C  CD  . LYS A 1 151 ? 4.902   23.537  0.149   1.00 98.46  ? 135 LYS A CD  1 
ATOM   1031 C  CE  . LYS A 1 151 ? 4.052   24.783  -0.112  1.00 103.97 ? 135 LYS A CE  1 
ATOM   1032 N  NZ  . LYS A 1 151 ? 3.269   25.197  1.094   1.00 106.90 ? 135 LYS A NZ  1 
ATOM   1033 N  N   . GLU A 1 152 ? 7.584   19.347  -0.968  1.00 76.61  ? 136 GLU A N   1 
ATOM   1034 C  CA  . GLU A 1 152 ? 8.345   18.171  -0.569  1.00 73.80  ? 136 GLU A CA  1 
ATOM   1035 C  C   . GLU A 1 152 ? 7.822   16.826  -1.067  1.00 72.08  ? 136 GLU A C   1 
ATOM   1036 O  O   . GLU A 1 152 ? 6.661   16.679  -1.469  1.00 71.39  ? 136 GLU A O   1 
ATOM   1037 C  CB  . GLU A 1 152 ? 8.600   18.133  0.937   1.00 73.65  ? 136 GLU A CB  1 
ATOM   1038 C  CG  . GLU A 1 152 ? 7.435   18.426  1.843   1.00 76.75  ? 136 GLU A CG  1 
ATOM   1039 C  CD  . GLU A 1 152 ? 7.756   17.988  3.276   1.00 84.13  ? 136 GLU A CD  1 
ATOM   1040 O  OE1 . GLU A 1 152 ? 8.748   17.234  3.452   1.00 81.66  ? 136 GLU A OE1 1 
ATOM   1041 O  OE2 . GLU A 1 152 ? 7.023   18.378  4.218   1.00 86.08  ? 136 GLU A OE2 1 
ATOM   1042 N  N   . VAL A 1 153 ? 8.729   15.854  -1.039  1.00 70.73  ? 137 VAL A N   1 
ATOM   1043 C  CA  . VAL A 1 153 ? 8.432   14.495  -1.442  1.00 67.89  ? 137 VAL A CA  1 
ATOM   1044 C  C   . VAL A 1 153 ? 8.852   13.522  -0.347  1.00 67.14  ? 137 VAL A C   1 
ATOM   1045 O  O   . VAL A 1 153 ? 10.018  13.135  -0.270  1.00 69.31  ? 137 VAL A O   1 
ATOM   1046 C  CB  . VAL A 1 153 ? 9.168   14.113  -2.728  1.00 66.84  ? 137 VAL A CB  1 
ATOM   1047 C  CG1 . VAL A 1 153 ? 8.671   12.753  -3.211  1.00 66.63  ? 137 VAL A CG1 1 
ATOM   1048 C  CG2 . VAL A 1 153 ? 8.951   15.159  -3.784  1.00 63.45  ? 137 VAL A CG2 1 
ATOM   1049 N  N   . ILE A 1 154 ? 7.897   13.120  0.485   1.00 64.60  ? 138 ILE A N   1 
ATOM   1050 C  CA  . ILE A 1 154 ? 8.165   12.259  1.621   1.00 63.13  ? 138 ILE A CA  1 
ATOM   1051 C  C   . ILE A 1 154 ? 8.269   10.824  1.179   1.00 62.90  ? 138 ILE A C   1 
ATOM   1052 O  O   . ILE A 1 154 ? 7.293   10.256  0.717   1.00 63.86  ? 138 ILE A O   1 
ATOM   1053 C  CB  . ILE A 1 154 ? 7.003   12.309  2.571   1.00 62.31  ? 138 ILE A CB  1 
ATOM   1054 C  CG1 . ILE A 1 154 ? 6.787   13.735  3.056   1.00 61.93  ? 138 ILE A CG1 1 
ATOM   1055 C  CG2 . ILE A 1 154 ? 7.240   11.360  3.711   1.00 63.61  ? 138 ILE A CG2 1 
ATOM   1056 C  CD1 . ILE A 1 154 ? 5.464   13.914  3.769   1.00 62.00  ? 138 ILE A CD1 1 
ATOM   1057 N  N   . LEU A 1 155 ? 9.428   10.211  1.322   1.00 63.85  ? 139 LEU A N   1 
ATOM   1058 C  CA  . LEU A 1 155 ? 9.522   8.817   0.955   1.00 66.14  ? 139 LEU A CA  1 
ATOM   1059 C  C   . LEU A 1 155 ? 9.057   8.019   2.152   1.00 68.49  ? 139 LEU A C   1 
ATOM   1060 O  O   . LEU A 1 155 ? 9.762   7.984   3.154   1.00 70.53  ? 139 LEU A O   1 
ATOM   1061 C  CB  . LEU A 1 155 ? 10.958  8.440   0.654   1.00 64.66  ? 139 LEU A CB  1 
ATOM   1062 C  CG  . LEU A 1 155 ? 11.700  9.450   -0.194  1.00 63.74  ? 139 LEU A CG  1 
ATOM   1063 C  CD1 . LEU A 1 155 ? 13.033  8.894   -0.639  1.00 65.67  ? 139 LEU A CD1 1 
ATOM   1064 C  CD2 . LEU A 1 155 ? 10.844  9.779   -1.393  1.00 63.06  ? 139 LEU A CD2 1 
ATOM   1065 N  N   . ALA A 1 156 ? 7.886   7.392   2.073   1.00 70.70  ? 140 ALA A N   1 
ATOM   1066 C  CA  . ALA A 1 156 ? 7.423   6.516   3.142   1.00 73.07  ? 140 ALA A CA  1 
ATOM   1067 C  C   . ALA A 1 156 ? 7.500   5.066   2.709   1.00 75.09  ? 140 ALA A C   1 
ATOM   1068 O  O   . ALA A 1 156 ? 6.497   4.433   2.388   1.00 74.02  ? 140 ALA A O   1 
ATOM   1069 C  CB  . ALA A 1 156 ? 6.022   6.868   3.559   1.00 72.20  ? 140 ALA A CB  1 
ATOM   1070 N  N   . THR A 1 157 ? 8.713   4.541   2.713   1.00 80.63  ? 141 THR A N   1 
ATOM   1071 C  CA  . THR A 1 157 ? 8.965   3.170   2.276   1.00 86.21  ? 141 THR A CA  1 
ATOM   1072 C  C   . THR A 1 157 ? 9.645   2.323   3.407   1.00 88.97  ? 141 THR A C   1 
ATOM   1073 O  O   . THR A 1 157 ? 10.174  2.889   4.373   1.00 88.63  ? 141 THR A O   1 
ATOM   1074 C  CB  . THR A 1 157 ? 9.782   3.202   0.936   1.00 86.20  ? 141 THR A CB  1 
ATOM   1075 O  OG1 . THR A 1 157 ? 10.870  4.131   1.054   1.00 89.49  ? 141 THR A OG1 1 
ATOM   1076 C  CG2 . THR A 1 157 ? 8.912   3.697   -0.224  1.00 83.83  ? 141 THR A CG2 1 
ATOM   1077 N  N   . ASN A 1 158 ? 9.596   0.987   3.297   1.00 92.69  ? 142 ASN A N   1 
ATOM   1078 C  CA  . ASN A 1 158 ? 10.093  0.047   4.340   1.00 96.34  ? 142 ASN A CA  1 
ATOM   1079 C  C   . ASN A 1 158 ? 11.542  0.192   4.838   1.00 98.13  ? 142 ASN A C   1 
ATOM   1080 O  O   . ASN A 1 158 ? 12.452  0.460   4.059   1.00 98.66  ? 142 ASN A O   1 
ATOM   1081 C  CB  . ASN A 1 158 ? 9.922   -1.394  3.867   1.00 97.03  ? 142 ASN A CB  1 
ATOM   1082 C  CG  . ASN A 1 158 ? 8.480   -1.788  3.730   1.00 100.35 ? 142 ASN A CG  1 
ATOM   1083 O  OD1 . ASN A 1 158 ? 7.582   -0.993  4.006   1.00 103.12 ? 142 ASN A OD1 1 
ATOM   1084 N  ND2 . ASN A 1 158 ? 8.243   -3.021  3.288   1.00 102.87 ? 142 ASN A ND2 1 
ATOM   1085 N  N   . PRO A 1 159 ? 11.768  -0.019  6.147   1.00 100.21 ? 143 PRO A N   1 
ATOM   1086 C  CA  . PRO A 1 159 ? 13.143  -0.071  6.659   1.00 101.86 ? 143 PRO A CA  1 
ATOM   1087 C  C   . PRO A 1 159 ? 13.782  -1.374  6.198   1.00 103.50 ? 143 PRO A C   1 
ATOM   1088 O  O   . PRO A 1 159 ? 14.880  -1.756  6.601   1.00 104.16 ? 143 PRO A O   1 
ATOM   1089 C  CB  . PRO A 1 159 ? 12.956  -0.079  8.179   1.00 102.05 ? 143 PRO A CB  1 
ATOM   1090 C  CG  . PRO A 1 159 ? 11.548  0.380   8.410   1.00 101.00 ? 143 PRO A CG  1 
ATOM   1091 C  CD  . PRO A 1 159 ? 10.781  -0.125  7.231   1.00 100.60 ? 143 PRO A CD  1 
ATOM   1092 N  N   . ASP A 1 160 ? 13.048  -2.063  5.342   1.00 105.13 ? 144 ASP A N   1 
ATOM   1093 C  CA  . ASP A 1 160 ? 13.543  -3.208  4.618   1.00 106.86 ? 144 ASP A CA  1 
ATOM   1094 C  C   . ASP A 1 160 ? 14.880  -2.827  4.002   1.00 107.01 ? 144 ASP A C   1 
ATOM   1095 O  O   . ASP A 1 160 ? 15.215  -1.646  3.932   1.00 106.66 ? 144 ASP A O   1 
ATOM   1096 C  CB  . ASP A 1 160 ? 12.539  -3.516  3.513   1.00 107.59 ? 144 ASP A CB  1 
ATOM   1097 C  CG  . ASP A 1 160 ? 12.552  -4.951  3.110   1.00 110.84 ? 144 ASP A CG  1 
ATOM   1098 O  OD1 . ASP A 1 160 ? 13.080  -5.765  3.890   1.00 114.84 ? 144 ASP A OD1 1 
ATOM   1099 O  OD2 . ASP A 1 160 ? 12.026  -5.260  2.025   1.00 113.62 ? 144 ASP A OD2 1 
ATOM   1100 N  N   . ILE A 1 161 ? 15.649  -3.814  3.557   1.00 108.11 ? 145 ILE A N   1 
ATOM   1101 C  CA  . ILE A 1 161 ? 16.794  -3.521  2.701   1.00 109.33 ? 145 ILE A CA  1 
ATOM   1102 C  C   . ILE A 1 161 ? 16.248  -3.293  1.299   1.00 109.03 ? 145 ILE A C   1 
ATOM   1103 O  O   . ILE A 1 161 ? 16.968  -2.906  0.370   1.00 109.27 ? 145 ILE A O   1 
ATOM   1104 C  CB  . ILE A 1 161 ? 17.800  -4.671  2.652   1.00 110.07 ? 145 ILE A CB  1 
ATOM   1105 C  CG1 . ILE A 1 161 ? 18.087  -5.190  4.069   1.00 112.67 ? 145 ILE A CG1 1 
ATOM   1106 C  CG2 . ILE A 1 161 ? 19.067  -4.223  1.905   1.00 109.65 ? 145 ILE A CG2 1 
ATOM   1107 C  CD1 . ILE A 1 161 ? 18.764  -6.559  4.116   1.00 114.18 ? 145 ILE A CD1 1 
ATOM   1108 N  N   . GLU A 1 162 ? 14.954  -3.553  1.166   1.00 108.48 ? 146 GLU A N   1 
ATOM   1109 C  CA  . GLU A 1 162 ? 14.246  -3.296  -0.070  1.00 107.61 ? 146 GLU A CA  1 
ATOM   1110 C  C   . GLU A 1 162 ? 13.582  -1.931  -0.030  1.00 106.21 ? 146 GLU A C   1 
ATOM   1111 O  O   . GLU A 1 162 ? 13.594  -1.212  -1.018  1.00 105.60 ? 146 GLU A O   1 
ATOM   1112 C  CB  . GLU A 1 162 ? 13.200  -4.369  -0.307  1.00 108.23 ? 146 GLU A CB  1 
ATOM   1113 C  CG  . GLU A 1 162 ? 13.629  -5.435  -1.278  1.00 110.41 ? 146 GLU A CG  1 
ATOM   1114 C  CD  . GLU A 1 162 ? 12.463  -5.893  -2.115  1.00 114.67 ? 146 GLU A CD  1 
ATOM   1115 O  OE1 . GLU A 1 162 ? 11.342  -5.404  -1.845  1.00 115.46 ? 146 GLU A OE1 1 
ATOM   1116 O  OE2 . GLU A 1 162 ? 12.663  -6.726  -3.031  1.00 115.57 ? 146 GLU A OE2 1 
ATOM   1117 N  N   . GLY A 1 163 ? 12.993  -1.575  1.104   1.00 104.31 ? 147 GLY A N   1 
ATOM   1118 C  CA  . GLY A 1 163 ? 12.476  -0.226  1.277   1.00 102.37 ? 147 GLY A CA  1 
ATOM   1119 C  C   . GLY A 1 163 ? 13.550  0.841   1.057   1.00 100.98 ? 147 GLY A C   1 
ATOM   1120 O  O   . GLY A 1 163 ? 13.299  1.903   0.481   1.00 99.62  ? 147 GLY A O   1 
ATOM   1121 N  N   . GLU A 1 164 ? 14.751  0.553   1.544   1.00 100.46 ? 148 GLU A N   1 
ATOM   1122 C  CA  . GLU A 1 164 ? 15.939  1.322   1.217   1.00 100.07 ? 148 GLU A CA  1 
ATOM   1123 C  C   . GLU A 1 164 ? 16.243  1.139   -0.258  1.00 98.37  ? 148 GLU A C   1 
ATOM   1124 O  O   . GLU A 1 164 ? 15.707  0.235   -0.882  1.00 98.59  ? 148 GLU A O   1 
ATOM   1125 C  CB  . GLU A 1 164 ? 17.090  0.779   2.048   1.00 101.36 ? 148 GLU A CB  1 
ATOM   1126 C  CG  . GLU A 1 164 ? 16.932  1.112   3.511   1.00 105.86 ? 148 GLU A CG  1 
ATOM   1127 C  CD  . GLU A 1 164 ? 17.030  2.607   3.723   1.00 110.69 ? 148 GLU A CD  1 
ATOM   1128 O  OE1 . GLU A 1 164 ? 18.134  3.143   3.497   1.00 111.22 ? 148 GLU A OE1 1 
ATOM   1129 O  OE2 . GLU A 1 164 ? 16.011  3.248   4.076   1.00 112.03 ? 148 GLU A OE2 1 
ATOM   1130 N  N   . ALA A 1 165 ? 17.097  1.976   -0.827  1.00 95.96  ? 149 ALA A N   1 
ATOM   1131 C  CA  . ALA A 1 165 ? 17.472  1.807   -2.232  1.00 93.66  ? 149 ALA A CA  1 
ATOM   1132 C  C   . ALA A 1 165 ? 16.370  2.317   -3.135  1.00 91.65  ? 149 ALA A C   1 
ATOM   1133 O  O   . ALA A 1 165 ? 16.625  2.747   -4.256  1.00 92.73  ? 149 ALA A O   1 
ATOM   1134 C  CB  . ALA A 1 165 ? 17.773  0.357   -2.552  1.00 93.50  ? 149 ALA A CB  1 
ATOM   1135 N  N   . THR A 1 166 ? 15.136  2.244   -2.654  1.00 88.31  ? 150 THR A N   1 
ATOM   1136 C  CA  . THR A 1 166 ? 14.043  2.940   -3.305  1.00 85.12  ? 150 THR A CA  1 
ATOM   1137 C  C   . THR A 1 166 ? 14.158  4.365   -2.845  1.00 82.62  ? 150 THR A C   1 
ATOM   1138 O  O   . THR A 1 166 ? 14.466  5.252   -3.617  1.00 82.75  ? 150 THR A O   1 
ATOM   1139 C  CB  . THR A 1 166 ? 12.684  2.359   -2.913  1.00 85.66  ? 150 THR A CB  1 
ATOM   1140 O  OG1 . THR A 1 166 ? 12.252  1.478   -3.954  1.00 86.70  ? 150 THR A OG1 1 
ATOM   1141 C  CG2 . THR A 1 166 ? 11.630  3.462   -2.724  1.00 84.53  ? 150 THR A CG2 1 
ATOM   1142 N  N   . ALA A 1 167 ? 13.934  4.560   -1.562  1.00 80.60  ? 151 ALA A N   1 
ATOM   1143 C  CA  . ALA A 1 167 ? 14.254  5.798   -0.908  1.00 78.80  ? 151 ALA A CA  1 
ATOM   1144 C  C   . ALA A 1 167 ? 15.514  6.474   -1.497  1.00 78.51  ? 151 ALA A C   1 
ATOM   1145 O  O   . ALA A 1 167 ? 15.510  7.678   -1.768  1.00 77.76  ? 151 ALA A O   1 
ATOM   1146 C  CB  . ALA A 1 167 ? 14.427  5.531   0.571   1.00 79.28  ? 151 ALA A CB  1 
ATOM   1147 N  N   . MET A 1 168 ? 16.591  5.714   -1.694  1.00 78.79  ? 152 MET A N   1 
ATOM   1148 C  CA  . MET A 1 168 ? 17.828  6.289   -2.226  1.00 78.09  ? 152 MET A CA  1 
ATOM   1149 C  C   . MET A 1 168 ? 17.635  6.679   -3.671  1.00 75.74  ? 152 MET A C   1 
ATOM   1150 O  O   . MET A 1 168 ? 17.704  7.852   -4.023  1.00 75.72  ? 152 MET A O   1 
ATOM   1151 C  CB  . MET A 1 168 ? 18.986  5.289   -2.143  1.00 79.32  ? 152 MET A CB  1 
ATOM   1152 C  CG  . MET A 1 168 ? 18.917  4.387   -0.923  1.00 90.96  ? 152 MET A CG  1 
ATOM   1153 S  SD  . MET A 1 168 ? 20.491  3.707   -0.325  1.00 168.54 ? 152 MET A SD  1 
ATOM   1154 C  CE  . MET A 1 168 ? 21.499  3.701   -1.803  1.00 109.49 ? 152 MET A CE  1 
ATOM   1155 N  N   . TYR A 1 169 ? 17.391  5.680   -4.512  1.00 73.37  ? 153 TYR A N   1 
ATOM   1156 C  CA  . TYR A 1 169 ? 17.259  5.910   -5.939  1.00 71.83  ? 153 TYR A CA  1 
ATOM   1157 C  C   . TYR A 1 169 ? 16.435  7.139   -6.227  1.00 70.98  ? 153 TYR A C   1 
ATOM   1158 O  O   . TYR A 1 169 ? 16.857  8.032   -6.945  1.00 70.70  ? 153 TYR A O   1 
ATOM   1159 C  CB  . TYR A 1 169 ? 16.563  4.740   -6.585  1.00 71.76  ? 153 TYR A CB  1 
ATOM   1160 C  CG  . TYR A 1 169 ? 16.604  4.825   -8.074  1.00 73.76  ? 153 TYR A CG  1 
ATOM   1161 C  CD1 . TYR A 1 169 ? 17.811  5.026   -8.721  1.00 73.64  ? 153 TYR A CD1 1 
ATOM   1162 C  CD2 . TYR A 1 169 ? 15.448  4.708   -8.843  1.00 74.36  ? 153 TYR A CD2 1 
ATOM   1163 C  CE1 . TYR A 1 169 ? 17.875  5.105   -10.090 1.00 77.97  ? 153 TYR A CE1 1 
ATOM   1164 C  CE2 . TYR A 1 169 ? 15.505  4.782   -10.229 1.00 75.04  ? 153 TYR A CE2 1 
ATOM   1165 C  CZ  . TYR A 1 169 ? 16.726  4.984   -10.841 1.00 78.33  ? 153 TYR A CZ  1 
ATOM   1166 O  OH  . TYR A 1 169 ? 16.854  5.077   -12.199 1.00 82.89  ? 153 TYR A OH  1 
ATOM   1167 N  N   . ILE A 1 170 ? 15.229  7.136   -5.685  1.00 70.39  ? 154 ILE A N   1 
ATOM   1168 C  CA  . ILE A 1 170 ? 14.254  8.172   -5.936  1.00 69.24  ? 154 ILE A CA  1 
ATOM   1169 C  C   . ILE A 1 170 ? 14.721  9.499   -5.420  1.00 69.46  ? 154 ILE A C   1 
ATOM   1170 O  O   . ILE A 1 170 ? 14.484  10.539  -6.055  1.00 69.86  ? 154 ILE A O   1 
ATOM   1171 C  CB  . ILE A 1 170 ? 12.912  7.811   -5.314  1.00 69.23  ? 154 ILE A CB  1 
ATOM   1172 C  CG1 . ILE A 1 170 ? 12.193  6.843   -6.253  1.00 70.41  ? 154 ILE A CG1 1 
ATOM   1173 C  CG2 . ILE A 1 170 ? 12.076  9.040   -5.040  1.00 67.76  ? 154 ILE A CG2 1 
ATOM   1174 C  CD1 . ILE A 1 170 ? 13.072  5.688   -6.710  1.00 73.26  ? 154 ILE A CD1 1 
ATOM   1175 N  N   . ALA A 1 171 ? 15.391  9.498   -4.275  1.00 69.44  ? 155 ALA A N   1 
ATOM   1176 C  CA  . ALA A 1 171 ? 15.987  10.746  -3.804  1.00 69.33  ? 155 ALA A CA  1 
ATOM   1177 C  C   . ALA A 1 171 ? 16.997  11.251  -4.827  1.00 71.41  ? 155 ALA A C   1 
ATOM   1178 O  O   . ALA A 1 171 ? 17.193  12.450  -4.962  1.00 73.10  ? 155 ALA A O   1 
ATOM   1179 C  CB  . ALA A 1 171 ? 16.620  10.568  -2.499  1.00 67.52  ? 155 ALA A CB  1 
ATOM   1180 N  N   . LYS A 1 172 ? 17.628  10.340  -5.557  1.00 72.34  ? 156 LYS A N   1 
ATOM   1181 C  CA  . LYS A 1 172 ? 18.522  10.741  -6.644  1.00 73.23  ? 156 LYS A CA  1 
ATOM   1182 C  C   . LYS A 1 172 ? 17.802  11.408  -7.819  1.00 73.26  ? 156 LYS A C   1 
ATOM   1183 O  O   . LYS A 1 172 ? 18.201  12.473  -8.288  1.00 73.39  ? 156 LYS A O   1 
ATOM   1184 C  CB  . LYS A 1 172 ? 19.295  9.539   -7.175  1.00 74.08  ? 156 LYS A CB  1 
ATOM   1185 C  CG  . LYS A 1 172 ? 19.646  9.695   -8.646  1.00 81.93  ? 156 LYS A CG  1 
ATOM   1186 C  CD  . LYS A 1 172 ? 20.331  8.457   -9.180  1.00 88.47  ? 156 LYS A CD  1 
ATOM   1187 C  CE  . LYS A 1 172 ? 20.724  8.649   -10.646 1.00 89.71  ? 156 LYS A CE  1 
ATOM   1188 N  NZ  . LYS A 1 172 ? 21.724  7.624   -11.103 1.00 88.61  ? 156 LYS A NZ  1 
ATOM   1189 N  N   . LEU A 1 173 ? 16.761  10.761  -8.318  1.00 73.79  ? 157 LEU A N   1 
ATOM   1190 C  CA  . LEU A 1 173 ? 16.048  11.280  -9.456  1.00 75.28  ? 157 LEU A CA  1 
ATOM   1191 C  C   . LEU A 1 173 ? 15.438  12.648  -9.128  1.00 74.55  ? 157 LEU A C   1 
ATOM   1192 O  O   . LEU A 1 173 ? 15.291  13.501  -10.011 1.00 74.33  ? 157 LEU A O   1 
ATOM   1193 C  CB  . LEU A 1 173 ? 15.000  10.268  -9.940  1.00 75.12  ? 157 LEU A CB  1 
ATOM   1194 C  CG  . LEU A 1 173 ? 15.649  8.974   -10.451 1.00 75.43  ? 157 LEU A CG  1 
ATOM   1195 C  CD1 . LEU A 1 173 ? 14.642  7.880   -10.721 1.00 76.40  ? 157 LEU A CD1 1 
ATOM   1196 C  CD2 . LEU A 1 173 ? 16.457  9.245   -11.692 1.00 81.18  ? 157 LEU A CD2 1 
ATOM   1197 N  N   . LEU A 1 174 ? 15.111  12.879  -7.861  1.00 74.79  ? 158 LEU A N   1 
ATOM   1198 C  CA  . LEU A 1 174 ? 14.462  14.139  -7.502  1.00 75.76  ? 158 LEU A CA  1 
ATOM   1199 C  C   . LEU A 1 174 ? 15.425  15.253  -7.079  1.00 77.31  ? 158 LEU A C   1 
ATOM   1200 O  O   . LEU A 1 174 ? 15.102  16.432  -7.199  1.00 78.17  ? 158 LEU A O   1 
ATOM   1201 C  CB  . LEU A 1 174 ? 13.388  13.917  -6.437  1.00 75.53  ? 158 LEU A CB  1 
ATOM   1202 C  CG  . LEU A 1 174 ? 12.178  13.088  -6.897  1.00 75.08  ? 158 LEU A CG  1 
ATOM   1203 C  CD1 . LEU A 1 174 ? 11.113  13.044  -5.799  1.00 70.60  ? 158 LEU A CD1 1 
ATOM   1204 C  CD2 . LEU A 1 174 ? 11.600  13.630  -8.196  1.00 70.49  ? 158 LEU A CD2 1 
ATOM   1205 N  N   . LYS A 1 175 ? 16.605  14.882  -6.599  1.00 79.29  ? 159 LYS A N   1 
ATOM   1206 C  CA  . LYS A 1 175 ? 17.543  15.856  -6.067  1.00 80.07  ? 159 LYS A CA  1 
ATOM   1207 C  C   . LYS A 1 175 ? 17.790  17.013  -7.027  1.00 80.83  ? 159 LYS A C   1 
ATOM   1208 O  O   . LYS A 1 175 ? 17.771  18.171  -6.620  1.00 80.96  ? 159 LYS A O   1 
ATOM   1209 C  CB  . LYS A 1 175 ? 18.868  15.181  -5.687  1.00 80.57  ? 159 LYS A CB  1 
ATOM   1210 N  N   . PRO A 1 176 ? 18.028  16.702  -8.308  1.00 81.57  ? 160 PRO A N   1 
ATOM   1211 C  CA  . PRO A 1 176 ? 18.314  17.772  -9.261  1.00 82.71  ? 160 PRO A CA  1 
ATOM   1212 C  C   . PRO A 1 176 ? 17.200  18.820  -9.305  1.00 83.96  ? 160 PRO A C   1 
ATOM   1213 O  O   . PRO A 1 176 ? 17.514  19.962  -9.652  1.00 85.41  ? 160 PRO A O   1 
ATOM   1214 C  CB  . PRO A 1 176 ? 18.393  17.033  -10.605 1.00 89.78  ? 160 PRO A CB  1 
ATOM   1215 C  CG  . PRO A 1 176 ? 18.756  15.661  -10.250 1.00 87.06  ? 160 PRO A CG  1 
ATOM   1216 C  CD  . PRO A 1 176 ? 18.015  15.386  -8.965  1.00 81.94  ? 160 PRO A CD  1 
ATOM   1217 N  N   . PHE A 1 177 ? 15.947  18.460  -8.999  1.00 84.98  ? 161 PHE A N   1 
ATOM   1218 C  CA  . PHE A 1 177 ? 14.888  19.472  -8.899  1.00 85.42  ? 161 PHE A CA  1 
ATOM   1219 C  C   . PHE A 1 177 ? 15.018  20.304  -7.598  1.00 85.21  ? 161 PHE A C   1 
ATOM   1220 O  O   . PHE A 1 177 ? 15.989  20.148  -6.850  1.00 85.14  ? 161 PHE A O   1 
ATOM   1221 C  CB  . PHE A 1 177 ? 13.491  18.857  -9.045  1.00 85.19  ? 161 PHE A CB  1 
ATOM   1222 C  CG  . PHE A 1 177 ? 13.303  18.062  -10.310 1.00 88.30  ? 161 PHE A CG  1 
ATOM   1223 C  CD1 . PHE A 1 177 ? 13.474  16.689  -10.308 1.00 90.53  ? 161 PHE A CD1 1 
ATOM   1224 C  CD2 . PHE A 1 177 ? 12.948  18.676  -11.500 1.00 91.08  ? 161 PHE A CD2 1 
ATOM   1225 C  CE1 . PHE A 1 177 ? 13.297  15.944  -11.478 1.00 90.95  ? 161 PHE A CE1 1 
ATOM   1226 C  CE2 . PHE A 1 177 ? 12.777  17.934  -12.669 1.00 93.15  ? 161 PHE A CE2 1 
ATOM   1227 C  CZ  . PHE A 1 177 ? 12.956  16.571  -12.657 1.00 91.63  ? 161 PHE A CZ  1 
ATOM   1228 N  N   . GLY A 1 178 ? 14.048  21.181  -7.338  1.00 85.46  ? 162 GLY A N   1 
ATOM   1229 C  CA  . GLY A 1 178 ? 14.111  22.080  -6.196  1.00 85.64  ? 162 GLY A CA  1 
ATOM   1230 C  C   . GLY A 1 178 ? 13.561  21.524  -4.902  1.00 84.99  ? 162 GLY A C   1 
ATOM   1231 O  O   . GLY A 1 178 ? 13.605  22.167  -3.841  1.00 86.01  ? 162 GLY A O   1 
ATOM   1232 N  N   . VAL A 1 179 ? 13.075  20.290  -4.997  1.00 84.08  ? 163 VAL A N   1 
ATOM   1233 C  CA  . VAL A 1 179 ? 12.251  19.682  -3.969  1.00 81.81  ? 163 VAL A CA  1 
ATOM   1234 C  C   . VAL A 1 179 ? 13.036  19.234  -2.770  1.00 81.65  ? 163 VAL A C   1 
ATOM   1235 O  O   . VAL A 1 179 ? 14.160  18.749  -2.869  1.00 81.19  ? 163 VAL A O   1 
ATOM   1236 C  CB  . VAL A 1 179 ? 11.496  18.481  -4.528  1.00 80.86  ? 163 VAL A CB  1 
ATOM   1237 C  CG1 . VAL A 1 179 ? 10.138  18.363  -3.879  1.00 80.46  ? 163 VAL A CG1 1 
ATOM   1238 C  CG2 . VAL A 1 179 ? 11.328  18.639  -6.003  1.00 83.80  ? 163 VAL A CG2 1 
ATOM   1239 N  N   . LYS A 1 180 ? 12.405  19.417  -1.626  1.00 81.09  ? 164 LYS A N   1 
ATOM   1240 C  CA  . LYS A 1 180 ? 12.853  18.785  -0.415  1.00 80.81  ? 164 LYS A CA  1 
ATOM   1241 C  C   . LYS A 1 180 ? 12.395  17.293  -0.325  1.00 79.60  ? 164 LYS A C   1 
ATOM   1242 O  O   . LYS A 1 180 ? 11.224  16.970  -0.085  1.00 79.03  ? 164 LYS A O   1 
ATOM   1243 C  CB  . LYS A 1 180 ? 12.400  19.618  0.784   1.00 81.74  ? 164 LYS A CB  1 
ATOM   1244 C  CG  . LYS A 1 180 ? 13.008  19.173  2.098   1.00 86.22  ? 164 LYS A CG  1 
ATOM   1245 C  CD  . LYS A 1 180 ? 12.774  20.194  3.205   1.00 93.18  ? 164 LYS A CD  1 
ATOM   1246 C  CE  . LYS A 1 180 ? 11.495  19.931  4.004   1.00 97.19  ? 164 LYS A CE  1 
ATOM   1247 N  NZ  . LYS A 1 180 ? 11.312  20.962  5.080   1.00 99.41  ? 164 LYS A NZ  1 
ATOM   1248 N  N   . VAL A 1 181 ? 13.346  16.396  -0.542  1.00 77.42  ? 165 VAL A N   1 
ATOM   1249 C  CA  . VAL A 1 181 ? 13.137  14.969  -0.392  1.00 75.68  ? 165 VAL A CA  1 
ATOM   1250 C  C   . VAL A 1 181 ? 13.478  14.553  1.032   1.00 75.22  ? 165 VAL A C   1 
ATOM   1251 O  O   . VAL A 1 181 ? 14.557  14.872  1.525   1.00 75.99  ? 165 VAL A O   1 
ATOM   1252 C  CB  . VAL A 1 181 ? 14.072  14.220  -1.327  1.00 75.54  ? 165 VAL A CB  1 
ATOM   1253 C  CG1 . VAL A 1 181 ? 13.853  12.710  -1.231  1.00 73.40  ? 165 VAL A CG1 1 
ATOM   1254 C  CG2 . VAL A 1 181 ? 13.866  14.715  -2.724  1.00 76.50  ? 165 VAL A CG2 1 
ATOM   1255 N  N   . THR A 1 182 ? 12.560  13.848  1.689   1.00 74.09  ? 166 THR A N   1 
ATOM   1256 C  CA  . THR A 1 182 ? 12.779  13.435  3.063   1.00 72.77  ? 166 THR A CA  1 
ATOM   1257 C  C   . THR A 1 182 ? 12.337  11.998  3.255   1.00 73.41  ? 166 THR A C   1 
ATOM   1258 O  O   . THR A 1 182 ? 11.432  11.527  2.576   1.00 73.92  ? 166 THR A O   1 
ATOM   1259 C  CB  . THR A 1 182 ? 12.008  14.339  4.037   1.00 71.99  ? 166 THR A CB  1 
ATOM   1260 O  OG1 . THR A 1 182 ? 10.645  13.926  4.114   1.00 65.44  ? 166 THR A OG1 1 
ATOM   1261 C  CG2 . THR A 1 182 ? 12.084  15.800  3.588   1.00 72.10  ? 166 THR A CG2 1 
ATOM   1262 N  N   . ARG A 1 183 ? 12.970  11.276  4.162   1.00 73.70  ? 167 ARG A N   1 
ATOM   1263 C  CA  . ARG A 1 183 ? 12.494  9.934   4.403   1.00 75.06  ? 167 ARG A CA  1 
ATOM   1264 C  C   . ARG A 1 183 ? 11.806  9.810   5.753   1.00 76.29  ? 167 ARG A C   1 
ATOM   1265 O  O   . ARG A 1 183 ? 12.140  10.504  6.717   1.00 76.93  ? 167 ARG A O   1 
ATOM   1266 C  CB  . ARG A 1 183 ? 13.605  8.899   4.273   1.00 75.00  ? 167 ARG A CB  1 
ATOM   1267 C  CG  . ARG A 1 183 ? 13.118  7.485   4.544   1.00 75.62  ? 167 ARG A CG  1 
ATOM   1268 C  CD  . ARG A 1 183 ? 14.270  6.511   4.609   1.00 81.98  ? 167 ARG A CD  1 
ATOM   1269 N  NE  . ARG A 1 183 ? 15.346  6.932   5.521   1.00 87.16  ? 167 ARG A NE  1 
ATOM   1270 C  CZ  . ARG A 1 183 ? 15.439  6.594   6.812   1.00 88.36  ? 167 ARG A CZ  1 
ATOM   1271 N  NH1 . ARG A 1 183 ? 14.515  5.826   7.370   1.00 91.20  ? 167 ARG A NH1 1 
ATOM   1272 N  NH2 . ARG A 1 183 ? 16.454  7.020   7.552   1.00 85.21  ? 167 ARG A NH2 1 
ATOM   1273 N  N   . ILE A 1 184 ? 10.826  8.922   5.803   1.00 77.62  ? 168 ILE A N   1 
ATOM   1274 C  CA  . ILE A 1 184 ? 10.139  8.591   7.041   1.00 78.30  ? 168 ILE A CA  1 
ATOM   1275 C  C   . ILE A 1 184 ? 11.143  8.001   8.025   1.00 80.46  ? 168 ILE A C   1 
ATOM   1276 O  O   . ILE A 1 184 ? 12.070  7.308   7.611   1.00 81.40  ? 168 ILE A O   1 
ATOM   1277 C  CB  . ILE A 1 184 ? 9.003   7.619   6.748   1.00 76.86  ? 168 ILE A CB  1 
ATOM   1278 C  CG1 . ILE A 1 184 ? 7.873   8.393   6.086   1.00 75.30  ? 168 ILE A CG1 1 
ATOM   1279 C  CG2 . ILE A 1 184 ? 8.477   7.014   7.987   1.00 78.17  ? 168 ILE A CG2 1 
ATOM   1280 C  CD1 . ILE A 1 184 ? 7.711   9.794   6.622   1.00 76.65  ? 168 ILE A CD1 1 
ATOM   1281 N  N   . ALA A 1 185 ? 10.966  8.272   9.321   1.00 82.72  ? 169 ALA A N   1 
ATOM   1282 C  CA  . ALA A 1 185 ? 11.981  7.971   10.353  1.00 84.51  ? 169 ALA A CA  1 
ATOM   1283 C  C   . ALA A 1 185 ? 12.128  6.495   10.724  1.00 86.25  ? 169 ALA A C   1 
ATOM   1284 O  O   . ALA A 1 185 ? 11.123  5.811   10.919  1.00 86.60  ? 169 ALA A O   1 
ATOM   1285 C  CB  . ALA A 1 185 ? 11.685  8.771   11.595  1.00 84.46  ? 169 ALA A CB  1 
ATOM   1286 N  N   . HIS A 1 186 ? 13.374  6.021   10.833  1.00 88.95  ? 170 HIS A N   1 
ATOM   1287 C  CA  . HIS A 1 186 ? 13.680  4.646   11.271  1.00 91.27  ? 170 HIS A CA  1 
ATOM   1288 C  C   . HIS A 1 186 ? 14.217  4.611   12.712  1.00 92.06  ? 170 HIS A C   1 
ATOM   1289 O  O   . HIS A 1 186 ? 15.124  5.377   13.072  1.00 93.55  ? 170 HIS A O   1 
ATOM   1290 C  CB  . HIS A 1 186 ? 14.744  3.994   10.378  1.00 91.59  ? 170 HIS A CB  1 
ATOM   1291 C  CG  . HIS A 1 186 ? 14.240  3.532   9.046   1.00 94.16  ? 170 HIS A CG  1 
ATOM   1292 N  ND1 . HIS A 1 186 ? 12.903  3.506   8.719   1.00 95.97  ? 170 HIS A ND1 1 
ATOM   1293 C  CD2 . HIS A 1 186 ? 14.907  3.079   7.959   1.00 96.20  ? 170 HIS A CD2 1 
ATOM   1294 C  CE1 . HIS A 1 186 ? 12.764  3.068   7.481   1.00 97.29  ? 170 HIS A CE1 1 
ATOM   1295 N  NE2 . HIS A 1 186 ? 13.968  2.797   6.997   1.00 99.12  ? 170 HIS A NE2 1 
ATOM   1296 N  N   . GLY A 1 187 ? 13.696  3.705   13.534  1.00 92.34  ? 171 GLY A N   1 
ATOM   1297 C  CA  . GLY A 1 187 ? 14.187  3.582   14.893  1.00 93.52  ? 171 GLY A CA  1 
ATOM   1298 C  C   . GLY A 1 187 ? 13.389  2.655   15.791  1.00 94.79  ? 171 GLY A C   1 
ATOM   1299 O  O   . GLY A 1 187 ? 13.300  1.458   15.544  1.00 94.98  ? 171 GLY A O   1 
ATOM   1300 N  N   . ILE A 1 188 ? 12.815  3.197   16.857  1.00 96.10  ? 172 ILE A N   1 
ATOM   1301 C  CA  . ILE A 1 188 ? 12.138  2.351   17.826  1.00 97.45  ? 172 ILE A CA  1 
ATOM   1302 C  C   . ILE A 1 188 ? 10.667  2.687   17.877  1.00 98.50  ? 172 ILE A C   1 
ATOM   1303 O  O   . ILE A 1 188 ? 10.279  3.824   18.096  1.00 98.33  ? 172 ILE A O   1 
ATOM   1304 C  CB  . ILE A 1 188 ? 12.799  2.434   19.223  1.00 97.58  ? 172 ILE A CB  1 
ATOM   1305 C  CG1 . ILE A 1 188 ? 14.268  2.013   19.112  1.00 97.69  ? 172 ILE A CG1 1 
ATOM   1306 C  CG2 . ILE A 1 188 ? 12.073  1.542   20.206  1.00 97.65  ? 172 ILE A CG2 1 
ATOM   1307 C  CD1 . ILE A 1 188 ? 15.060  2.163   20.368  1.00 98.28  ? 172 ILE A CD1 1 
ATOM   1308 N  N   . PRO A 1 189 ? 9.835   1.680   17.650  1.00 99.90  ? 173 PRO A N   1 
ATOM   1309 C  CA  . PRO A 1 189 ? 8.386   1.877   17.613  1.00 100.98 ? 173 PRO A CA  1 
ATOM   1310 C  C   . PRO A 1 189 ? 7.869   2.459   18.927  1.00 101.60 ? 173 PRO A C   1 
ATOM   1311 O  O   . PRO A 1 189 ? 8.380   2.098   19.993  1.00 101.71 ? 173 PRO A O   1 
ATOM   1312 C  CB  . PRO A 1 189 ? 7.856   0.455   17.420  1.00 101.46 ? 173 PRO A CB  1 
ATOM   1313 C  CG  . PRO A 1 189 ? 8.972   -0.439  17.904  1.00 101.31 ? 173 PRO A CG  1 
ATOM   1314 C  CD  . PRO A 1 189 ? 10.211  0.267   17.494  1.00 100.02 ? 173 PRO A CD  1 
ATOM   1315 N  N   . VAL A 1 190 ? 6.887   3.358   18.843  1.00 102.62 ? 174 VAL A N   1 
ATOM   1316 C  CA  . VAL A 1 190 ? 6.172   3.855   20.018  1.00 103.27 ? 174 VAL A CA  1 
ATOM   1317 C  C   . VAL A 1 190 ? 5.654   2.680   20.837  1.00 103.92 ? 174 VAL A C   1 
ATOM   1318 O  O   . VAL A 1 190 ? 4.860   1.874   20.342  1.00 103.72 ? 174 VAL A O   1 
ATOM   1319 C  CB  . VAL A 1 190 ? 4.957   4.711   19.628  1.00 103.16 ? 174 VAL A CB  1 
ATOM   1320 N  N   . GLY A 1 191 ? 6.095   2.595   22.091  1.00 104.70 ? 175 GLY A N   1 
ATOM   1321 C  CA  . GLY A 1 191 ? 5.685   1.514   22.967  1.00 106.09 ? 175 GLY A CA  1 
ATOM   1322 C  C   . GLY A 1 191 ? 6.554   0.288   22.764  1.00 106.95 ? 175 GLY A C   1 
ATOM   1323 O  O   . GLY A 1 191 ? 6.200   -0.835  23.149  1.00 107.19 ? 175 GLY A O   1 
ATOM   1324 N  N   . GLY A 1 192 ? 7.696   0.519   22.126  1.00 107.28 ? 176 GLY A N   1 
ATOM   1325 C  CA  . GLY A 1 192 ? 8.707   -0.501  21.962  1.00 107.61 ? 176 GLY A CA  1 
ATOM   1326 C  C   . GLY A 1 192 ? 9.712   -0.363  23.079  1.00 108.15 ? 176 GLY A C   1 
ATOM   1327 O  O   . GLY A 1 192 ? 9.738   0.650   23.780  1.00 108.39 ? 176 GLY A O   1 
ATOM   1328 N  N   . ASP A 1 193 ? 10.529  -1.390  23.268  1.00 108.92 ? 177 ASP A N   1 
ATOM   1329 C  CA  . ASP A 1 193 ? 11.542  -1.340  24.307  1.00 110.67 ? 177 ASP A CA  1 
ATOM   1330 C  C   . ASP A 1 193 ? 12.892  -1.735  23.745  1.00 110.81 ? 177 ASP A C   1 
ATOM   1331 O  O   . ASP A 1 193 ? 13.064  -2.850  23.248  1.00 110.39 ? 177 ASP A O   1 
ATOM   1332 C  CB  . ASP A 1 193 ? 11.175  -2.254  25.465  1.00 111.22 ? 177 ASP A CB  1 
ATOM   1333 C  CG  . ASP A 1 193 ? 11.919  -1.904  26.725  1.00 115.63 ? 177 ASP A CG  1 
ATOM   1334 O  OD1 . ASP A 1 193 ? 12.910  -1.135  26.635  1.00 119.20 ? 177 ASP A OD1 1 
ATOM   1335 O  OD2 . ASP A 1 193 ? 11.513  -2.392  27.803  1.00 120.99 ? 177 ASP A OD2 1 
ATOM   1336 N  N   . LEU A 1 194 ? 13.841  -0.805  23.827  1.00 111.67 ? 178 LEU A N   1 
ATOM   1337 C  CA  . LEU A 1 194 ? 15.176  -1.002  23.280  1.00 112.17 ? 178 LEU A CA  1 
ATOM   1338 C  C   . LEU A 1 194 ? 15.841  -2.145  24.027  1.00 113.10 ? 178 LEU A C   1 
ATOM   1339 O  O   . LEU A 1 194 ? 16.741  -2.807  23.508  1.00 113.43 ? 178 LEU A O   1 
ATOM   1340 C  CB  . LEU A 1 194 ? 15.996  0.278   23.403  1.00 111.62 ? 178 LEU A CB  1 
ATOM   1341 C  CG  . LEU A 1 194 ? 16.179  0.753   24.835  1.00 110.04 ? 178 LEU A CG  1 
ATOM   1342 C  CD1 . LEU A 1 194 ? 17.655  0.794   25.136  1.00 108.52 ? 178 LEU A CD1 1 
ATOM   1343 C  CD2 . LEU A 1 194 ? 15.525  2.101   25.051  1.00 110.06 ? 178 LEU A CD2 1 
ATOM   1344 N  N   . GLU A 1 195 ? 15.376  -2.382  25.249  1.00 113.77 ? 179 GLU A N   1 
ATOM   1345 C  CA  . GLU A 1 195 ? 15.802  -3.543  26.006  1.00 114.43 ? 179 GLU A CA  1 
ATOM   1346 C  C   . GLU A 1 195 ? 15.569  -4.782  25.152  1.00 114.54 ? 179 GLU A C   1 
ATOM   1347 O  O   . GLU A 1 195 ? 16.261  -5.788  25.302  1.00 115.11 ? 179 GLU A O   1 
ATOM   1348 C  CB  . GLU A 1 195 ? 15.014  -3.631  27.319  1.00 114.68 ? 179 GLU A CB  1 
ATOM   1349 C  CG  . GLU A 1 195 ? 15.510  -4.686  28.299  1.00 116.47 ? 179 GLU A CG  1 
ATOM   1350 C  CD  . GLU A 1 195 ? 14.990  -4.464  29.717  1.00 119.21 ? 179 GLU A CD  1 
ATOM   1351 O  OE1 . GLU A 1 195 ? 15.023  -3.305  30.194  1.00 120.45 ? 179 GLU A OE1 1 
ATOM   1352 O  OE2 . GLU A 1 195 ? 14.546  -5.446  30.355  1.00 119.34 ? 179 GLU A OE2 1 
ATOM   1353 N  N   . TYR A 1 196 ? 14.605  -4.684  24.235  1.00 114.92 ? 180 TYR A N   1 
ATOM   1354 C  CA  . TYR A 1 196 ? 14.124  -5.831  23.451  1.00 115.12 ? 180 TYR A CA  1 
ATOM   1355 C  C   . TYR A 1 196 ? 14.417  -5.735  21.950  1.00 114.02 ? 180 TYR A C   1 
ATOM   1356 O  O   . TYR A 1 196 ? 14.648  -6.749  21.288  1.00 113.68 ? 180 TYR A O   1 
ATOM   1357 C  CB  . TYR A 1 196 ? 12.610  -6.024  23.659  1.00 115.91 ? 180 TYR A CB  1 
ATOM   1358 C  CG  . TYR A 1 196 ? 12.203  -6.210  25.111  1.00 119.29 ? 180 TYR A CG  1 
ATOM   1359 C  CD1 . TYR A 1 196 ? 12.981  -6.980  25.975  1.00 122.56 ? 180 TYR A CD1 1 
ATOM   1360 C  CD2 . TYR A 1 196 ? 11.055  -5.607  25.624  1.00 122.13 ? 180 TYR A CD2 1 
ATOM   1361 C  CE1 . TYR A 1 196 ? 12.632  -7.151  27.303  1.00 125.23 ? 180 TYR A CE1 1 
ATOM   1362 C  CE2 . TYR A 1 196 ? 10.693  -5.772  26.959  1.00 124.82 ? 180 TYR A CE2 1 
ATOM   1363 C  CZ  . TYR A 1 196 ? 11.492  -6.550  27.795  1.00 126.01 ? 180 TYR A CZ  1 
ATOM   1364 O  OH  . TYR A 1 196 ? 11.164  -6.734  29.123  1.00 126.82 ? 180 TYR A OH  1 
ATOM   1365 N  N   . THR A 1 197 ? 14.405  -4.510  21.434  1.00 112.83 ? 181 THR A N   1 
ATOM   1366 C  CA  . THR A 1 197 ? 14.499  -4.258  20.002  1.00 111.96 ? 181 THR A CA  1 
ATOM   1367 C  C   . THR A 1 197 ? 15.586  -5.031  19.278  1.00 111.56 ? 181 THR A C   1 
ATOM   1368 O  O   . THR A 1 197 ? 16.501  -5.574  19.880  1.00 111.49 ? 181 THR A O   1 
ATOM   1369 C  CB  . THR A 1 197 ? 14.723  -2.770  19.698  1.00 111.85 ? 181 THR A CB  1 
ATOM   1370 O  OG1 . THR A 1 197 ? 16.044  -2.385  20.102  1.00 111.50 ? 181 THR A OG1 1 
ATOM   1371 C  CG2 . THR A 1 197 ? 13.704  -1.931  20.428  1.00 113.04 ? 181 THR A CG2 1 
ATOM   1372 N  N   . ASP A 1 198 ? 15.462  -5.056  17.957  1.00 111.24 ? 182 ASP A N   1 
ATOM   1373 C  CA  . ASP A 1 198 ? 16.460  -5.640  17.090  1.00 110.19 ? 182 ASP A CA  1 
ATOM   1374 C  C   . ASP A 1 198 ? 17.686  -4.768  17.141  1.00 108.45 ? 182 ASP A C   1 
ATOM   1375 O  O   . ASP A 1 198 ? 17.601  -3.543  17.278  1.00 107.83 ? 182 ASP A O   1 
ATOM   1376 C  CB  . ASP A 1 198 ? 15.940  -5.700  15.653  1.00 111.25 ? 182 ASP A CB  1 
ATOM   1377 C  CG  . ASP A 1 198 ? 14.612  -6.429  15.548  1.00 113.90 ? 182 ASP A CG  1 
ATOM   1378 O  OD1 . ASP A 1 198 ? 14.359  -7.310  16.406  1.00 117.09 ? 182 ASP A OD1 1 
ATOM   1379 O  OD2 . ASP A 1 198 ? 13.825  -6.132  14.620  1.00 115.68 ? 182 ASP A OD2 1 
ATOM   1380 N  N   . VAL A 1 199 ? 18.837  -5.401  17.026  1.00 106.90 ? 183 VAL A N   1 
ATOM   1381 C  CA  . VAL A 1 199 ? 20.078  -4.662  16.988  1.00 105.77 ? 183 VAL A CA  1 
ATOM   1382 C  C   . VAL A 1 199 ? 20.123  -3.708  15.794  1.00 105.66 ? 183 VAL A C   1 
ATOM   1383 O  O   . VAL A 1 199 ? 20.513  -2.555  15.933  1.00 106.20 ? 183 VAL A O   1 
ATOM   1384 C  CB  . VAL A 1 199 ? 21.252  -5.614  16.904  1.00 105.27 ? 183 VAL A CB  1 
ATOM   1385 C  CG1 . VAL A 1 199 ? 22.540  -4.862  17.176  1.00 104.55 ? 183 VAL A CG1 1 
ATOM   1386 C  CG2 . VAL A 1 199 ? 21.050  -6.768  17.888  1.00 104.46 ? 183 VAL A CG2 1 
ATOM   1387 N  N   . VAL A 1 200 ? 19.732  -4.199  14.622  1.00 104.66 ? 184 VAL A N   1 
ATOM   1388 C  CA  . VAL A 1 200 ? 19.706  -3.385  13.410  1.00 103.38 ? 184 VAL A CA  1 
ATOM   1389 C  C   . VAL A 1 200 ? 18.946  -2.110  13.684  1.00 101.90 ? 184 VAL A C   1 
ATOM   1390 O  O   . VAL A 1 200 ? 19.500  -1.006  13.681  1.00 100.98 ? 184 VAL A O   1 
ATOM   1391 C  CB  . VAL A 1 200 ? 18.937  -4.099  12.300  1.00 104.10 ? 184 VAL A CB  1 
ATOM   1392 C  CG1 . VAL A 1 200 ? 19.538  -3.777  10.949  1.00 104.23 ? 184 VAL A CG1 1 
ATOM   1393 C  CG2 . VAL A 1 200 ? 18.891  -5.611  12.566  1.00 104.34 ? 184 VAL A CG2 1 
ATOM   1394 N  N   . THR A 1 201 ? 17.645  -2.302  13.875  1.00 100.22 ? 185 THR A N   1 
ATOM   1395 C  CA  . THR A 1 201 ? 16.744  -1.298  14.404  1.00 98.65  ? 185 THR A CA  1 
ATOM   1396 C  C   . THR A 1 201 ? 17.487  -0.288  15.275  1.00 97.98  ? 185 THR A C   1 
ATOM   1397 O  O   . THR A 1 201 ? 17.739  0.853   14.886  1.00 97.57  ? 185 THR A O   1 
ATOM   1398 C  CB  . THR A 1 201 ? 15.724  -2.001  15.290  1.00 98.08  ? 185 THR A CB  1 
ATOM   1399 O  OG1 . THR A 1 201 ? 15.182  -3.115  14.582  1.00 97.72  ? 185 THR A OG1 1 
ATOM   1400 C  CG2 . THR A 1 201 ? 14.616  -1.076  15.671  1.00 97.78  ? 185 THR A CG2 1 
ATOM   1401 N  N   . LEU A 1 202 ? 17.835  -0.754  16.466  1.00 97.13  ? 186 LEU A N   1 
ATOM   1402 C  CA  . LEU A 1 202 ? 18.474  0.047   17.491  1.00 96.14  ? 186 LEU A CA  1 
ATOM   1403 C  C   . LEU A 1 202 ? 19.809  0.584   16.992  1.00 95.83  ? 186 LEU A C   1 
ATOM   1404 O  O   . LEU A 1 202 ? 20.346  1.540   17.539  1.00 96.16  ? 186 LEU A O   1 
ATOM   1405 C  CB  . LEU A 1 202 ? 18.666  -0.822  18.739  1.00 96.16  ? 186 LEU A CB  1 
ATOM   1406 C  CG  . LEU A 1 202 ? 19.165  -0.248  20.060  1.00 94.73  ? 186 LEU A CG  1 
ATOM   1407 C  CD1 . LEU A 1 202 ? 18.458  -0.923  21.215  1.00 93.57  ? 186 LEU A CD1 1 
ATOM   1408 C  CD2 . LEU A 1 202 ? 20.643  -0.469  20.166  1.00 97.35  ? 186 LEU A CD2 1 
ATOM   1409 N  N   . SER A 1 203 ? 20.335  -0.031  15.941  1.00 95.47  ? 187 SER A N   1 
ATOM   1410 C  CA  . SER A 1 203 ? 21.580  0.427   15.345  1.00 94.68  ? 187 SER A CA  1 
ATOM   1411 C  C   . SER A 1 203 ? 21.319  1.599   14.411  1.00 93.82  ? 187 SER A C   1 
ATOM   1412 O  O   . SER A 1 203 ? 22.115  2.530   14.329  1.00 92.40  ? 187 SER A O   1 
ATOM   1413 C  CB  . SER A 1 203 ? 22.262  -0.698  14.577  1.00 94.44  ? 187 SER A CB  1 
ATOM   1414 O  OG  . SER A 1 203 ? 23.526  -0.262  14.125  1.00 98.05  ? 187 SER A OG  1 
ATOM   1415 N  N   . LYS A 1 204 ? 20.199  1.540   13.704  1.00 93.93  ? 188 LYS A N   1 
ATOM   1416 C  CA  . LYS A 1 204 ? 19.722  2.685   12.963  1.00 94.42  ? 188 LYS A CA  1 
ATOM   1417 C  C   . LYS A 1 204 ? 19.261  3.747   13.944  1.00 93.77  ? 188 LYS A C   1 
ATOM   1418 O  O   . LYS A 1 204 ? 19.492  4.929   13.738  1.00 93.73  ? 188 LYS A O   1 
ATOM   1419 C  CB  . LYS A 1 204 ? 18.569  2.288   12.045  1.00 95.03  ? 188 LYS A CB  1 
ATOM   1420 C  CG  . LYS A 1 204 ? 18.941  2.285   10.575  1.00 96.86  ? 188 LYS A CG  1 
ATOM   1421 C  CD  . LYS A 1 204 ? 18.296  3.457   9.838   1.00 100.26 ? 188 LYS A CD  1 
ATOM   1422 C  CE  . LYS A 1 204 ? 18.703  4.808   10.441  1.00 103.83 ? 188 LYS A CE  1 
ATOM   1423 N  NZ  . LYS A 1 204 ? 17.905  5.970   9.911   1.00 105.53 ? 188 LYS A NZ  1 
ATOM   1424 N  N   . ALA A 1 205 ? 18.608  3.324   15.016  1.00 92.88  ? 189 ALA A N   1 
ATOM   1425 C  CA  . ALA A 1 205 ? 18.133  4.251   16.027  1.00 92.24  ? 189 ALA A CA  1 
ATOM   1426 C  C   . ALA A 1 205 ? 19.263  5.168   16.525  1.00 92.73  ? 189 ALA A C   1 
ATOM   1427 O  O   . ALA A 1 205 ? 19.027  6.317   16.912  1.00 91.80  ? 189 ALA A O   1 
ATOM   1428 C  CB  . ALA A 1 205 ? 17.509  3.483   17.180  1.00 91.35  ? 189 ALA A CB  1 
ATOM   1429 N  N   . LEU A 1 206 ? 20.492  4.655   16.517  1.00 93.60  ? 190 LEU A N   1 
ATOM   1430 C  CA  . LEU A 1 206 ? 21.657  5.441   16.917  1.00 94.69  ? 190 LEU A CA  1 
ATOM   1431 C  C   . LEU A 1 206 ? 22.018  6.437   15.810  1.00 96.08  ? 190 LEU A C   1 
ATOM   1432 O  O   . LEU A 1 206 ? 22.073  7.661   16.013  1.00 96.09  ? 190 LEU A O   1 
ATOM   1433 C  CB  . LEU A 1 206 ? 22.853  4.507   17.152  1.00 94.90  ? 190 LEU A CB  1 
ATOM   1434 C  CG  . LEU A 1 206 ? 23.870  4.679   18.305  1.00 94.89  ? 190 LEU A CG  1 
ATOM   1435 C  CD1 . LEU A 1 206 ? 25.353  4.628   17.839  1.00 94.60  ? 190 LEU A CD1 1 
ATOM   1436 C  CD2 . LEU A 1 206 ? 23.589  5.913   19.165  1.00 93.48  ? 190 LEU A CD2 1 
ATOM   1437 N  N   . GLU A 1 207 ? 22.274  5.875   14.635  1.00 97.26  ? 191 GLU A N   1 
ATOM   1438 C  CA  . GLU A 1 207 ? 22.726  6.631   13.481  1.00 98.10  ? 191 GLU A CA  1 
ATOM   1439 C  C   . GLU A 1 207 ? 21.913  7.900   13.276  1.00 97.00  ? 191 GLU A C   1 
ATOM   1440 O  O   . GLU A 1 207 ? 22.462  8.953   12.922  1.00 97.39  ? 191 GLU A O   1 
ATOM   1441 C  CB  . GLU A 1 207 ? 22.644  5.744   12.240  1.00 99.31  ? 191 GLU A CB  1 
ATOM   1442 C  CG  . GLU A 1 207 ? 23.756  5.985   11.229  1.00 105.32 ? 191 GLU A CG  1 
ATOM   1443 C  CD  . GLU A 1 207 ? 23.880  4.850   10.218  1.00 116.32 ? 191 GLU A CD  1 
ATOM   1444 O  OE1 . GLU A 1 207 ? 25.017  4.613   9.735   1.00 124.68 ? 191 GLU A OE1 1 
ATOM   1445 O  OE2 . GLU A 1 207 ? 22.847  4.199   9.909   1.00 113.65 ? 191 GLU A OE2 1 
ATOM   1446 N  N   . GLY A 1 208 ? 20.605  7.797   13.503  1.00 95.75  ? 192 GLY A N   1 
ATOM   1447 C  CA  . GLY A 1 208 ? 19.714  8.918   13.280  1.00 93.97  ? 192 GLY A CA  1 
ATOM   1448 C  C   . GLY A 1 208 ? 19.360  9.774   14.488  1.00 92.59  ? 192 GLY A C   1 
ATOM   1449 O  O   . GLY A 1 208 ? 18.245  10.299  14.564  1.00 93.05  ? 192 GLY A O   1 
ATOM   1450 N  N   . ARG A 1 209 ? 20.282  9.936   15.434  1.00 90.29  ? 193 ARG A N   1 
ATOM   1451 C  CA  . ARG A 1 209 ? 19.957  10.728  16.612  1.00 88.61  ? 193 ARG A CA  1 
ATOM   1452 C  C   . ARG A 1 209 ? 19.891  12.209  16.246  1.00 89.33  ? 193 ARG A C   1 
ATOM   1453 O  O   . ARG A 1 209 ? 20.698  12.716  15.472  1.00 88.43  ? 193 ARG A O   1 
ATOM   1454 C  CB  . ARG A 1 209 ? 20.904  10.437  17.787  1.00 87.77  ? 193 ARG A CB  1 
ATOM   1455 C  CG  . ARG A 1 209 ? 22.374  10.357  17.421  1.00 83.40  ? 193 ARG A CG  1 
ATOM   1456 C  CD  . ARG A 1 209 ? 23.219  10.344  18.667  1.00 81.35  ? 193 ARG A CD  1 
ATOM   1457 N  NE  . ARG A 1 209 ? 24.657  10.513  18.442  1.00 80.69  ? 193 ARG A NE  1 
ATOM   1458 C  CZ  . ARG A 1 209 ? 25.423  9.666   17.761  1.00 77.00  ? 193 ARG A CZ  1 
ATOM   1459 N  NH1 . ARG A 1 209 ? 24.886  8.597   17.191  1.00 73.82  ? 193 ARG A NH1 1 
ATOM   1460 N  NH2 . ARG A 1 209 ? 26.724  9.906   17.637  1.00 74.75  ? 193 ARG A NH2 1 
ATOM   1461 N  N   . ARG A 1 210 ? 18.901  12.885  16.807  1.00 89.99  ? 194 ARG A N   1 
ATOM   1462 C  CA  . ARG A 1 210 ? 18.600  14.244  16.432  1.00 91.62  ? 194 ARG A CA  1 
ATOM   1463 C  C   . ARG A 1 210 ? 18.724  15.174  17.600  1.00 92.03  ? 194 ARG A C   1 
ATOM   1464 O  O   . ARG A 1 210 ? 18.269  14.883  18.693  1.00 92.75  ? 194 ARG A O   1 
ATOM   1465 C  CB  . ARG A 1 210 ? 17.167  14.328  15.950  1.00 92.56  ? 194 ARG A CB  1 
ATOM   1466 C  CG  . ARG A 1 210 ? 16.749  13.209  15.054  1.00 95.70  ? 194 ARG A CG  1 
ATOM   1467 C  CD  . ARG A 1 210 ? 15.504  13.638  14.274  1.00 106.22 ? 194 ARG A CD  1 
ATOM   1468 N  NE  . ARG A 1 210 ? 15.730  14.868  13.512  1.00 108.80 ? 194 ARG A NE  1 
ATOM   1469 C  CZ  . ARG A 1 210 ? 14.830  15.429  12.705  1.00 106.70 ? 194 ARG A CZ  1 
ATOM   1470 N  NH1 . ARG A 1 210 ? 13.629  14.876  12.558  1.00 110.02 ? 194 ARG A NH1 1 
ATOM   1471 N  NH2 . ARG A 1 210 ? 15.129  16.548  12.044  1.00 109.88 ? 194 ARG A NH2 1 
ATOM   1472 N  N   . GLU A 1 211 ? 19.292  16.337  17.338  1.00 92.63  ? 195 GLU A N   1 
ATOM   1473 C  CA  . GLU A 1 211 ? 19.540  17.308  18.386  1.00 93.56  ? 195 GLU A CA  1 
ATOM   1474 C  C   . GLU A 1 211 ? 18.330  17.674  19.240  1.00 93.82  ? 195 GLU A C   1 
ATOM   1475 O  O   . GLU A 1 211 ? 17.184  17.631  18.785  1.00 92.86  ? 195 GLU A O   1 
ATOM   1476 C  CB  . GLU A 1 211 ? 20.202  18.548  17.823  1.00 93.80  ? 195 GLU A CB  1 
ATOM   1477 C  CG  . GLU A 1 211 ? 21.695  18.400  17.742  1.00 98.09  ? 195 GLU A CG  1 
ATOM   1478 C  CD  . GLU A 1 211 ? 22.307  19.214  16.616  1.00 103.23 ? 195 GLU A CD  1 
ATOM   1479 O  OE1 . GLU A 1 211 ? 22.889  18.587  15.702  1.00 103.18 ? 195 GLU A OE1 1 
ATOM   1480 O  OE2 . GLU A 1 211 ? 22.216  20.467  16.639  1.00 106.83 ? 195 GLU A OE2 1 
ATOM   1481 N  N   . VAL A 1 212 ? 18.637  18.031  20.491  1.00 95.20  ? 196 VAL A N   1 
ATOM   1482 C  CA  . VAL A 1 212 ? 17.677  18.266  21.582  1.00 95.66  ? 196 VAL A CA  1 
ATOM   1483 C  C   . VAL A 1 212 ? 16.545  17.225  21.593  1.00 96.03  ? 196 VAL A C   1 
ATOM   1484 O  O   . VAL A 1 212 ? 15.468  17.396  21.011  1.00 96.90  ? 196 VAL A O   1 
ATOM   1485 C  CB  . VAL A 1 212 ? 17.146  19.741  21.585  1.00 96.27  ? 196 VAL A CB  1 
ATOM   1486 C  CG1 . VAL A 1 212 ? 16.280  20.015  22.813  1.00 95.64  ? 196 VAL A CG1 1 
ATOM   1487 C  CG2 . VAL A 1 212 ? 18.318  20.729  21.514  1.00 96.14  ? 196 VAL A CG2 1 
ATOM   1488 O  OXT . VAL A 1 212 ? 16.709  16.158  22.184  1.00 94.28  ? 196 VAL A OXT 1 
HETATM 1489 ZN ZN  . ZN  B 2 .   ? -5.137  9.633   -6.494  1.00 70.14  ? 201 ZN  A ZN  1 
HETATM 1490 O  O   . HOH C 3 .   ? 1.355   -3.109  -6.868  1.00 78.29  ? 301 HOH A O   1 
HETATM 1491 O  O   . HOH C 3 .   ? -13.051 -37.369 3.209   1.00 74.94  ? 302 HOH A O   1 
HETATM 1492 O  O   . HOH C 3 .   ? -3.532  -20.303 1.878   1.00 77.17  ? 303 HOH A O   1 
HETATM 1493 O  O   . HOH C 3 .   ? -6.359  -16.904 8.520   1.00 77.40  ? 304 HOH A O   1 
HETATM 1494 O  O   . HOH C 3 .   ? -6.231  -24.440 8.217   1.00 60.90  ? 305 HOH A O   1 
HETATM 1495 O  O   . HOH C 3 .   ? -23.859 -4.387  -9.490  1.00 82.30  ? 306 HOH A O   1 
HETATM 1496 O  O   . HOH C 3 .   ? -22.915 -7.497  -12.004 1.00 87.20  ? 307 HOH A O   1 
HETATM 1497 O  O   . HOH C 3 .   ? -23.476 -8.034  -14.520 1.00 76.34  ? 308 HOH A O   1 
HETATM 1498 O  O   . HOH C 3 .   ? -6.498  14.389  8.655   1.00 104.96 ? 309 HOH A O   1 
HETATM 1499 O  O   . HOH C 3 .   ? -1.258  4.340   -18.662 1.00 74.72  ? 310 HOH A O   1 
HETATM 1500 O  O   . HOH C 3 .   ? 6.763   24.969  -6.880  1.00 61.98  ? 311 HOH A O   1 
HETATM 1501 O  O   . HOH C 3 .   ? 23.434  0.660   1.267   1.00 95.78  ? 312 HOH A O   1 
HETATM 1502 O  O   . HOH C 3 .   ? 23.895  1.887   3.571   1.00 80.72  ? 313 HOH A O   1 
HETATM 1503 O  O   . HOH C 3 .   ? -14.639 24.505  -1.690  1.00 91.33  ? 314 HOH A O   1 
HETATM 1504 O  O   . HOH C 3 .   ? -11.958 25.169  0.211   1.00 110.16 ? 315 HOH A O   1 
HETATM 1505 O  O   . HOH C 3 .   ? -12.113 27.496  -1.347  1.00 101.02 ? 316 HOH A O   1 
HETATM 1506 O  O   . HOH C 3 .   ? -12.879 27.892  -4.998  1.00 82.05  ? 317 HOH A O   1 
HETATM 1507 O  O   . HOH C 3 .   ? -18.666 -20.056 13.904  1.00 81.84  ? 318 HOH A O   1 
HETATM 1508 O  O   . HOH C 3 .   ? -1.196  -11.629 2.325   1.00 70.46  ? 319 HOH A O   1 
HETATM 1509 O  O   . HOH C 3 .   ? -13.955 -0.290  -13.795 1.00 85.69  ? 320 HOH A O   1 
HETATM 1510 O  O   . HOH C 3 .   ? -14.144 16.565  -7.832  1.00 112.20 ? 321 HOH A O   1 
HETATM 1511 O  O   . HOH C 3 .   ? -8.820  6.903   8.469   1.00 90.59  ? 322 HOH A O   1 
HETATM 1512 O  O   . HOH C 3 .   ? -27.127 -5.996  -0.561  1.00 68.12  ? 323 HOH A O   1 
HETATM 1513 O  O   . HOH C 3 .   ? -31.470 -18.627 3.695   1.00 61.94  ? 324 HOH A O   1 
HETATM 1514 O  O   . HOH C 3 .   ? -6.757  11.474  7.800   1.00 82.71  ? 325 HOH A O   1 
HETATM 1515 O  O   . HOH C 3 .   ? -11.159 -30.180 -4.986  1.00 85.36  ? 326 HOH A O   1 
HETATM 1516 O  O   . HOH C 3 .   ? -7.339  8.641   12.258  1.00 94.61  ? 327 HOH A O   1 
HETATM 1517 O  O   . HOH C 3 .   ? 3.645   -8.590  -7.446  1.00 153.87 ? 328 HOH A O   1 
HETATM 1518 O  O   . HOH C 3 .   ? 18.249  -5.258  22.143  1.00 98.83  ? 329 HOH A O   1 
HETATM 1519 O  O   . HOH C 3 .   ? 8.599   22.105  3.473   1.00 79.78  ? 330 HOH A O   1 
# 
loop_
_pdbx_poly_seq_scheme.asym_id 
_pdbx_poly_seq_scheme.entity_id 
_pdbx_poly_seq_scheme.seq_id 
_pdbx_poly_seq_scheme.mon_id 
_pdbx_poly_seq_scheme.ndb_seq_num 
_pdbx_poly_seq_scheme.pdb_seq_num 
_pdbx_poly_seq_scheme.auth_seq_num 
_pdbx_poly_seq_scheme.pdb_mon_id 
_pdbx_poly_seq_scheme.auth_mon_id 
_pdbx_poly_seq_scheme.pdb_strand_id 
_pdbx_poly_seq_scheme.pdb_ins_code 
_pdbx_poly_seq_scheme.hetero 
A 1 1   GLY 1   -15 ?   ?   ?   A . n 
A 1 2   SER 2   -14 ?   ?   ?   A . n 
A 1 3   SER 3   -13 ?   ?   ?   A . n 
A 1 4   HIS 4   -12 ?   ?   ?   A . n 
A 1 5   HIS 5   -11 ?   ?   ?   A . n 
A 1 6   HIS 6   -10 ?   ?   ?   A . n 
A 1 7   HIS 7   -9  ?   ?   ?   A . n 
A 1 8   HIS 8   -8  ?   ?   ?   A . n 
A 1 9   HIS 9   -7  ?   ?   ?   A . n 
A 1 10  SER 10  -6  ?   ?   ?   A . n 
A 1 11  GLN 11  -5  ?   ?   ?   A . n 
A 1 12  ASP 12  -4  ?   ?   ?   A . n 
A 1 13  PRO 13  -3  ?   ?   ?   A . n 
A 1 14  MET 14  -2  ?   ?   ?   A . n 
A 1 15  SER 15  -1  ?   ?   ?   A . n 
A 1 16  TYR 16  0   0   TYR TYR A . n 
A 1 17  TYR 17  1   1   TYR TYR A . n 
A 1 18  SER 18  2   2   SER SER A . n 
A 1 19  THR 19  3   3   THR THR A . n 
A 1 20  SER 20  4   4   SER SER A . n 
A 1 21  VAL 21  5   5   VAL VAL A . n 
A 1 22  ALA 22  6   6   ALA ALA A . n 
A 1 23  LYS 23  7   7   LYS LYS A . n 
A 1 24  LEU 24  8   8   LEU LEU A . n 
A 1 25  ILE 25  9   9   ILE ILE A . n 
A 1 26  GLU 26  10  10  GLU GLU A . n 
A 1 27  GLU 27  11  11  GLU GLU A . n 
A 1 28  LEU 28  12  12  LEU LEU A . n 
A 1 29  SER 29  13  13  SER SER A . n 
A 1 30  LYS 30  14  14  LYS LYS A . n 
A 1 31  LEU 31  15  15  LEU LEU A . n 
A 1 32  PRO 32  16  16  PRO PRO A . n 
A 1 33  GLY 33  17  17  GLY GLY A . n 
A 1 34  ILE 34  18  18  ILE ILE A . n 
A 1 35  GLY 35  19  19  GLY GLY A . n 
A 1 36  PRO 36  20  20  PRO PRO A . n 
A 1 37  GLY 37  21  21  GLY GLY A . n 
A 1 38  THR 38  22  22  THR THR A . n 
A 1 39  ALA 39  23  23  ALA ALA A . n 
A 1 40  GLN 40  24  24  GLN GLN A . n 
A 1 41  ARG 41  25  25  ARG ARG A . n 
A 1 42  LEU 42  26  26  LEU LEU A . n 
A 1 43  ALA 43  27  27  ALA ALA A . n 
A 1 44  PHE 44  28  28  PHE PHE A . n 
A 1 45  PHE 45  29  29  PHE PHE A . n 
A 1 46  ILE 46  30  30  ILE ILE A . n 
A 1 47  ILE 47  31  31  ILE ILE A . n 
A 1 48  ASN 48  32  32  ASN ASN A . n 
A 1 49  MET 49  33  33  MET MET A . n 
A 1 50  PRO 50  34  34  PRO PRO A . n 
A 1 51  LEU 51  35  35  LEU LEU A . n 
A 1 52  ASP 52  36  36  ASP ASP A . n 
A 1 53  GLU 53  37  37  GLU GLU A . n 
A 1 54  VAL 54  38  38  VAL VAL A . n 
A 1 55  ARG 55  39  39  ARG ARG A . n 
A 1 56  SER 56  40  40  SER SER A . n 
A 1 57  LEU 57  41  41  LEU LEU A . n 
A 1 58  SER 58  42  42  SER SER A . n 
A 1 59  GLN 59  43  43  GLN GLN A . n 
A 1 60  ALA 60  44  44  ALA ALA A . n 
A 1 61  ILE 61  45  45  ILE ILE A . n 
A 1 62  ILE 62  46  46  ILE ILE A . n 
A 1 63  GLU 63  47  47  GLU GLU A . n 
A 1 64  ALA 64  48  48  ALA ALA A . n 
A 1 65  LYS 65  49  49  LYS LYS A . n 
A 1 66  GLU 66  50  50  GLU GLU A . n 
A 1 67  LYS 67  51  51  LYS LYS A . n 
A 1 68  LEU 68  52  52  LEU LEU A . n 
A 1 69  ARG 69  53  53  ARG ARG A . n 
A 1 70  TYR 70  54  54  TYR TYR A . n 
A 1 71  CYS 71  55  55  CYS CYS A . n 
A 1 72  LYS 72  56  56  LYS LYS A . n 
A 1 73  ILE 73  57  57  ILE ILE A . n 
A 1 74  CYS 74  58  58  CYS CYS A . n 
A 1 75  PHE 75  59  59  PHE PHE A . n 
A 1 76  ASN 76  60  60  ASN ASN A . n 
A 1 77  ILE 77  61  61  ILE ILE A . n 
A 1 78  THR 78  62  62  THR THR A . n 
A 1 79  ASP 79  63  63  ASP ASP A . n 
A 1 80  LYS 80  64  64  LYS LYS A . n 
A 1 81  GLU 81  65  65  GLU GLU A . n 
A 1 82  VAL 82  66  66  VAL VAL A . n 
A 1 83  CYS 83  67  67  CYS CYS A . n 
A 1 84  ASP 84  68  68  ASP ASP A . n 
A 1 85  ILE 85  69  69  ILE ILE A . n 
A 1 86  CYS 86  70  70  CYS CYS A . n 
A 1 87  SER 87  71  71  SER SER A . n 
A 1 88  ASP 88  72  72  ASP ASP A . n 
A 1 89  GLU 89  73  73  GLU GLU A . n 
A 1 90  ASN 90  74  74  ASN ASN A . n 
A 1 91  ARG 91  75  75  ARG ARG A . n 
A 1 92  ASP 92  76  76  ASP ASP A . n 
A 1 93  HIS 93  77  77  HIS HIS A . n 
A 1 94  SER 94  78  78  SER SER A . n 
A 1 95  THR 95  79  79  THR THR A . n 
A 1 96  ILE 96  80  80  ILE ILE A . n 
A 1 97  CYS 97  81  81  CYS CYS A . n 
A 1 98  VAL 98  82  82  VAL VAL A . n 
A 1 99  VAL 99  83  83  VAL VAL A . n 
A 1 100 SER 100 84  84  SER SER A . n 
A 1 101 HIS 101 85  85  HIS HIS A . n 
A 1 102 PRO 102 86  86  PRO PRO A . n 
A 1 103 MET 103 87  87  MET MET A . n 
A 1 104 ASP 104 88  88  ASP ASP A . n 
A 1 105 VAL 105 89  89  VAL VAL A . n 
A 1 106 VAL 106 90  90  VAL VAL A . n 
A 1 107 ALA 107 91  91  ALA ALA A . n 
A 1 108 MET 108 92  92  MET MET A . n 
A 1 109 GLU 109 93  93  GLU GLU A . n 
A 1 110 LYS 110 94  94  LYS ALA A . n 
A 1 111 VAL 111 95  95  VAL VAL A . n 
A 1 112 LYS 112 96  96  LYS LYS A . n 
A 1 113 GLU 113 97  97  GLU GLU A . n 
A 1 114 TYR 114 98  98  TYR TYR A . n 
A 1 115 LYS 115 99  99  LYS LYS A . n 
A 1 116 GLY 116 100 100 GLY GLY A . n 
A 1 117 VAL 117 101 101 VAL VAL A . n 
A 1 118 TYR 118 102 102 TYR TYR A . n 
A 1 119 HIS 119 103 103 HIS HIS A . n 
A 1 120 VAL 120 104 104 VAL VAL A . n 
A 1 121 LEU 121 105 105 LEU LEU A . n 
A 1 122 HIS 122 106 106 HIS HIS A . n 
A 1 123 GLY 123 107 107 GLY GLY A . n 
A 1 124 VAL 124 108 108 VAL VAL A . n 
A 1 125 ILE 125 109 109 ILE ILE A . n 
A 1 126 SER 126 110 110 SER SER A . n 
A 1 127 PRO 127 111 111 PRO PRO A . n 
A 1 128 ILE 128 112 112 ILE ILE A . n 
A 1 129 GLU 129 113 113 GLU GLU A . n 
A 1 130 GLY 130 114 114 GLY GLY A . n 
A 1 131 VAL 131 115 115 VAL VAL A . n 
A 1 132 GLY 132 116 116 GLY GLY A . n 
A 1 133 PRO 133 117 117 PRO GLY A . n 
A 1 134 GLU 134 118 118 GLU GLU A . n 
A 1 135 ASP 135 119 119 ASP ASP A . n 
A 1 136 ILE 136 120 120 ILE ILE A . n 
A 1 137 ARG 137 121 121 ARG ARG A . n 
A 1 138 ILE 138 122 122 ILE ILE A . n 
A 1 139 LYS 139 123 123 LYS LYS A . n 
A 1 140 GLU 140 124 124 GLU GLU A . n 
A 1 141 LEU 141 125 125 LEU LEU A . n 
A 1 142 LEU 142 126 126 LEU LEU A . n 
A 1 143 GLU 143 127 127 GLU GLU A . n 
A 1 144 ARG 144 128 128 ARG ARG A . n 
A 1 145 VAL 145 129 129 VAL VAL A . n 
A 1 146 ARG 146 130 130 ARG ARG A . n 
A 1 147 ASP 147 131 131 ASP ASP A . n 
A 1 148 GLY 148 132 132 GLY GLY A . n 
A 1 149 SER 149 133 133 SER SER A . n 
A 1 150 VAL 150 134 134 VAL VAL A . n 
A 1 151 LYS 151 135 135 LYS LYS A . n 
A 1 152 GLU 152 136 136 GLU GLU A . n 
A 1 153 VAL 153 137 137 VAL VAL A . n 
A 1 154 ILE 154 138 138 ILE ILE A . n 
A 1 155 LEU 155 139 139 LEU LEU A . n 
A 1 156 ALA 156 140 140 ALA ALA A . n 
A 1 157 THR 157 141 141 THR THR A . n 
A 1 158 ASN 158 142 142 ASN ASN A . n 
A 1 159 PRO 159 143 143 PRO PRO A . n 
A 1 160 ASP 160 144 144 ASP ASP A . n 
A 1 161 ILE 161 145 145 ILE ILE A . n 
A 1 162 GLU 162 146 146 GLU GLU A . n 
A 1 163 GLY 163 147 147 GLY GLY A . n 
A 1 164 GLU 164 148 148 GLU GLU A . n 
A 1 165 ALA 165 149 149 ALA ALA A . n 
A 1 166 THR 166 150 150 THR THR A . n 
A 1 167 ALA 167 151 151 ALA ALA A . n 
A 1 168 MET 168 152 152 MET MET A . n 
A 1 169 TYR 169 153 153 TYR TYR A . n 
A 1 170 ILE 170 154 154 ILE ILE A . n 
A 1 171 ALA 171 155 155 ALA ALA A . n 
A 1 172 LYS 172 156 156 LYS LYS A . n 
A 1 173 LEU 173 157 157 LEU LEU A . n 
A 1 174 LEU 174 158 158 LEU LEU A . n 
A 1 175 LYS 175 159 159 LYS LYS A . n 
A 1 176 PRO 176 160 160 PRO PRO A . n 
A 1 177 PHE 177 161 161 PHE PHE A . n 
A 1 178 GLY 178 162 162 GLY GLY A . n 
A 1 179 VAL 179 163 163 VAL VAL A . n 
A 1 180 LYS 180 164 164 LYS LYS A . n 
A 1 181 VAL 181 165 165 VAL VAL A . n 
A 1 182 THR 182 166 166 THR THR A . n 
A 1 183 ARG 183 167 167 ARG ARG A . n 
A 1 184 ILE 184 168 168 ILE ILE A . n 
A 1 185 ALA 185 169 169 ALA ALA A . n 
A 1 186 HIS 186 170 170 HIS HIS A . n 
A 1 187 GLY 187 171 171 GLY GLY A . n 
A 1 188 ILE 188 172 172 ILE ILE A . n 
A 1 189 PRO 189 173 173 PRO PRO A . n 
A 1 190 VAL 190 174 174 VAL VAL A . n 
A 1 191 GLY 191 175 175 GLY GLY A . n 
A 1 192 GLY 192 176 176 GLY GLY A . n 
A 1 193 ASP 193 177 177 ASP ASP A . n 
A 1 194 LEU 194 178 178 LEU LEU A . n 
A 1 195 GLU 195 179 179 GLU GLU A . n 
A 1 196 TYR 196 180 180 TYR TYR A . n 
A 1 197 THR 197 181 181 THR THR A . n 
A 1 198 ASP 198 182 182 ASP ASP A . n 
A 1 199 VAL 199 183 183 VAL VAL A . n 
A 1 200 VAL 200 184 184 VAL VAL A . n 
A 1 201 THR 201 185 185 THR THR A . n 
A 1 202 LEU 202 186 186 LEU LEU A . n 
A 1 203 SER 203 187 187 SER SER A . n 
A 1 204 LYS 204 188 188 LYS LYS A . n 
A 1 205 ALA 205 189 189 ALA ALA A . n 
A 1 206 LEU 206 190 190 LEU LEU A . n 
A 1 207 GLU 207 191 191 GLU GLU A . n 
A 1 208 GLY 208 192 192 GLY GLY A . n 
A 1 209 ARG 209 193 193 ARG ARG A . n 
A 1 210 ARG 210 194 194 ARG ARG A . n 
A 1 211 GLU 211 195 195 GLU GLU A . n 
A 1 212 VAL 212 196 196 VAL VAL A . n 
# 
loop_
_pdbx_nonpoly_scheme.asym_id 
_pdbx_nonpoly_scheme.entity_id 
_pdbx_nonpoly_scheme.mon_id 
_pdbx_nonpoly_scheme.ndb_seq_num 
_pdbx_nonpoly_scheme.pdb_seq_num 
_pdbx_nonpoly_scheme.auth_seq_num 
_pdbx_nonpoly_scheme.pdb_mon_id 
_pdbx_nonpoly_scheme.auth_mon_id 
_pdbx_nonpoly_scheme.pdb_strand_id 
_pdbx_nonpoly_scheme.pdb_ins_code 
B 2 ZN  1  201 1  ZN  ZN  A . 
C 3 HOH 1  301 1  HOH HOH A . 
C 3 HOH 2  302 2  HOH HOH A . 
C 3 HOH 3  303 3  HOH HOH A . 
C 3 HOH 4  304 4  HOH HOH A . 
C 3 HOH 5  305 5  HOH HOH A . 
C 3 HOH 6  306 6  HOH HOH A . 
C 3 HOH 7  307 7  HOH HOH A . 
C 3 HOH 8  308 8  HOH HOH A . 
C 3 HOH 9  309 9  HOH HOH A . 
C 3 HOH 10 310 10 HOH HOH A . 
C 3 HOH 11 311 11 HOH HOH A . 
C 3 HOH 12 312 12 HOH HOH A . 
C 3 HOH 13 313 13 HOH HOH A . 
C 3 HOH 14 314 14 HOH HOH A . 
C 3 HOH 15 315 15 HOH HOH A . 
C 3 HOH 16 316 16 HOH HOH A . 
C 3 HOH 17 317 17 HOH HOH A . 
C 3 HOH 18 318 18 HOH HOH A . 
C 3 HOH 19 319 19 HOH HOH A . 
C 3 HOH 20 320 20 HOH HOH A . 
C 3 HOH 21 321 21 HOH HOH A . 
C 3 HOH 22 322 22 HOH HOH A . 
C 3 HOH 23 323 23 HOH HOH A . 
C 3 HOH 24 324 24 HOH HOH A . 
C 3 HOH 25 325 1  HOH HOH A . 
C 3 HOH 26 326 8  HOH HOH A . 
C 3 HOH 27 327 11 HOH HOH A . 
C 3 HOH 28 328 20 HOH HOH A . 
C 3 HOH 29 329 21 HOH HOH A . 
C 3 HOH 30 330 24 HOH HOH A . 
# 
_pdbx_struct_assembly.id                   1 
_pdbx_struct_assembly.details              author_and_software_defined_assembly 
_pdbx_struct_assembly.method_details       PISA 
_pdbx_struct_assembly.oligomeric_details   dimeric 
_pdbx_struct_assembly.oligomeric_count     2 
# 
_pdbx_struct_assembly_gen.assembly_id       1 
_pdbx_struct_assembly_gen.oper_expression   1,2 
_pdbx_struct_assembly_gen.asym_id_list      A,B,C 
# 
loop_
_pdbx_struct_assembly_prop.biol_id 
_pdbx_struct_assembly_prop.type 
_pdbx_struct_assembly_prop.value 
_pdbx_struct_assembly_prop.details 
1 'ABSA (A^2)' 4190  ? 
1 MORE         -27   ? 
1 'SSA (A^2)'  22970 ? 
# 
loop_
_pdbx_struct_oper_list.id 
_pdbx_struct_oper_list.type 
_pdbx_struct_oper_list.name 
_pdbx_struct_oper_list.symmetry_operation 
_pdbx_struct_oper_list.matrix[1][1] 
_pdbx_struct_oper_list.matrix[1][2] 
_pdbx_struct_oper_list.matrix[1][3] 
_pdbx_struct_oper_list.vector[1] 
_pdbx_struct_oper_list.matrix[2][1] 
_pdbx_struct_oper_list.matrix[2][2] 
_pdbx_struct_oper_list.matrix[2][3] 
_pdbx_struct_oper_list.vector[2] 
_pdbx_struct_oper_list.matrix[3][1] 
_pdbx_struct_oper_list.matrix[3][2] 
_pdbx_struct_oper_list.matrix[3][3] 
_pdbx_struct_oper_list.vector[3] 
1 'identity operation'         1_555  x,y,z           1.0000000000  0.0000000000 0.0000000000  0.0000000000  0.0000000000 1.0000000000 0.0000000000  0.0000000000  0.0000000000  0.0000000000  1.0000000000  0.0000000000  
2 'crystal symmetry operation' 11_554 -x+1/2,y,-z-1/2 -0.6496793847 0.7380667137 -0.1821379235 19.3234286107 0.7380667137 0.5549826362 -0.3837340219 -1.4393467597 -0.1821379235 -0.3837340219 -0.9053032515 31.3337352112 
# 
loop_
_pdbx_struct_conn_angle.id 
_pdbx_struct_conn_angle.ptnr1_label_atom_id 
_pdbx_struct_conn_angle.ptnr1_label_alt_id 
_pdbx_struct_conn_angle.ptnr1_label_asym_id 
_pdbx_struct_conn_angle.ptnr1_label_comp_id 
_pdbx_struct_conn_angle.ptnr1_label_seq_id 
_pdbx_struct_conn_angle.ptnr1_auth_atom_id 
_pdbx_struct_conn_angle.ptnr1_auth_asym_id 
_pdbx_struct_conn_angle.ptnr1_auth_comp_id 
_pdbx_struct_conn_angle.ptnr1_auth_seq_id 
_pdbx_struct_conn_angle.ptnr1_PDB_ins_code 
_pdbx_struct_conn_angle.ptnr1_symmetry 
_pdbx_struct_conn_angle.ptnr2_label_atom_id 
_pdbx_struct_conn_angle.ptnr2_label_alt_id 
_pdbx_struct_conn_angle.ptnr2_label_asym_id 
_pdbx_struct_conn_angle.ptnr2_label_comp_id 
_pdbx_struct_conn_angle.ptnr2_label_seq_id 
_pdbx_struct_conn_angle.ptnr2_auth_atom_id 
_pdbx_struct_conn_angle.ptnr2_auth_asym_id 
_pdbx_struct_conn_angle.ptnr2_auth_comp_id 
_pdbx_struct_conn_angle.ptnr2_auth_seq_id 
_pdbx_struct_conn_angle.ptnr2_PDB_ins_code 
_pdbx_struct_conn_angle.ptnr2_symmetry 
_pdbx_struct_conn_angle.ptnr3_label_atom_id 
_pdbx_struct_conn_angle.ptnr3_label_alt_id 
_pdbx_struct_conn_angle.ptnr3_label_asym_id 
_pdbx_struct_conn_angle.ptnr3_label_comp_id 
_pdbx_struct_conn_angle.ptnr3_label_seq_id 
_pdbx_struct_conn_angle.ptnr3_auth_atom_id 
_pdbx_struct_conn_angle.ptnr3_auth_asym_id 
_pdbx_struct_conn_angle.ptnr3_auth_comp_id 
_pdbx_struct_conn_angle.ptnr3_auth_seq_id 
_pdbx_struct_conn_angle.ptnr3_PDB_ins_code 
_pdbx_struct_conn_angle.ptnr3_symmetry 
_pdbx_struct_conn_angle.value 
_pdbx_struct_conn_angle.value_esd 
1 SG ? A CYS 71 ? A CYS 55 ? 1_555 ZN ? B ZN . ? A ZN 201 ? 1_555 SG ? A CYS 74 ? A CYS 58 ? 1_555 96.5  ? 
2 SG ? A CYS 71 ? A CYS 55 ? 1_555 ZN ? B ZN . ? A ZN 201 ? 1_555 SG ? A CYS 83 ? A CYS 67 ? 1_555 130.7 ? 
3 SG ? A CYS 74 ? A CYS 58 ? 1_555 ZN ? B ZN . ? A ZN 201 ? 1_555 SG ? A CYS 83 ? A CYS 67 ? 1_555 117.3 ? 
4 SG ? A CYS 71 ? A CYS 55 ? 1_555 ZN ? B ZN . ? A ZN 201 ? 1_555 SG ? A CYS 86 ? A CYS 70 ? 1_555 103.2 ? 
5 SG ? A CYS 74 ? A CYS 58 ? 1_555 ZN ? B ZN . ? A ZN 201 ? 1_555 SG ? A CYS 86 ? A CYS 70 ? 1_555 116.5 ? 
6 SG ? A CYS 83 ? A CYS 67 ? 1_555 ZN ? B ZN . ? A ZN 201 ? 1_555 SG ? A CYS 86 ? A CYS 70 ? 1_555 93.1  ? 
# 
loop_
_pdbx_audit_revision_history.ordinal 
_pdbx_audit_revision_history.data_content_type 
_pdbx_audit_revision_history.major_revision 
_pdbx_audit_revision_history.minor_revision 
_pdbx_audit_revision_history.revision_date 
1 'Structure model' 1 0 2012-12-19 
2 'Structure model' 1 1 2023-11-08 
# 
_pdbx_audit_revision_details.ordinal             1 
_pdbx_audit_revision_details.revision_ordinal    1 
_pdbx_audit_revision_details.data_content_type   'Structure model' 
_pdbx_audit_revision_details.provider            repository 
_pdbx_audit_revision_details.type                'Initial release' 
_pdbx_audit_revision_details.description         ? 
_pdbx_audit_revision_details.details             ? 
# 
loop_
_pdbx_audit_revision_group.ordinal 
_pdbx_audit_revision_group.revision_ordinal 
_pdbx_audit_revision_group.data_content_type 
_pdbx_audit_revision_group.group 
1 2 'Structure model' 'Data collection'        
2 2 'Structure model' 'Database references'    
3 2 'Structure model' 'Derived calculations'   
4 2 'Structure model' 'Refinement description' 
# 
loop_
_pdbx_audit_revision_category.ordinal 
_pdbx_audit_revision_category.revision_ordinal 
_pdbx_audit_revision_category.data_content_type 
_pdbx_audit_revision_category.category 
1 2 'Structure model' chem_comp_atom                
2 2 'Structure model' chem_comp_bond                
3 2 'Structure model' database_2                    
4 2 'Structure model' pdbx_initial_refinement_model 
5 2 'Structure model' pdbx_struct_conn_angle        
6 2 'Structure model' struct_conn                   
7 2 'Structure model' struct_ref_seq_dif            
8 2 'Structure model' struct_site                   
# 
loop_
_pdbx_audit_revision_item.ordinal 
_pdbx_audit_revision_item.revision_ordinal 
_pdbx_audit_revision_item.data_content_type 
_pdbx_audit_revision_item.item 
1  2 'Structure model' '_database_2.pdbx_DOI'                       
2  2 'Structure model' '_database_2.pdbx_database_accession'        
3  2 'Structure model' '_pdbx_struct_conn_angle.ptnr1_auth_seq_id'  
4  2 'Structure model' '_pdbx_struct_conn_angle.ptnr1_label_seq_id' 
5  2 'Structure model' '_pdbx_struct_conn_angle.ptnr3_auth_seq_id'  
6  2 'Structure model' '_pdbx_struct_conn_angle.ptnr3_label_seq_id' 
7  2 'Structure model' '_pdbx_struct_conn_angle.value'              
8  2 'Structure model' '_struct_conn.pdbx_dist_value'               
9  2 'Structure model' '_struct_conn.ptnr1_auth_seq_id'             
10 2 'Structure model' '_struct_conn.ptnr1_label_seq_id'            
11 2 'Structure model' '_struct_ref_seq_dif.details'                
12 2 'Structure model' '_struct_site.pdbx_auth_asym_id'             
13 2 'Structure model' '_struct_site.pdbx_auth_comp_id'             
14 2 'Structure model' '_struct_site.pdbx_auth_seq_id'              
# 
loop_
_software.name 
_software.classification 
_software.version 
_software.citation_id 
_software.pdbx_ordinal 
HKL-2000 'data collection' .                            ? 1 
PHASES   phasing           .                            ? 2 
PHENIX   refinement        '(phenix.refine: 1.6.4_486)' ? 3 
HKL-2000 'data reduction'  .                            ? 4 
HKL-2000 'data scaling'    .                            ? 5 
# 
_pdbx_validate_symm_contact.id                1 
_pdbx_validate_symm_contact.PDB_model_num     1 
_pdbx_validate_symm_contact.auth_atom_id_1    O 
_pdbx_validate_symm_contact.auth_asym_id_1    A 
_pdbx_validate_symm_contact.auth_comp_id_1    HOH 
_pdbx_validate_symm_contact.auth_seq_id_1     312 
_pdbx_validate_symm_contact.PDB_ins_code_1    ? 
_pdbx_validate_symm_contact.label_alt_id_1    ? 
_pdbx_validate_symm_contact.site_symmetry_1   1_555 
_pdbx_validate_symm_contact.auth_atom_id_2    O 
_pdbx_validate_symm_contact.auth_asym_id_2    A 
_pdbx_validate_symm_contact.auth_comp_id_2    HOH 
_pdbx_validate_symm_contact.auth_seq_id_2     312 
_pdbx_validate_symm_contact.PDB_ins_code_2    ? 
_pdbx_validate_symm_contact.label_alt_id_2    ? 
_pdbx_validate_symm_contact.site_symmetry_2   2_555 
_pdbx_validate_symm_contact.dist              2.19 
# 
_pdbx_validate_rmsd_angle.id                         1 
_pdbx_validate_rmsd_angle.PDB_model_num              1 
_pdbx_validate_rmsd_angle.auth_atom_id_1             C 
_pdbx_validate_rmsd_angle.auth_asym_id_1             A 
_pdbx_validate_rmsd_angle.auth_comp_id_1             SER 
_pdbx_validate_rmsd_angle.auth_seq_id_1              110 
_pdbx_validate_rmsd_angle.PDB_ins_code_1             ? 
_pdbx_validate_rmsd_angle.label_alt_id_1             ? 
_pdbx_validate_rmsd_angle.auth_atom_id_2             N 
_pdbx_validate_rmsd_angle.auth_asym_id_2             A 
_pdbx_validate_rmsd_angle.auth_comp_id_2             PRO 
_pdbx_validate_rmsd_angle.auth_seq_id_2              111 
_pdbx_validate_rmsd_angle.PDB_ins_code_2             ? 
_pdbx_validate_rmsd_angle.label_alt_id_2             ? 
_pdbx_validate_rmsd_angle.auth_atom_id_3             CA 
_pdbx_validate_rmsd_angle.auth_asym_id_3             A 
_pdbx_validate_rmsd_angle.auth_comp_id_3             PRO 
_pdbx_validate_rmsd_angle.auth_seq_id_3              111 
_pdbx_validate_rmsd_angle.PDB_ins_code_3             ? 
_pdbx_validate_rmsd_angle.label_alt_id_3             ? 
_pdbx_validate_rmsd_angle.angle_value                136.99 
_pdbx_validate_rmsd_angle.angle_target_value         119.30 
_pdbx_validate_rmsd_angle.angle_deviation            17.69 
_pdbx_validate_rmsd_angle.angle_standard_deviation   1.50 
_pdbx_validate_rmsd_angle.linker_flag                Y 
# 
loop_
_pdbx_validate_torsion.id 
_pdbx_validate_torsion.PDB_model_num 
_pdbx_validate_torsion.auth_comp_id 
_pdbx_validate_torsion.auth_asym_id 
_pdbx_validate_torsion.auth_seq_id 
_pdbx_validate_torsion.PDB_ins_code 
_pdbx_validate_torsion.label_alt_id 
_pdbx_validate_torsion.phi 
_pdbx_validate_torsion.psi 
1  1 CYS A 55  ? ? -39.31  128.05  
2  1 ILE A 69  ? ? -58.14  -71.32  
3  1 CYS A 70  ? ? -30.35  -85.38  
4  1 SER A 71  ? ? -63.12  77.70   
5  1 ASP A 72  ? ? -121.96 -55.02  
6  1 GLU A 73  ? ? 97.47   -42.86  
7  1 ASN A 74  ? ? -76.71  21.95   
8  1 HIS A 106 ? ? -95.56  -80.73  
9  1 SER A 110 ? ? -119.63 71.89   
10 1 ILE A 112 ? ? -140.06 29.04   
11 1 GLU A 113 ? ? -50.35  -176.15 
12 1 VAL A 115 ? ? -69.37  84.70   
13 1 PRO A 117 ? ? 120.45  50.84   
14 1 LYS A 135 ? ? -78.47  -70.08  
15 1 ALA A 140 ? ? -107.49 76.36   
16 1 ASP A 144 ? ? -48.82  164.82  
17 1 ALA A 149 ? ? 77.48   -29.24  
18 1 THR A 181 ? ? -46.76  164.22  
19 1 THR A 185 ? ? -25.72  -74.48  
# 
loop_
_pdbx_unobs_or_zero_occ_atoms.id 
_pdbx_unobs_or_zero_occ_atoms.PDB_model_num 
_pdbx_unobs_or_zero_occ_atoms.polymer_flag 
_pdbx_unobs_or_zero_occ_atoms.occupancy_flag 
_pdbx_unobs_or_zero_occ_atoms.auth_asym_id 
_pdbx_unobs_or_zero_occ_atoms.auth_comp_id 
_pdbx_unobs_or_zero_occ_atoms.auth_seq_id 
_pdbx_unobs_or_zero_occ_atoms.PDB_ins_code 
_pdbx_unobs_or_zero_occ_atoms.auth_atom_id 
_pdbx_unobs_or_zero_occ_atoms.label_alt_id 
_pdbx_unobs_or_zero_occ_atoms.label_asym_id 
_pdbx_unobs_or_zero_occ_atoms.label_comp_id 
_pdbx_unobs_or_zero_occ_atoms.label_seq_id 
_pdbx_unobs_or_zero_occ_atoms.label_atom_id 
1  1 Y 1 A GLU 10  ? CD  ? A GLU 26  CD  
2  1 Y 1 A GLU 10  ? OE1 ? A GLU 26  OE1 
3  1 Y 1 A GLU 10  ? OE2 ? A GLU 26  OE2 
4  1 Y 1 A LYS 14  ? CG  ? A LYS 30  CG  
5  1 Y 1 A LYS 14  ? CD  ? A LYS 30  CD  
6  1 Y 1 A LYS 14  ? CE  ? A LYS 30  CE  
7  1 Y 1 A LYS 14  ? NZ  ? A LYS 30  NZ  
8  1 Y 1 A ARG 25  ? CG  ? A ARG 41  CG  
9  1 Y 1 A ARG 25  ? CD  ? A ARG 41  CD  
10 1 Y 1 A ARG 25  ? NE  ? A ARG 41  NE  
11 1 Y 1 A ARG 25  ? CZ  ? A ARG 41  CZ  
12 1 Y 1 A ARG 25  ? NH1 ? A ARG 41  NH1 
13 1 Y 1 A ARG 25  ? NH2 ? A ARG 41  NH2 
14 1 Y 1 A ASP 36  ? CG  ? A ASP 52  CG  
15 1 Y 1 A ASP 36  ? OD1 ? A ASP 52  OD1 
16 1 Y 1 A ASP 36  ? OD2 ? A ASP 52  OD2 
17 1 Y 1 A LYS 94  ? CG  ? A LYS 110 CG  
18 1 Y 1 A LYS 94  ? CD  ? A LYS 110 CD  
19 1 Y 1 A LYS 94  ? CE  ? A LYS 110 CE  
20 1 Y 1 A LYS 94  ? NZ  ? A LYS 110 NZ  
21 1 Y 1 A ILE 109 ? CG1 ? A ILE 125 CG1 
22 1 Y 1 A ILE 109 ? CG2 ? A ILE 125 CG2 
23 1 Y 1 A ILE 109 ? CD1 ? A ILE 125 CD1 
24 1 Y 1 A PRO 111 ? CG  ? A PRO 127 CG  
25 1 Y 1 A PRO 111 ? CD  ? A PRO 127 CD  
26 1 Y 1 A ILE 112 ? CG1 ? A ILE 128 CG1 
27 1 Y 1 A ILE 112 ? CG2 ? A ILE 128 CG2 
28 1 Y 1 A ILE 112 ? CD1 ? A ILE 128 CD1 
29 1 Y 1 A VAL 115 ? CG1 ? A VAL 131 CG1 
30 1 Y 1 A VAL 115 ? CG2 ? A VAL 131 CG2 
31 1 Y 1 A PRO 117 ? CB  ? A PRO 133 CB  
32 1 Y 1 A PRO 117 ? CG  ? A PRO 133 CG  
33 1 Y 1 A PRO 117 ? CD  ? A PRO 133 CD  
34 1 Y 1 A ASP 119 ? CG  ? A ASP 135 CG  
35 1 Y 1 A ASP 119 ? OD1 ? A ASP 135 OD1 
36 1 Y 1 A ASP 119 ? OD2 ? A ASP 135 OD2 
37 1 Y 1 A LYS 159 ? CG  ? A LYS 175 CG  
38 1 Y 1 A LYS 159 ? CD  ? A LYS 175 CD  
39 1 Y 1 A LYS 159 ? CE  ? A LYS 175 CE  
40 1 Y 1 A LYS 159 ? NZ  ? A LYS 175 NZ  
41 1 Y 1 A VAL 174 ? CG1 ? A VAL 190 CG1 
42 1 Y 1 A VAL 174 ? CG2 ? A VAL 190 CG2 
# 
loop_
_pdbx_unobs_or_zero_occ_residues.id 
_pdbx_unobs_or_zero_occ_residues.PDB_model_num 
_pdbx_unobs_or_zero_occ_residues.polymer_flag 
_pdbx_unobs_or_zero_occ_residues.occupancy_flag 
_pdbx_unobs_or_zero_occ_residues.auth_asym_id 
_pdbx_unobs_or_zero_occ_residues.auth_comp_id 
_pdbx_unobs_or_zero_occ_residues.auth_seq_id 
_pdbx_unobs_or_zero_occ_residues.PDB_ins_code 
_pdbx_unobs_or_zero_occ_residues.label_asym_id 
_pdbx_unobs_or_zero_occ_residues.label_comp_id 
_pdbx_unobs_or_zero_occ_residues.label_seq_id 
1  1 Y 1 A GLY -15 ? A GLY 1  
2  1 Y 1 A SER -14 ? A SER 2  
3  1 Y 1 A SER -13 ? A SER 3  
4  1 Y 1 A HIS -12 ? A HIS 4  
5  1 Y 1 A HIS -11 ? A HIS 5  
6  1 Y 1 A HIS -10 ? A HIS 6  
7  1 Y 1 A HIS -9  ? A HIS 7  
8  1 Y 1 A HIS -8  ? A HIS 8  
9  1 Y 1 A HIS -7  ? A HIS 9  
10 1 Y 1 A SER -6  ? A SER 10 
11 1 Y 1 A GLN -5  ? A GLN 11 
12 1 Y 1 A ASP -4  ? A ASP 12 
13 1 Y 1 A PRO -3  ? A PRO 13 
14 1 Y 1 A MET -2  ? A MET 14 
15 1 Y 1 A SER -1  ? A SER 15 
# 
loop_
_chem_comp_atom.comp_id 
_chem_comp_atom.atom_id 
_chem_comp_atom.type_symbol 
_chem_comp_atom.pdbx_aromatic_flag 
_chem_comp_atom.pdbx_stereo_config 
_chem_comp_atom.pdbx_ordinal 
ALA N    N  N N 1   
ALA CA   C  N S 2   
ALA C    C  N N 3   
ALA O    O  N N 4   
ALA CB   C  N N 5   
ALA OXT  O  N N 6   
ALA H    H  N N 7   
ALA H2   H  N N 8   
ALA HA   H  N N 9   
ALA HB1  H  N N 10  
ALA HB2  H  N N 11  
ALA HB3  H  N N 12  
ALA HXT  H  N N 13  
ARG N    N  N N 14  
ARG CA   C  N S 15  
ARG C    C  N N 16  
ARG O    O  N N 17  
ARG CB   C  N N 18  
ARG CG   C  N N 19  
ARG CD   C  N N 20  
ARG NE   N  N N 21  
ARG CZ   C  N N 22  
ARG NH1  N  N N 23  
ARG NH2  N  N N 24  
ARG OXT  O  N N 25  
ARG H    H  N N 26  
ARG H2   H  N N 27  
ARG HA   H  N N 28  
ARG HB2  H  N N 29  
ARG HB3  H  N N 30  
ARG HG2  H  N N 31  
ARG HG3  H  N N 32  
ARG HD2  H  N N 33  
ARG HD3  H  N N 34  
ARG HE   H  N N 35  
ARG HH11 H  N N 36  
ARG HH12 H  N N 37  
ARG HH21 H  N N 38  
ARG HH22 H  N N 39  
ARG HXT  H  N N 40  
ASN N    N  N N 41  
ASN CA   C  N S 42  
ASN C    C  N N 43  
ASN O    O  N N 44  
ASN CB   C  N N 45  
ASN CG   C  N N 46  
ASN OD1  O  N N 47  
ASN ND2  N  N N 48  
ASN OXT  O  N N 49  
ASN H    H  N N 50  
ASN H2   H  N N 51  
ASN HA   H  N N 52  
ASN HB2  H  N N 53  
ASN HB3  H  N N 54  
ASN HD21 H  N N 55  
ASN HD22 H  N N 56  
ASN HXT  H  N N 57  
ASP N    N  N N 58  
ASP CA   C  N S 59  
ASP C    C  N N 60  
ASP O    O  N N 61  
ASP CB   C  N N 62  
ASP CG   C  N N 63  
ASP OD1  O  N N 64  
ASP OD2  O  N N 65  
ASP OXT  O  N N 66  
ASP H    H  N N 67  
ASP H2   H  N N 68  
ASP HA   H  N N 69  
ASP HB2  H  N N 70  
ASP HB3  H  N N 71  
ASP HD2  H  N N 72  
ASP HXT  H  N N 73  
CYS N    N  N N 74  
CYS CA   C  N R 75  
CYS C    C  N N 76  
CYS O    O  N N 77  
CYS CB   C  N N 78  
CYS SG   S  N N 79  
CYS OXT  O  N N 80  
CYS H    H  N N 81  
CYS H2   H  N N 82  
CYS HA   H  N N 83  
CYS HB2  H  N N 84  
CYS HB3  H  N N 85  
CYS HG   H  N N 86  
CYS HXT  H  N N 87  
GLN N    N  N N 88  
GLN CA   C  N S 89  
GLN C    C  N N 90  
GLN O    O  N N 91  
GLN CB   C  N N 92  
GLN CG   C  N N 93  
GLN CD   C  N N 94  
GLN OE1  O  N N 95  
GLN NE2  N  N N 96  
GLN OXT  O  N N 97  
GLN H    H  N N 98  
GLN H2   H  N N 99  
GLN HA   H  N N 100 
GLN HB2  H  N N 101 
GLN HB3  H  N N 102 
GLN HG2  H  N N 103 
GLN HG3  H  N N 104 
GLN HE21 H  N N 105 
GLN HE22 H  N N 106 
GLN HXT  H  N N 107 
GLU N    N  N N 108 
GLU CA   C  N S 109 
GLU C    C  N N 110 
GLU O    O  N N 111 
GLU CB   C  N N 112 
GLU CG   C  N N 113 
GLU CD   C  N N 114 
GLU OE1  O  N N 115 
GLU OE2  O  N N 116 
GLU OXT  O  N N 117 
GLU H    H  N N 118 
GLU H2   H  N N 119 
GLU HA   H  N N 120 
GLU HB2  H  N N 121 
GLU HB3  H  N N 122 
GLU HG2  H  N N 123 
GLU HG3  H  N N 124 
GLU HE2  H  N N 125 
GLU HXT  H  N N 126 
GLY N    N  N N 127 
GLY CA   C  N N 128 
GLY C    C  N N 129 
GLY O    O  N N 130 
GLY OXT  O  N N 131 
GLY H    H  N N 132 
GLY H2   H  N N 133 
GLY HA2  H  N N 134 
GLY HA3  H  N N 135 
GLY HXT  H  N N 136 
HIS N    N  N N 137 
HIS CA   C  N S 138 
HIS C    C  N N 139 
HIS O    O  N N 140 
HIS CB   C  N N 141 
HIS CG   C  Y N 142 
HIS ND1  N  Y N 143 
HIS CD2  C  Y N 144 
HIS CE1  C  Y N 145 
HIS NE2  N  Y N 146 
HIS OXT  O  N N 147 
HIS H    H  N N 148 
HIS H2   H  N N 149 
HIS HA   H  N N 150 
HIS HB2  H  N N 151 
HIS HB3  H  N N 152 
HIS HD1  H  N N 153 
HIS HD2  H  N N 154 
HIS HE1  H  N N 155 
HIS HE2  H  N N 156 
HIS HXT  H  N N 157 
HOH O    O  N N 158 
HOH H1   H  N N 159 
HOH H2   H  N N 160 
ILE N    N  N N 161 
ILE CA   C  N S 162 
ILE C    C  N N 163 
ILE O    O  N N 164 
ILE CB   C  N S 165 
ILE CG1  C  N N 166 
ILE CG2  C  N N 167 
ILE CD1  C  N N 168 
ILE OXT  O  N N 169 
ILE H    H  N N 170 
ILE H2   H  N N 171 
ILE HA   H  N N 172 
ILE HB   H  N N 173 
ILE HG12 H  N N 174 
ILE HG13 H  N N 175 
ILE HG21 H  N N 176 
ILE HG22 H  N N 177 
ILE HG23 H  N N 178 
ILE HD11 H  N N 179 
ILE HD12 H  N N 180 
ILE HD13 H  N N 181 
ILE HXT  H  N N 182 
LEU N    N  N N 183 
LEU CA   C  N S 184 
LEU C    C  N N 185 
LEU O    O  N N 186 
LEU CB   C  N N 187 
LEU CG   C  N N 188 
LEU CD1  C  N N 189 
LEU CD2  C  N N 190 
LEU OXT  O  N N 191 
LEU H    H  N N 192 
LEU H2   H  N N 193 
LEU HA   H  N N 194 
LEU HB2  H  N N 195 
LEU HB3  H  N N 196 
LEU HG   H  N N 197 
LEU HD11 H  N N 198 
LEU HD12 H  N N 199 
LEU HD13 H  N N 200 
LEU HD21 H  N N 201 
LEU HD22 H  N N 202 
LEU HD23 H  N N 203 
LEU HXT  H  N N 204 
LYS N    N  N N 205 
LYS CA   C  N S 206 
LYS C    C  N N 207 
LYS O    O  N N 208 
LYS CB   C  N N 209 
LYS CG   C  N N 210 
LYS CD   C  N N 211 
LYS CE   C  N N 212 
LYS NZ   N  N N 213 
LYS OXT  O  N N 214 
LYS H    H  N N 215 
LYS H2   H  N N 216 
LYS HA   H  N N 217 
LYS HB2  H  N N 218 
LYS HB3  H  N N 219 
LYS HG2  H  N N 220 
LYS HG3  H  N N 221 
LYS HD2  H  N N 222 
LYS HD3  H  N N 223 
LYS HE2  H  N N 224 
LYS HE3  H  N N 225 
LYS HZ1  H  N N 226 
LYS HZ2  H  N N 227 
LYS HZ3  H  N N 228 
LYS HXT  H  N N 229 
MET N    N  N N 230 
MET CA   C  N S 231 
MET C    C  N N 232 
MET O    O  N N 233 
MET CB   C  N N 234 
MET CG   C  N N 235 
MET SD   S  N N 236 
MET CE   C  N N 237 
MET OXT  O  N N 238 
MET H    H  N N 239 
MET H2   H  N N 240 
MET HA   H  N N 241 
MET HB2  H  N N 242 
MET HB3  H  N N 243 
MET HG2  H  N N 244 
MET HG3  H  N N 245 
MET HE1  H  N N 246 
MET HE2  H  N N 247 
MET HE3  H  N N 248 
MET HXT  H  N N 249 
PHE N    N  N N 250 
PHE CA   C  N S 251 
PHE C    C  N N 252 
PHE O    O  N N 253 
PHE CB   C  N N 254 
PHE CG   C  Y N 255 
PHE CD1  C  Y N 256 
PHE CD2  C  Y N 257 
PHE CE1  C  Y N 258 
PHE CE2  C  Y N 259 
PHE CZ   C  Y N 260 
PHE OXT  O  N N 261 
PHE H    H  N N 262 
PHE H2   H  N N 263 
PHE HA   H  N N 264 
PHE HB2  H  N N 265 
PHE HB3  H  N N 266 
PHE HD1  H  N N 267 
PHE HD2  H  N N 268 
PHE HE1  H  N N 269 
PHE HE2  H  N N 270 
PHE HZ   H  N N 271 
PHE HXT  H  N N 272 
PRO N    N  N N 273 
PRO CA   C  N S 274 
PRO C    C  N N 275 
PRO O    O  N N 276 
PRO CB   C  N N 277 
PRO CG   C  N N 278 
PRO CD   C  N N 279 
PRO OXT  O  N N 280 
PRO H    H  N N 281 
PRO HA   H  N N 282 
PRO HB2  H  N N 283 
PRO HB3  H  N N 284 
PRO HG2  H  N N 285 
PRO HG3  H  N N 286 
PRO HD2  H  N N 287 
PRO HD3  H  N N 288 
PRO HXT  H  N N 289 
SER N    N  N N 290 
SER CA   C  N S 291 
SER C    C  N N 292 
SER O    O  N N 293 
SER CB   C  N N 294 
SER OG   O  N N 295 
SER OXT  O  N N 296 
SER H    H  N N 297 
SER H2   H  N N 298 
SER HA   H  N N 299 
SER HB2  H  N N 300 
SER HB3  H  N N 301 
SER HG   H  N N 302 
SER HXT  H  N N 303 
THR N    N  N N 304 
THR CA   C  N S 305 
THR C    C  N N 306 
THR O    O  N N 307 
THR CB   C  N R 308 
THR OG1  O  N N 309 
THR CG2  C  N N 310 
THR OXT  O  N N 311 
THR H    H  N N 312 
THR H2   H  N N 313 
THR HA   H  N N 314 
THR HB   H  N N 315 
THR HG1  H  N N 316 
THR HG21 H  N N 317 
THR HG22 H  N N 318 
THR HG23 H  N N 319 
THR HXT  H  N N 320 
TYR N    N  N N 321 
TYR CA   C  N S 322 
TYR C    C  N N 323 
TYR O    O  N N 324 
TYR CB   C  N N 325 
TYR CG   C  Y N 326 
TYR CD1  C  Y N 327 
TYR CD2  C  Y N 328 
TYR CE1  C  Y N 329 
TYR CE2  C  Y N 330 
TYR CZ   C  Y N 331 
TYR OH   O  N N 332 
TYR OXT  O  N N 333 
TYR H    H  N N 334 
TYR H2   H  N N 335 
TYR HA   H  N N 336 
TYR HB2  H  N N 337 
TYR HB3  H  N N 338 
TYR HD1  H  N N 339 
TYR HD2  H  N N 340 
TYR HE1  H  N N 341 
TYR HE2  H  N N 342 
TYR HH   H  N N 343 
TYR HXT  H  N N 344 
VAL N    N  N N 345 
VAL CA   C  N S 346 
VAL C    C  N N 347 
VAL O    O  N N 348 
VAL CB   C  N N 349 
VAL CG1  C  N N 350 
VAL CG2  C  N N 351 
VAL OXT  O  N N 352 
VAL H    H  N N 353 
VAL H2   H  N N 354 
VAL HA   H  N N 355 
VAL HB   H  N N 356 
VAL HG11 H  N N 357 
VAL HG12 H  N N 358 
VAL HG13 H  N N 359 
VAL HG21 H  N N 360 
VAL HG22 H  N N 361 
VAL HG23 H  N N 362 
VAL HXT  H  N N 363 
ZN  ZN   ZN N N 364 
# 
loop_
_chem_comp_bond.comp_id 
_chem_comp_bond.atom_id_1 
_chem_comp_bond.atom_id_2 
_chem_comp_bond.value_order 
_chem_comp_bond.pdbx_aromatic_flag 
_chem_comp_bond.pdbx_stereo_config 
_chem_comp_bond.pdbx_ordinal 
ALA N   CA   sing N N 1   
ALA N   H    sing N N 2   
ALA N   H2   sing N N 3   
ALA CA  C    sing N N 4   
ALA CA  CB   sing N N 5   
ALA CA  HA   sing N N 6   
ALA C   O    doub N N 7   
ALA C   OXT  sing N N 8   
ALA CB  HB1  sing N N 9   
ALA CB  HB2  sing N N 10  
ALA CB  HB3  sing N N 11  
ALA OXT HXT  sing N N 12  
ARG N   CA   sing N N 13  
ARG N   H    sing N N 14  
ARG N   H2   sing N N 15  
ARG CA  C    sing N N 16  
ARG CA  CB   sing N N 17  
ARG CA  HA   sing N N 18  
ARG C   O    doub N N 19  
ARG C   OXT  sing N N 20  
ARG CB  CG   sing N N 21  
ARG CB  HB2  sing N N 22  
ARG CB  HB3  sing N N 23  
ARG CG  CD   sing N N 24  
ARG CG  HG2  sing N N 25  
ARG CG  HG3  sing N N 26  
ARG CD  NE   sing N N 27  
ARG CD  HD2  sing N N 28  
ARG CD  HD3  sing N N 29  
ARG NE  CZ   sing N N 30  
ARG NE  HE   sing N N 31  
ARG CZ  NH1  sing N N 32  
ARG CZ  NH2  doub N N 33  
ARG NH1 HH11 sing N N 34  
ARG NH1 HH12 sing N N 35  
ARG NH2 HH21 sing N N 36  
ARG NH2 HH22 sing N N 37  
ARG OXT HXT  sing N N 38  
ASN N   CA   sing N N 39  
ASN N   H    sing N N 40  
ASN N   H2   sing N N 41  
ASN CA  C    sing N N 42  
ASN CA  CB   sing N N 43  
ASN CA  HA   sing N N 44  
ASN C   O    doub N N 45  
ASN C   OXT  sing N N 46  
ASN CB  CG   sing N N 47  
ASN CB  HB2  sing N N 48  
ASN CB  HB3  sing N N 49  
ASN CG  OD1  doub N N 50  
ASN CG  ND2  sing N N 51  
ASN ND2 HD21 sing N N 52  
ASN ND2 HD22 sing N N 53  
ASN OXT HXT  sing N N 54  
ASP N   CA   sing N N 55  
ASP N   H    sing N N 56  
ASP N   H2   sing N N 57  
ASP CA  C    sing N N 58  
ASP CA  CB   sing N N 59  
ASP CA  HA   sing N N 60  
ASP C   O    doub N N 61  
ASP C   OXT  sing N N 62  
ASP CB  CG   sing N N 63  
ASP CB  HB2  sing N N 64  
ASP CB  HB3  sing N N 65  
ASP CG  OD1  doub N N 66  
ASP CG  OD2  sing N N 67  
ASP OD2 HD2  sing N N 68  
ASP OXT HXT  sing N N 69  
CYS N   CA   sing N N 70  
CYS N   H    sing N N 71  
CYS N   H2   sing N N 72  
CYS CA  C    sing N N 73  
CYS CA  CB   sing N N 74  
CYS CA  HA   sing N N 75  
CYS C   O    doub N N 76  
CYS C   OXT  sing N N 77  
CYS CB  SG   sing N N 78  
CYS CB  HB2  sing N N 79  
CYS CB  HB3  sing N N 80  
CYS SG  HG   sing N N 81  
CYS OXT HXT  sing N N 82  
GLN N   CA   sing N N 83  
GLN N   H    sing N N 84  
GLN N   H2   sing N N 85  
GLN CA  C    sing N N 86  
GLN CA  CB   sing N N 87  
GLN CA  HA   sing N N 88  
GLN C   O    doub N N 89  
GLN C   OXT  sing N N 90  
GLN CB  CG   sing N N 91  
GLN CB  HB2  sing N N 92  
GLN CB  HB3  sing N N 93  
GLN CG  CD   sing N N 94  
GLN CG  HG2  sing N N 95  
GLN CG  HG3  sing N N 96  
GLN CD  OE1  doub N N 97  
GLN CD  NE2  sing N N 98  
GLN NE2 HE21 sing N N 99  
GLN NE2 HE22 sing N N 100 
GLN OXT HXT  sing N N 101 
GLU N   CA   sing N N 102 
GLU N   H    sing N N 103 
GLU N   H2   sing N N 104 
GLU CA  C    sing N N 105 
GLU CA  CB   sing N N 106 
GLU CA  HA   sing N N 107 
GLU C   O    doub N N 108 
GLU C   OXT  sing N N 109 
GLU CB  CG   sing N N 110 
GLU CB  HB2  sing N N 111 
GLU CB  HB3  sing N N 112 
GLU CG  CD   sing N N 113 
GLU CG  HG2  sing N N 114 
GLU CG  HG3  sing N N 115 
GLU CD  OE1  doub N N 116 
GLU CD  OE2  sing N N 117 
GLU OE2 HE2  sing N N 118 
GLU OXT HXT  sing N N 119 
GLY N   CA   sing N N 120 
GLY N   H    sing N N 121 
GLY N   H2   sing N N 122 
GLY CA  C    sing N N 123 
GLY CA  HA2  sing N N 124 
GLY CA  HA3  sing N N 125 
GLY C   O    doub N N 126 
GLY C   OXT  sing N N 127 
GLY OXT HXT  sing N N 128 
HIS N   CA   sing N N 129 
HIS N   H    sing N N 130 
HIS N   H2   sing N N 131 
HIS CA  C    sing N N 132 
HIS CA  CB   sing N N 133 
HIS CA  HA   sing N N 134 
HIS C   O    doub N N 135 
HIS C   OXT  sing N N 136 
HIS CB  CG   sing N N 137 
HIS CB  HB2  sing N N 138 
HIS CB  HB3  sing N N 139 
HIS CG  ND1  sing Y N 140 
HIS CG  CD2  doub Y N 141 
HIS ND1 CE1  doub Y N 142 
HIS ND1 HD1  sing N N 143 
HIS CD2 NE2  sing Y N 144 
HIS CD2 HD2  sing N N 145 
HIS CE1 NE2  sing Y N 146 
HIS CE1 HE1  sing N N 147 
HIS NE2 HE2  sing N N 148 
HIS OXT HXT  sing N N 149 
HOH O   H1   sing N N 150 
HOH O   H2   sing N N 151 
ILE N   CA   sing N N 152 
ILE N   H    sing N N 153 
ILE N   H2   sing N N 154 
ILE CA  C    sing N N 155 
ILE CA  CB   sing N N 156 
ILE CA  HA   sing N N 157 
ILE C   O    doub N N 158 
ILE C   OXT  sing N N 159 
ILE CB  CG1  sing N N 160 
ILE CB  CG2  sing N N 161 
ILE CB  HB   sing N N 162 
ILE CG1 CD1  sing N N 163 
ILE CG1 HG12 sing N N 164 
ILE CG1 HG13 sing N N 165 
ILE CG2 HG21 sing N N 166 
ILE CG2 HG22 sing N N 167 
ILE CG2 HG23 sing N N 168 
ILE CD1 HD11 sing N N 169 
ILE CD1 HD12 sing N N 170 
ILE CD1 HD13 sing N N 171 
ILE OXT HXT  sing N N 172 
LEU N   CA   sing N N 173 
LEU N   H    sing N N 174 
LEU N   H2   sing N N 175 
LEU CA  C    sing N N 176 
LEU CA  CB   sing N N 177 
LEU CA  HA   sing N N 178 
LEU C   O    doub N N 179 
LEU C   OXT  sing N N 180 
LEU CB  CG   sing N N 181 
LEU CB  HB2  sing N N 182 
LEU CB  HB3  sing N N 183 
LEU CG  CD1  sing N N 184 
LEU CG  CD2  sing N N 185 
LEU CG  HG   sing N N 186 
LEU CD1 HD11 sing N N 187 
LEU CD1 HD12 sing N N 188 
LEU CD1 HD13 sing N N 189 
LEU CD2 HD21 sing N N 190 
LEU CD2 HD22 sing N N 191 
LEU CD2 HD23 sing N N 192 
LEU OXT HXT  sing N N 193 
LYS N   CA   sing N N 194 
LYS N   H    sing N N 195 
LYS N   H2   sing N N 196 
LYS CA  C    sing N N 197 
LYS CA  CB   sing N N 198 
LYS CA  HA   sing N N 199 
LYS C   O    doub N N 200 
LYS C   OXT  sing N N 201 
LYS CB  CG   sing N N 202 
LYS CB  HB2  sing N N 203 
LYS CB  HB3  sing N N 204 
LYS CG  CD   sing N N 205 
LYS CG  HG2  sing N N 206 
LYS CG  HG3  sing N N 207 
LYS CD  CE   sing N N 208 
LYS CD  HD2  sing N N 209 
LYS CD  HD3  sing N N 210 
LYS CE  NZ   sing N N 211 
LYS CE  HE2  sing N N 212 
LYS CE  HE3  sing N N 213 
LYS NZ  HZ1  sing N N 214 
LYS NZ  HZ2  sing N N 215 
LYS NZ  HZ3  sing N N 216 
LYS OXT HXT  sing N N 217 
MET N   CA   sing N N 218 
MET N   H    sing N N 219 
MET N   H2   sing N N 220 
MET CA  C    sing N N 221 
MET CA  CB   sing N N 222 
MET CA  HA   sing N N 223 
MET C   O    doub N N 224 
MET C   OXT  sing N N 225 
MET CB  CG   sing N N 226 
MET CB  HB2  sing N N 227 
MET CB  HB3  sing N N 228 
MET CG  SD   sing N N 229 
MET CG  HG2  sing N N 230 
MET CG  HG3  sing N N 231 
MET SD  CE   sing N N 232 
MET CE  HE1  sing N N 233 
MET CE  HE2  sing N N 234 
MET CE  HE3  sing N N 235 
MET OXT HXT  sing N N 236 
PHE N   CA   sing N N 237 
PHE N   H    sing N N 238 
PHE N   H2   sing N N 239 
PHE CA  C    sing N N 240 
PHE CA  CB   sing N N 241 
PHE CA  HA   sing N N 242 
PHE C   O    doub N N 243 
PHE C   OXT  sing N N 244 
PHE CB  CG   sing N N 245 
PHE CB  HB2  sing N N 246 
PHE CB  HB3  sing N N 247 
PHE CG  CD1  doub Y N 248 
PHE CG  CD2  sing Y N 249 
PHE CD1 CE1  sing Y N 250 
PHE CD1 HD1  sing N N 251 
PHE CD2 CE2  doub Y N 252 
PHE CD2 HD2  sing N N 253 
PHE CE1 CZ   doub Y N 254 
PHE CE1 HE1  sing N N 255 
PHE CE2 CZ   sing Y N 256 
PHE CE2 HE2  sing N N 257 
PHE CZ  HZ   sing N N 258 
PHE OXT HXT  sing N N 259 
PRO N   CA   sing N N 260 
PRO N   CD   sing N N 261 
PRO N   H    sing N N 262 
PRO CA  C    sing N N 263 
PRO CA  CB   sing N N 264 
PRO CA  HA   sing N N 265 
PRO C   O    doub N N 266 
PRO C   OXT  sing N N 267 
PRO CB  CG   sing N N 268 
PRO CB  HB2  sing N N 269 
PRO CB  HB3  sing N N 270 
PRO CG  CD   sing N N 271 
PRO CG  HG2  sing N N 272 
PRO CG  HG3  sing N N 273 
PRO CD  HD2  sing N N 274 
PRO CD  HD3  sing N N 275 
PRO OXT HXT  sing N N 276 
SER N   CA   sing N N 277 
SER N   H    sing N N 278 
SER N   H2   sing N N 279 
SER CA  C    sing N N 280 
SER CA  CB   sing N N 281 
SER CA  HA   sing N N 282 
SER C   O    doub N N 283 
SER C   OXT  sing N N 284 
SER CB  OG   sing N N 285 
SER CB  HB2  sing N N 286 
SER CB  HB3  sing N N 287 
SER OG  HG   sing N N 288 
SER OXT HXT  sing N N 289 
THR N   CA   sing N N 290 
THR N   H    sing N N 291 
THR N   H2   sing N N 292 
THR CA  C    sing N N 293 
THR CA  CB   sing N N 294 
THR CA  HA   sing N N 295 
THR C   O    doub N N 296 
THR C   OXT  sing N N 297 
THR CB  OG1  sing N N 298 
THR CB  CG2  sing N N 299 
THR CB  HB   sing N N 300 
THR OG1 HG1  sing N N 301 
THR CG2 HG21 sing N N 302 
THR CG2 HG22 sing N N 303 
THR CG2 HG23 sing N N 304 
THR OXT HXT  sing N N 305 
TYR N   CA   sing N N 306 
TYR N   H    sing N N 307 
TYR N   H2   sing N N 308 
TYR CA  C    sing N N 309 
TYR CA  CB   sing N N 310 
TYR CA  HA   sing N N 311 
TYR C   O    doub N N 312 
TYR C   OXT  sing N N 313 
TYR CB  CG   sing N N 314 
TYR CB  HB2  sing N N 315 
TYR CB  HB3  sing N N 316 
TYR CG  CD1  doub Y N 317 
TYR CG  CD2  sing Y N 318 
TYR CD1 CE1  sing Y N 319 
TYR CD1 HD1  sing N N 320 
TYR CD2 CE2  doub Y N 321 
TYR CD2 HD2  sing N N 322 
TYR CE1 CZ   doub Y N 323 
TYR CE1 HE1  sing N N 324 
TYR CE2 CZ   sing Y N 325 
TYR CE2 HE2  sing N N 326 
TYR CZ  OH   sing N N 327 
TYR OH  HH   sing N N 328 
TYR OXT HXT  sing N N 329 
VAL N   CA   sing N N 330 
VAL N   H    sing N N 331 
VAL N   H2   sing N N 332 
VAL CA  C    sing N N 333 
VAL CA  CB   sing N N 334 
VAL CA  HA   sing N N 335 
VAL C   O    doub N N 336 
VAL C   OXT  sing N N 337 
VAL CB  CG1  sing N N 338 
VAL CB  CG2  sing N N 339 
VAL CB  HB   sing N N 340 
VAL CG1 HG11 sing N N 341 
VAL CG1 HG12 sing N N 342 
VAL CG1 HG13 sing N N 343 
VAL CG2 HG21 sing N N 344 
VAL CG2 HG22 sing N N 345 
VAL CG2 HG23 sing N N 346 
VAL OXT HXT  sing N N 347 
# 
loop_
_pdbx_entity_nonpoly.entity_id 
_pdbx_entity_nonpoly.name 
_pdbx_entity_nonpoly.comp_id 
2 'ZINC ION' ZN  
3 water      HOH 
# 
_pdbx_initial_refinement_model.id               1 
_pdbx_initial_refinement_model.entity_id_list   ? 
_pdbx_initial_refinement_model.type             'experimental model' 
_pdbx_initial_refinement_model.source_name      PDB 
_pdbx_initial_refinement_model.accession_code   3VDP 
_pdbx_initial_refinement_model.details          ? 
# 
